data_9DRS
#
_entry.id   9DRS
#
_cell.length_a   146.676
_cell.length_b   64.106
_cell.length_c   188.334
_cell.angle_alpha   90.00
_cell.angle_beta   111.21
_cell.angle_gamma   90.00
#
_symmetry.space_group_name_H-M   'P 1 21 1'
#
loop_
_entity.id
_entity.type
_entity.pdbx_description
1 polymer 'Phenylalanine--tRNA ligase alpha subunit'
2 polymer 'Phenylalanine--tRNA ligase beta subunit'
3 polymer tRNA(Phe)
4 non-polymer 1H-benzimidazol-2-amine
5 non-polymer 'MAGNESIUM ION'
6 non-polymer 'ACETATE ION'
7 non-polymer 1,2-ETHANEDIOL
8 non-polymer DI(HYDROXYETHYL)ETHER
9 non-polymer '4-(2-HYDROXYETHYL)-1-PIPERAZINE ETHANESULFONIC ACID'
10 non-polymer 'DIMETHYL SULFOXIDE'
11 water water
#
loop_
_entity_poly.entity_id
_entity_poly.type
_entity_poly.pdbx_seq_one_letter_code
_entity_poly.pdbx_strand_id
1 'polypeptide(L)'
;MLSPEALTTAVDAAQQAIALADTLDVLARVKTEHLGDRSPLALARQALAVLPKEQRAEAGKRVNAARNAAQRSYDERLAT
LRAERDAAVLVAEGIDVTLPSTRVPAGARHPIIMLAEHVADTFIAMGWELAEGPEVETEQFNFDALNFPADHPARGEQDT
FYIAPEDSRQLLRTHTSPVQIRTLLARELPVYIISIGRTFRTDELDATHTPIFHQVEGLAVDRGLSMAHLRGTLDAFARA
EFGPSARTRIRPHFFPFTEPSAEVDVWFANKIGGAAWVEWGGCGMVHPNVLRATGIDPDLYSGFAFGMGLERTLQFRNGI
PDMRDMVEGDVRFSLPFGVGA
;
A,D
2 'polypeptide(L)'
;QSNAMRLPYSWLREVVAVGASGWDVTPGELEQTLLRIGHEVEEVIPLGPVDGPVTVGRVADIEELTGYKKPIRACAVDIG
DRQYREIICGATNFAVGDLVVVALPGATLPGGFTISARKAYGRNSDGMICSAAELNLGADHSGILVLPPGAAEPGADGAG
VLGLDDVVFHLAITPDRGYCMSVRGLARELACAYDLDFVDPASNSRVPPLPIEGPAWPLTVQPETGVRRFALRPVIGIDP
AAVSPWWLQRRLLLCGIRATCPAVDVTNYVMLELGHPMHAHDRNRISGTLGVRFARSGETAVTLDGIERKLDTADVLIVD
DAATAAIGGVMGAASTEVRADSTDVLLEAAIWDPAAVSRTQRRLHLPSEAARRYERTVDPAISVAALDRCARLLADIAGG
EVSPTLTDWRGDPPCDDWSPPPIRMGVDVPDRIAGVAYPQGTTARRLAQIGAVVTHDGDTLTVTPPSWRPDLRQPADLVE
EVLRLEGLEVIPSVLPPAPAGRGLTAGQQRRRTIGRSLALSGYVEILPTPFLPAGVFDLWGLEADDSRRMTTRVLNPLEA
DRPQLATTLLPALLEALVRNVSRGLVDVALFAIAQVVQPTEQTRGVGLIPVDRRPTDDEIAMLDASLPRQPQHVAAVLAG
LREPRGPWGPGRPVEAADAFEAVRIIARASRVDVTLRPAQYLPWHPGRCAQVFVGESSVGHAGQLHPAVIERSGLPKGTC
AVELNLDAIPCSAPLPAPRVSPYPAVFQDVSLVVAADIPAQAVADAVRAGAGDLLEDIALFDVFTGPQIGEHRKSLTFAL
RFRAPDRTLTEDDASAARDAAVQSAAERVGAVLRG
;
B,E
3 'polyribonucleotide' GGCCAGGUAGCUCAGUCGGUAUGAGCGUCCGCCUGAAAAGCGGAAGGUCGGCGGUUCGAUCCCGCCCCUGGCCACCA C,F
#
# COMPACT_ATOMS: atom_id res chain seq x y z
N MET A 1 -23.68 74.54 25.28
CA MET A 1 -24.44 73.35 25.64
C MET A 1 -23.55 72.35 26.39
N LEU A 2 -22.97 72.80 27.50
CA LEU A 2 -22.15 71.95 28.35
C LEU A 2 -22.69 71.79 29.75
N SER A 3 -23.37 72.82 30.29
CA SER A 3 -23.86 72.76 31.66
C SER A 3 -24.86 71.61 31.82
N PRO A 4 -24.89 70.95 32.99
CA PRO A 4 -25.81 69.85 33.26
C PRO A 4 -27.27 70.29 33.29
N THR A 8 -25.43 65.49 34.16
CA THR A 8 -26.08 66.11 33.02
C THR A 8 -27.22 65.25 32.51
N THR A 9 -28.04 65.80 31.61
CA THR A 9 -29.17 65.07 31.05
C THR A 9 -28.71 63.94 30.12
N ALA A 10 -27.53 64.06 29.53
CA ALA A 10 -27.04 63.01 28.63
C ALA A 10 -26.77 61.73 29.38
N VAL A 11 -26.27 61.82 30.61
CA VAL A 11 -26.03 60.62 31.41
C VAL A 11 -27.37 59.99 31.83
N ASP A 12 -28.38 60.81 32.08
CA ASP A 12 -29.69 60.26 32.45
C ASP A 12 -30.31 59.49 31.30
N ALA A 13 -30.22 60.01 30.07
CA ALA A 13 -30.76 59.31 28.92
C ALA A 13 -29.93 58.06 28.59
N ALA A 14 -28.63 58.09 28.87
CA ALA A 14 -27.78 56.94 28.59
C ALA A 14 -28.05 55.80 29.55
N GLN A 15 -28.10 56.10 30.85
CA GLN A 15 -28.33 55.06 31.85
C GLN A 15 -29.75 54.53 31.79
N GLN A 16 -30.71 55.36 31.35
CA GLN A 16 -32.08 54.89 31.22
C GLN A 16 -32.23 53.94 30.03
N ALA A 17 -31.61 54.29 28.90
CA ALA A 17 -31.64 53.39 27.75
C ALA A 17 -30.81 52.13 28.02
N ILE A 18 -29.76 52.23 28.83
CA ILE A 18 -29.00 51.05 29.23
C ILE A 18 -29.87 50.13 30.07
N ALA A 19 -30.68 50.71 30.97
CA ALA A 19 -31.56 49.91 31.81
C ALA A 19 -32.71 49.30 31.02
N LEU A 20 -33.00 49.79 29.82
CA LEU A 20 -34.07 49.28 28.99
C LEU A 20 -33.60 48.29 27.94
N ALA A 21 -32.30 47.99 27.89
CA ALA A 21 -31.78 47.02 26.93
C ALA A 21 -32.14 45.62 27.38
N ASP A 22 -32.85 44.88 26.52
CA ASP A 22 -33.33 43.55 26.87
C ASP A 22 -32.36 42.45 26.45
N THR A 23 -31.79 42.55 25.26
CA THR A 23 -30.85 41.56 24.74
C THR A 23 -29.50 42.21 24.47
N LEU A 24 -28.51 41.37 24.19
CA LEU A 24 -27.17 41.87 23.91
C LEU A 24 -27.14 42.69 22.63
N ASP A 25 -28.06 42.43 21.71
CA ASP A 25 -28.11 43.21 20.48
C ASP A 25 -28.58 44.64 20.75
N VAL A 26 -29.55 44.81 21.63
CA VAL A 26 -30.05 46.14 21.95
C VAL A 26 -28.97 46.96 22.66
N LEU A 27 -28.22 46.32 23.57
CA LEU A 27 -27.17 47.04 24.28
C LEU A 27 -26.06 47.51 23.35
N ALA A 28 -25.79 46.77 22.29
CA ALA A 28 -24.79 47.21 21.31
C ALA A 28 -25.26 48.44 20.56
N ARG A 29 -26.56 48.54 20.28
CA ARG A 29 -27.11 49.75 19.68
C ARG A 29 -27.17 50.88 20.70
N VAL A 30 -27.58 50.58 21.93
CA VAL A 30 -27.59 51.60 22.97
C VAL A 30 -26.19 52.16 23.18
N LYS A 31 -25.18 51.28 23.10
CA LYS A 31 -23.79 51.75 23.18
C LYS A 31 -23.43 52.64 21.99
N THR A 32 -24.12 52.46 20.86
CA THR A 32 -23.85 53.30 19.70
C THR A 32 -24.55 54.66 19.82
N GLU A 33 -25.78 54.67 20.34
CA GLU A 33 -26.55 55.90 20.40
C GLU A 33 -26.10 56.81 21.54
N HIS A 34 -25.72 56.24 22.67
CA HIS A 34 -25.38 57.01 23.86
C HIS A 34 -23.89 56.95 24.21
N LEU A 35 -23.09 56.18 23.48
CA LEU A 35 -21.64 56.22 23.58
C LEU A 35 -21.09 56.19 22.16
N GLY A 36 -19.77 56.14 22.05
CA GLY A 36 -19.13 56.11 20.74
C GLY A 36 -18.90 57.50 20.18
N ASP A 37 -18.63 57.54 18.88
CA ASP A 37 -18.22 58.79 18.23
C ASP A 37 -19.38 59.75 18.04
N ARG A 38 -20.53 59.26 17.58
CA ARG A 38 -21.65 60.11 17.21
C ARG A 38 -22.61 60.38 18.36
N SER A 39 -22.34 59.87 19.56
CA SER A 39 -23.24 60.08 20.67
C SER A 39 -23.17 61.53 21.15
N PRO A 40 -24.30 62.09 21.61
CA PRO A 40 -24.27 63.46 22.14
C PRO A 40 -23.35 63.63 23.34
N LEU A 41 -23.01 62.55 24.04
CA LEU A 41 -22.07 62.66 25.15
C LEU A 41 -20.67 62.94 24.65
N ALA A 42 -20.19 62.16 23.67
CA ALA A 42 -18.86 62.40 23.13
C ALA A 42 -18.83 63.60 22.20
N LEU A 43 -19.96 63.99 21.61
CA LEU A 43 -20.02 65.24 20.86
C LEU A 43 -19.66 66.43 21.73
N ALA A 44 -19.95 66.34 23.04
CA ALA A 44 -19.52 67.39 23.96
C ALA A 44 -18.03 67.33 24.21
N ARG A 45 -17.47 66.12 24.30
CA ARG A 45 -16.01 65.98 24.45
C ARG A 45 -15.30 66.52 23.22
N GLN A 46 -15.90 66.38 22.03
CA GLN A 46 -15.34 67.00 20.84
C GLN A 46 -15.35 68.51 20.97
N ALA A 47 -16.43 69.08 21.51
CA ALA A 47 -16.55 70.51 21.70
C ALA A 47 -15.68 71.05 22.82
N LEU A 48 -14.91 70.20 23.50
CA LEU A 48 -13.94 70.66 24.49
C LEU A 48 -12.76 71.38 23.86
N ALA A 49 -12.67 71.41 22.54
CA ALA A 49 -11.63 72.17 21.84
C ALA A 49 -11.79 73.65 22.14
N VAL A 50 -11.02 74.15 23.09
CA VAL A 50 -11.15 75.54 23.53
C VAL A 50 -9.86 75.99 24.22
N LYS A 53 -5.80 78.80 27.29
CA LYS A 53 -5.86 78.99 28.73
C LYS A 53 -6.00 77.67 29.47
N GLU A 54 -5.29 77.53 30.60
CA GLU A 54 -5.50 76.39 31.46
C GLU A 54 -6.84 76.48 32.18
N GLN A 55 -7.22 77.69 32.61
CA GLN A 55 -8.56 77.93 33.10
C GLN A 55 -9.56 77.76 31.97
N ARG A 56 -10.80 77.42 32.34
CA ARG A 56 -11.89 77.12 31.41
C ARG A 56 -11.65 75.76 30.75
N ALA A 57 -10.39 75.32 30.72
CA ALA A 57 -10.05 73.98 30.25
C ALA A 57 -9.68 73.09 31.44
N GLU A 58 -10.63 72.91 32.36
CA GLU A 58 -10.44 72.08 33.54
C GLU A 58 -11.79 71.78 34.17
N ALA A 59 -12.12 72.49 35.25
CA ALA A 59 -13.48 72.46 35.78
C ALA A 59 -14.42 73.08 34.77
N GLY A 60 -15.52 72.38 34.47
CA GLY A 60 -16.33 72.71 33.33
C GLY A 60 -15.96 71.95 32.07
N LYS A 61 -14.84 71.22 32.09
CA LYS A 61 -14.49 70.28 31.05
C LYS A 61 -14.25 68.88 31.61
N ARG A 62 -14.36 68.70 32.92
CA ARG A 62 -14.15 67.41 33.56
C ARG A 62 -15.44 66.60 33.57
N VAL A 63 -15.99 66.39 32.38
CA VAL A 63 -17.18 65.58 32.20
C VAL A 63 -16.76 64.12 32.05
N ASN A 64 -15.48 63.84 32.33
CA ASN A 64 -15.01 62.46 32.34
C ASN A 64 -15.71 61.65 33.42
N ALA A 65 -16.03 62.28 34.55
CA ALA A 65 -16.84 61.60 35.55
C ALA A 65 -18.24 61.29 35.03
N ALA A 66 -18.78 62.18 34.18
CA ALA A 66 -20.06 61.90 33.54
C ALA A 66 -19.92 60.80 32.51
N ARG A 67 -18.76 60.69 31.85
CA ARG A 67 -18.54 59.61 30.90
C ARG A 67 -18.18 58.31 31.60
N ASN A 68 -17.44 58.40 32.71
CA ASN A 68 -17.12 57.20 33.47
C ASN A 68 -18.35 56.63 34.19
N ALA A 69 -19.27 57.50 34.60
CA ALA A 69 -20.52 57.02 35.19
C ALA A 69 -21.42 56.39 34.14
N ALA A 70 -21.51 57.01 32.96
CA ALA A 70 -22.27 56.42 31.86
C ALA A 70 -21.63 55.12 31.38
N GLN A 71 -20.30 55.02 31.44
CA GLN A 71 -19.63 53.78 31.11
C GLN A 71 -19.90 52.72 32.17
N ARG A 72 -19.63 53.03 33.43
CA ARG A 72 -19.86 52.08 34.51
C ARG A 72 -21.28 51.53 34.51
N SER A 73 -22.24 52.32 34.04
CA SER A 73 -23.60 51.80 33.86
C SER A 73 -23.68 50.84 32.69
N TYR A 74 -22.83 51.02 31.68
CA TYR A 74 -22.81 50.10 30.55
C TYR A 74 -22.00 48.84 30.88
N ASP A 75 -20.86 49.00 31.56
CA ASP A 75 -20.06 47.83 31.94
C ASP A 75 -20.82 46.92 32.89
N GLU A 76 -21.70 47.48 33.73
CA GLU A 76 -22.50 46.65 34.62
C GLU A 76 -23.56 45.89 33.84
N ARG A 77 -24.30 46.58 32.97
CA ARG A 77 -25.33 45.92 32.18
C ARG A 77 -24.74 44.94 31.18
N LEU A 78 -23.53 45.22 30.68
CA LEU A 78 -22.87 44.27 29.79
C LEU A 78 -22.54 42.98 30.52
N ALA A 79 -22.04 43.08 31.75
CA ALA A 79 -21.79 41.89 32.54
C ALA A 79 -23.08 41.27 33.05
N THR A 80 -24.11 42.09 33.29
CA THR A 80 -25.40 41.56 33.73
C THR A 80 -26.09 40.80 32.61
N LEU A 81 -26.19 41.42 31.43
CA LEU A 81 -26.88 40.76 30.31
C LEU A 81 -26.10 39.57 29.78
N ARG A 82 -24.77 39.61 29.89
CA ARG A 82 -23.97 38.46 29.49
C ARG A 82 -24.20 37.27 30.42
N ALA A 83 -24.54 37.55 31.69
CA ALA A 83 -24.76 36.46 32.64
C ALA A 83 -26.07 35.75 32.37
N GLU A 84 -27.11 36.48 31.95
CA GLU A 84 -28.38 35.83 31.64
C GLU A 84 -28.29 34.98 30.38
N ARG A 85 -27.59 35.48 29.36
CA ARG A 85 -27.40 34.71 28.13
C ARG A 85 -26.68 33.39 28.41
N ASP A 86 -25.62 33.45 29.21
CA ASP A 86 -24.90 32.23 29.57
C ASP A 86 -25.74 31.33 30.45
N ALA A 87 -26.66 31.90 31.24
CA ALA A 87 -27.55 31.09 32.07
C ALA A 87 -28.66 30.46 31.24
N ALA A 88 -29.29 31.25 30.37
CA ALA A 88 -30.37 30.73 29.53
C ALA A 88 -29.87 29.63 28.61
N VAL A 89 -28.58 29.63 28.27
CA VAL A 89 -28.02 28.58 27.43
C VAL A 89 -27.98 27.26 28.19
N LEU A 90 -27.71 27.30 29.49
CA LEU A 90 -27.66 26.09 30.29
C LEU A 90 -29.03 25.47 30.50
N VAL A 91 -30.11 26.25 30.37
CA VAL A 91 -31.46 25.76 30.61
C VAL A 91 -32.27 25.66 29.33
N ALA A 92 -31.71 26.06 28.18
CA ALA A 92 -32.43 25.95 26.93
C ALA A 92 -32.62 24.49 26.55
N GLU A 93 -33.67 24.23 25.77
CA GLU A 93 -33.93 22.87 25.33
C GLU A 93 -32.83 22.41 24.37
N GLY A 94 -32.22 21.27 24.69
CA GLY A 94 -31.16 20.73 23.87
C GLY A 94 -31.71 20.05 22.62
N ILE A 95 -30.77 19.52 21.83
CA ILE A 95 -31.10 18.79 20.63
C ILE A 95 -30.85 17.30 20.88
N ASP A 96 -31.52 16.48 20.08
CA ASP A 96 -31.22 15.04 20.05
C ASP A 96 -29.94 14.87 19.25
N VAL A 97 -28.82 14.67 19.96
CA VAL A 97 -27.53 14.55 19.29
C VAL A 97 -27.38 13.25 18.51
N THR A 98 -28.32 12.33 18.64
CA THR A 98 -28.24 11.04 17.97
C THR A 98 -29.09 10.97 16.71
N LEU A 99 -29.72 12.07 16.31
CA LEU A 99 -30.54 12.06 15.10
C LEU A 99 -29.69 11.65 13.89
N PRO A 100 -30.29 10.98 12.91
CA PRO A 100 -29.53 10.60 11.71
C PRO A 100 -28.99 11.84 11.01
N SER A 101 -27.72 11.78 10.63
CA SER A 101 -27.05 12.88 9.94
C SER A 101 -26.42 12.46 8.62
N THR A 102 -26.30 11.18 8.34
CA THR A 102 -25.70 10.70 7.09
C THR A 102 -26.77 10.74 6.00
N ARG A 103 -26.75 11.81 5.21
CA ARG A 103 -27.65 11.93 4.08
C ARG A 103 -27.12 11.23 2.83
N VAL A 104 -25.97 10.58 2.93
CA VAL A 104 -25.37 9.84 1.82
C VAL A 104 -25.72 8.37 1.99
N PRO A 105 -26.14 7.68 0.94
CA PRO A 105 -26.42 6.24 1.07
C PRO A 105 -25.14 5.48 1.44
N ALA A 106 -25.34 4.35 2.11
CA ALA A 106 -24.21 3.51 2.49
C ALA A 106 -23.57 2.91 1.25
N GLY A 107 -22.24 3.00 1.17
CA GLY A 107 -21.48 2.44 0.09
C GLY A 107 -20.50 1.39 0.59
N ALA A 108 -19.88 0.69 -0.35
CA ALA A 108 -18.95 -0.37 0.00
C ALA A 108 -18.18 -0.80 -1.24
N ARG A 109 -16.88 -1.04 -1.06
CA ARG A 109 -16.11 -1.76 -2.05
C ARG A 109 -16.29 -3.26 -1.84
N HIS A 110 -16.16 -4.02 -2.92
CA HIS A 110 -16.40 -5.46 -2.83
C HIS A 110 -15.33 -6.13 -1.97
N PRO A 111 -15.70 -7.11 -1.15
CA PRO A 111 -14.70 -7.77 -0.30
C PRO A 111 -13.57 -8.43 -1.08
N ILE A 112 -13.85 -8.96 -2.27
CA ILE A 112 -12.81 -9.59 -3.07
C ILE A 112 -11.79 -8.56 -3.52
N ILE A 113 -12.26 -7.36 -3.87
CA ILE A 113 -11.34 -6.28 -4.24
C ILE A 113 -10.53 -5.84 -3.03
N MET A 114 -11.15 -5.80 -1.84
CA MET A 114 -10.43 -5.46 -0.63
C MET A 114 -9.39 -6.51 -0.29
N LEU A 115 -9.72 -7.79 -0.49
CA LEU A 115 -8.76 -8.86 -0.20
C LEU A 115 -7.59 -8.81 -1.17
N ALA A 116 -7.86 -8.59 -2.46
CA ALA A 116 -6.78 -8.44 -3.43
C ALA A 116 -5.88 -7.27 -3.06
N GLU A 117 -6.48 -6.18 -2.57
CA GLU A 117 -5.69 -5.02 -2.18
C GLU A 117 -4.83 -5.31 -0.95
N HIS A 118 -5.37 -6.09 -0.01
CA HIS A 118 -4.57 -6.49 1.15
C HIS A 118 -3.45 -7.44 0.74
N VAL A 119 -3.74 -8.36 -0.19
CA VAL A 119 -2.73 -9.28 -0.67
C VAL A 119 -1.64 -8.53 -1.42
N ALA A 120 -2.03 -7.59 -2.29
CA ALA A 120 -1.05 -6.79 -3.02
C ALA A 120 -0.18 -5.99 -2.08
N ASP A 121 -0.77 -5.38 -1.05
CA ASP A 121 0.00 -4.65 -0.06
C ASP A 121 0.98 -5.57 0.66
N THR A 122 0.55 -6.80 0.95
CA THR A 122 1.39 -7.74 1.69
C THR A 122 2.68 -8.04 0.92
N PHE A 123 2.58 -8.23 -0.40
CA PHE A 123 3.76 -8.56 -1.19
C PHE A 123 4.58 -7.32 -1.54
N ILE A 124 3.94 -6.18 -1.77
CA ILE A 124 4.68 -4.95 -2.01
C ILE A 124 5.49 -4.57 -0.79
N ALA A 125 4.97 -4.83 0.41
CA ALA A 125 5.73 -4.59 1.64
C ALA A 125 6.98 -5.44 1.72
N MET A 126 7.05 -6.52 0.94
CA MET A 126 8.22 -7.38 0.89
C MET A 126 9.11 -7.09 -0.32
N GLY A 127 8.81 -6.03 -1.07
CA GLY A 127 9.59 -5.68 -2.24
C GLY A 127 9.04 -6.17 -3.56
N TRP A 128 8.01 -7.01 -3.55
CA TRP A 128 7.43 -7.50 -4.78
C TRP A 128 6.64 -6.38 -5.49
N GLU A 129 6.38 -6.59 -6.77
CA GLU A 129 5.58 -5.68 -7.58
C GLU A 129 4.38 -6.41 -8.15
N LEU A 130 3.42 -5.63 -8.66
CA LEU A 130 2.17 -6.15 -9.19
C LEU A 130 2.17 -5.99 -10.71
N ALA A 131 1.96 -7.09 -11.42
CA ALA A 131 1.95 -7.09 -12.87
C ALA A 131 0.53 -7.20 -13.39
N GLU A 132 0.39 -7.17 -14.72
CA GLU A 132 -0.89 -7.22 -15.40
C GLU A 132 -0.91 -8.36 -16.41
N GLY A 133 -2.08 -8.56 -17.01
CA GLY A 133 -2.26 -9.58 -18.01
C GLY A 133 -3.65 -9.59 -18.59
N PRO A 134 -3.75 -9.86 -19.90
CA PRO A 134 -5.07 -9.89 -20.55
C PRO A 134 -5.83 -11.16 -20.23
N GLU A 135 -7.16 -11.03 -20.17
CA GLU A 135 -8.01 -12.17 -19.87
C GLU A 135 -8.14 -13.10 -21.07
N VAL A 136 -8.20 -12.56 -22.27
CA VAL A 136 -8.14 -13.35 -23.50
C VAL A 136 -6.67 -13.52 -23.86
N GLU A 137 -6.17 -14.74 -23.72
CA GLU A 137 -4.76 -15.04 -23.91
C GLU A 137 -4.58 -16.04 -25.04
N THR A 138 -3.46 -15.93 -25.74
CA THR A 138 -3.12 -16.90 -26.77
C THR A 138 -2.81 -18.26 -26.14
N GLU A 139 -3.07 -19.32 -26.91
CA GLU A 139 -2.75 -20.67 -26.43
C GLU A 139 -1.27 -20.84 -26.19
N GLN A 140 -0.43 -20.07 -26.90
CA GLN A 140 1.00 -20.15 -26.71
C GLN A 140 1.40 -19.80 -25.28
N PHE A 141 0.80 -18.75 -24.72
CA PHE A 141 1.16 -18.28 -23.38
C PHE A 141 0.40 -18.99 -22.27
N ASN A 142 -0.78 -19.54 -22.56
CA ASN A 142 -1.57 -20.21 -21.54
C ASN A 142 -1.23 -21.69 -21.41
N PHE A 143 -0.71 -22.32 -22.46
CA PHE A 143 -0.44 -23.75 -22.43
C PHE A 143 0.97 -24.07 -22.92
N ASP A 144 1.28 -23.69 -24.16
CA ASP A 144 2.51 -24.13 -24.80
C ASP A 144 3.74 -23.66 -24.04
N ALA A 145 3.78 -22.37 -23.67
CA ALA A 145 4.93 -21.85 -22.93
C ALA A 145 4.98 -22.38 -21.50
N LEU A 146 3.85 -22.84 -20.96
CA LEU A 146 3.81 -23.38 -19.60
C LEU A 146 4.00 -24.89 -19.56
N ASN A 147 4.71 -25.46 -20.53
CA ASN A 147 5.11 -26.86 -20.57
C ASN A 147 3.92 -27.82 -20.65
N PHE A 148 2.77 -27.34 -21.09
CA PHE A 148 1.62 -28.22 -21.28
C PHE A 148 1.89 -29.13 -22.48
N PRO A 149 1.86 -30.45 -22.31
CA PRO A 149 2.08 -31.34 -23.46
C PRO A 149 0.86 -31.36 -24.37
N ALA A 150 1.13 -31.49 -25.66
CA ALA A 150 0.07 -31.50 -26.67
C ALA A 150 -0.60 -32.86 -26.72
N ASP A 151 -1.93 -32.85 -26.85
CA ASP A 151 -2.75 -34.07 -26.94
C ASP A 151 -2.57 -34.96 -25.71
N HIS A 152 -2.24 -34.35 -24.57
CA HIS A 152 -2.04 -35.05 -23.31
C HIS A 152 -3.14 -34.68 -22.32
N PRO A 153 -3.53 -35.61 -21.43
CA PRO A 153 -4.53 -35.25 -20.41
C PRO A 153 -4.13 -34.08 -19.53
N ALA A 154 -2.85 -33.75 -19.46
CA ALA A 154 -2.45 -32.54 -18.74
C ALA A 154 -3.06 -31.29 -19.36
N ARG A 155 -3.25 -31.31 -20.68
CA ARG A 155 -3.94 -30.23 -21.37
C ARG A 155 -5.38 -30.59 -21.75
N GLY A 156 -5.69 -31.88 -21.84
CA GLY A 156 -7.02 -32.31 -22.23
C GLY A 156 -8.02 -32.38 -21.09
N GLU A 157 -7.63 -33.00 -19.98
CA GLU A 157 -8.52 -33.10 -18.84
C GLU A 157 -8.86 -31.75 -18.23
N GLN A 158 -8.06 -30.72 -18.51
CA GLN A 158 -8.34 -29.36 -18.07
C GLN A 158 -9.24 -28.71 -19.12
N ASP A 159 -10.50 -28.48 -18.75
CA ASP A 159 -11.44 -27.85 -19.66
C ASP A 159 -11.18 -26.34 -19.75
N THR A 160 -11.37 -25.79 -20.94
CA THR A 160 -11.00 -24.41 -21.24
C THR A 160 -12.10 -23.74 -22.05
N PHE A 161 -12.35 -22.47 -21.76
CA PHE A 161 -13.21 -21.64 -22.59
C PHE A 161 -12.42 -21.23 -23.84
N TYR A 162 -12.79 -21.77 -24.99
CA TYR A 162 -12.10 -21.50 -26.23
C TYR A 162 -12.82 -20.43 -27.03
N ILE A 163 -12.04 -19.61 -27.74
CA ILE A 163 -12.56 -18.49 -28.51
C ILE A 163 -12.88 -18.98 -29.92
N ALA A 164 -14.08 -18.63 -30.41
CA ALA A 164 -14.47 -19.00 -31.75
C ALA A 164 -13.60 -18.30 -32.77
N PRO A 165 -13.33 -18.93 -33.93
CA PRO A 165 -13.81 -20.24 -34.38
C PRO A 165 -13.05 -21.40 -33.76
N GLU A 166 -13.31 -22.63 -34.20
CA GLU A 166 -12.64 -23.79 -33.63
C GLU A 166 -11.17 -23.81 -34.01
N ASP A 167 -10.33 -24.28 -33.07
CA ASP A 167 -8.88 -24.37 -33.27
C ASP A 167 -8.29 -23.01 -33.64
N SER A 168 -8.68 -21.99 -32.88
CA SER A 168 -8.23 -20.63 -33.12
C SER A 168 -7.01 -20.25 -32.29
N ARG A 169 -6.44 -21.18 -31.53
CA ARG A 169 -5.30 -20.93 -30.65
C ARG A 169 -5.55 -19.76 -29.70
N GLN A 170 -6.82 -19.45 -29.47
CA GLN A 170 -7.24 -18.36 -28.59
C GLN A 170 -8.22 -18.91 -27.57
N LEU A 171 -8.16 -18.37 -26.35
CA LEU A 171 -8.97 -18.88 -25.25
C LEU A 171 -9.07 -17.82 -24.16
N LEU A 172 -10.01 -18.06 -23.24
CA LEU A 172 -10.01 -17.36 -21.97
C LEU A 172 -9.05 -18.06 -21.02
N ARG A 173 -8.09 -17.31 -20.48
CA ARG A 173 -7.01 -17.92 -19.71
C ARG A 173 -7.56 -18.74 -18.56
N THR A 174 -7.03 -19.95 -18.41
CA THR A 174 -7.44 -20.87 -17.35
C THR A 174 -6.81 -20.54 -16.01
N HIS A 175 -5.81 -19.66 -16.00
CA HIS A 175 -5.14 -19.24 -14.77
C HIS A 175 -4.37 -17.96 -15.07
N THR A 176 -3.87 -17.33 -14.02
CA THR A 176 -2.99 -16.18 -14.17
C THR A 176 -1.56 -16.58 -14.46
N SER A 177 -1.32 -17.87 -14.73
CA SER A 177 0.03 -18.35 -15.03
C SER A 177 0.62 -17.77 -16.32
N PRO A 178 -0.15 -17.49 -17.38
CA PRO A 178 0.44 -16.81 -18.54
C PRO A 178 1.13 -15.50 -18.21
N VAL A 179 0.79 -14.86 -17.09
CA VAL A 179 1.49 -13.65 -16.69
C VAL A 179 2.95 -13.94 -16.36
N GLN A 180 3.25 -15.17 -15.92
CA GLN A 180 4.64 -15.56 -15.73
C GLN A 180 5.42 -15.46 -17.02
N ILE A 181 4.81 -15.91 -18.13
CA ILE A 181 5.49 -15.87 -19.42
C ILE A 181 5.70 -14.43 -19.87
N ARG A 182 4.66 -13.60 -19.77
CA ARG A 182 4.77 -12.21 -20.20
C ARG A 182 5.78 -11.44 -19.36
N THR A 183 5.88 -11.75 -18.07
CA THR A 183 6.84 -11.05 -17.21
C THR A 183 8.28 -11.46 -17.52
N LEU A 184 8.53 -12.76 -17.64
CA LEU A 184 9.87 -13.24 -17.91
C LEU A 184 10.35 -12.85 -19.31
N LEU A 185 9.43 -12.55 -20.23
CA LEU A 185 9.83 -12.10 -21.56
C LEU A 185 10.10 -10.60 -21.60
N ALA A 186 9.38 -9.81 -20.79
CA ALA A 186 9.47 -8.36 -20.85
C ALA A 186 10.39 -7.76 -19.80
N ARG A 187 10.46 -8.35 -18.61
CA ARG A 187 11.22 -7.78 -17.51
C ARG A 187 12.63 -8.36 -17.44
N GLU A 188 13.50 -7.64 -16.75
CA GLU A 188 14.87 -8.08 -16.52
C GLU A 188 14.98 -8.81 -15.19
N LEU A 189 15.96 -9.70 -15.10
CA LEU A 189 16.14 -10.50 -13.91
C LEU A 189 16.90 -9.71 -12.84
N PRO A 190 16.61 -9.97 -11.55
CA PRO A 190 15.66 -10.95 -11.02
C PRO A 190 14.21 -10.46 -11.09
N VAL A 191 13.25 -11.37 -10.98
CA VAL A 191 11.84 -11.05 -11.08
C VAL A 191 11.15 -11.52 -9.80
N TYR A 192 10.42 -10.62 -9.15
CA TYR A 192 9.60 -10.94 -7.98
C TYR A 192 8.26 -10.24 -8.18
N ILE A 193 7.27 -10.99 -8.64
CA ILE A 193 6.02 -10.39 -9.08
C ILE A 193 4.83 -11.20 -8.58
N ILE A 194 3.73 -10.49 -8.34
CA ILE A 194 2.43 -11.12 -8.14
C ILE A 194 1.46 -10.52 -9.15
N SER A 195 0.44 -11.29 -9.48
CA SER A 195 -0.58 -10.86 -10.44
C SER A 195 -1.94 -11.25 -9.90
N ILE A 196 -2.87 -10.29 -9.88
CA ILE A 196 -4.24 -10.52 -9.43
C ILE A 196 -5.16 -10.20 -10.59
N GLY A 197 -5.91 -11.20 -11.04
CA GLY A 197 -6.81 -10.99 -12.15
C GLY A 197 -7.89 -12.06 -12.18
N ARG A 198 -8.81 -11.90 -13.13
CA ARG A 198 -9.88 -12.86 -13.33
C ARG A 198 -9.37 -14.09 -14.06
N THR A 199 -9.86 -15.26 -13.65
CA THR A 199 -9.53 -16.51 -14.29
C THR A 199 -10.81 -17.25 -14.62
N PHE A 200 -10.74 -18.13 -15.62
CA PHE A 200 -11.93 -18.72 -16.23
C PHE A 200 -11.82 -20.23 -16.21
N ARG A 201 -12.78 -20.89 -15.57
CA ARG A 201 -12.89 -22.35 -15.55
C ARG A 201 -14.34 -22.72 -15.87
N THR A 202 -14.52 -23.95 -16.35
CA THR A 202 -15.83 -24.42 -16.77
C THR A 202 -16.50 -25.22 -15.65
N ASP A 203 -16.64 -24.58 -14.49
CA ASP A 203 -17.30 -25.17 -13.33
C ASP A 203 -18.67 -24.53 -13.14
N GLU A 204 -19.60 -25.32 -12.64
CA GLU A 204 -20.95 -24.83 -12.38
C GLU A 204 -20.96 -24.03 -11.08
N LEU A 205 -21.68 -22.90 -11.11
CA LEU A 205 -21.70 -21.97 -9.99
C LEU A 205 -22.59 -22.51 -8.88
N ASP A 206 -21.99 -22.86 -7.74
CA ASP A 206 -22.76 -23.26 -6.57
C ASP A 206 -22.19 -22.63 -5.31
N ALA A 207 -22.38 -23.28 -4.17
CA ALA A 207 -21.98 -22.69 -2.89
C ALA A 207 -20.47 -22.70 -2.67
N THR A 208 -19.74 -23.57 -3.39
CA THR A 208 -18.29 -23.65 -3.23
C THR A 208 -17.51 -23.57 -4.53
N HIS A 209 -18.17 -23.55 -5.68
CA HIS A 209 -17.50 -23.42 -6.97
C HIS A 209 -18.07 -22.24 -7.73
N THR A 210 -17.21 -21.59 -8.52
CA THR A 210 -17.60 -20.50 -9.39
C THR A 210 -16.82 -20.61 -10.69
N PRO A 211 -17.48 -20.44 -11.84
CA PRO A 211 -16.73 -20.48 -13.10
C PRO A 211 -15.77 -19.31 -13.26
N ILE A 212 -16.21 -18.10 -12.90
CA ILE A 212 -15.41 -16.90 -13.03
C ILE A 212 -14.99 -16.48 -11.64
N PHE A 213 -13.69 -16.58 -11.34
CA PHE A 213 -13.18 -16.20 -10.04
C PHE A 213 -11.89 -15.40 -10.23
N HIS A 214 -11.33 -14.95 -9.12
CA HIS A 214 -10.11 -14.15 -9.12
C HIS A 214 -8.97 -14.94 -8.47
N GLN A 215 -7.80 -14.87 -9.09
CA GLN A 215 -6.65 -15.64 -8.65
C GLN A 215 -5.48 -14.71 -8.34
N VAL A 216 -4.63 -15.16 -7.42
CA VAL A 216 -3.38 -14.48 -7.10
C VAL A 216 -2.25 -15.38 -7.58
N GLU A 217 -1.55 -14.95 -8.63
CA GLU A 217 -0.38 -15.64 -9.13
C GLU A 217 0.88 -14.98 -8.55
N GLY A 218 1.84 -15.80 -8.17
CA GLY A 218 3.14 -15.32 -7.71
C GLY A 218 4.24 -15.96 -8.52
N LEU A 219 5.26 -15.17 -8.83
CA LEU A 219 6.40 -15.68 -9.60
C LEU A 219 7.66 -14.98 -9.12
N ALA A 220 8.66 -15.75 -8.72
CA ALA A 220 9.96 -15.23 -8.32
C ALA A 220 11.04 -16.00 -9.08
N VAL A 221 11.89 -15.27 -9.80
CA VAL A 221 12.99 -15.85 -10.55
C VAL A 221 14.27 -15.11 -10.17
N ASP A 222 15.26 -15.86 -9.71
CA ASP A 222 16.50 -15.27 -9.21
C ASP A 222 17.56 -16.37 -9.17
N ARG A 223 18.78 -15.99 -8.78
CA ARG A 223 19.86 -16.96 -8.63
C ARG A 223 19.77 -17.62 -7.27
N GLY A 224 19.74 -18.96 -7.26
CA GLY A 224 19.77 -19.71 -6.02
C GLY A 224 18.44 -19.81 -5.29
N LEU A 225 17.32 -19.63 -5.98
CA LEU A 225 16.02 -19.80 -5.35
C LEU A 225 15.73 -21.28 -5.17
N SER A 226 15.25 -21.66 -3.99
CA SER A 226 14.99 -23.05 -3.66
C SER A 226 13.57 -23.19 -3.13
N MET A 227 13.17 -24.44 -2.84
CA MET A 227 11.86 -24.69 -2.25
C MET A 227 11.73 -24.04 -0.89
N ALA A 228 12.85 -23.87 -0.17
CA ALA A 228 12.81 -23.17 1.10
C ALA A 228 12.34 -21.74 0.96
N HIS A 229 12.70 -21.08 -0.15
CA HIS A 229 12.23 -19.72 -0.39
C HIS A 229 10.75 -19.70 -0.76
N LEU A 230 10.30 -20.70 -1.51
CA LEU A 230 8.87 -20.82 -1.79
C LEU A 230 8.09 -21.03 -0.50
N ARG A 231 8.59 -21.91 0.38
CA ARG A 231 7.91 -22.16 1.65
C ARG A 231 7.92 -20.93 2.54
N GLY A 232 9.03 -20.19 2.55
CA GLY A 232 9.08 -18.96 3.33
C GLY A 232 8.09 -17.92 2.83
N THR A 233 7.95 -17.81 1.50
CA THR A 233 6.96 -16.88 0.94
C THR A 233 5.54 -17.33 1.26
N LEU A 234 5.26 -18.64 1.17
CA LEU A 234 3.93 -19.14 1.44
C LEU A 234 3.54 -18.92 2.90
N ASP A 235 4.49 -19.12 3.82
CA ASP A 235 4.20 -18.94 5.24
C ASP A 235 3.93 -17.48 5.57
N ALA A 236 4.67 -16.56 4.94
CA ALA A 236 4.42 -15.14 5.16
C ALA A 236 3.08 -14.72 4.58
N PHE A 237 2.74 -15.24 3.41
CA PHE A 237 1.44 -14.98 2.80
C PHE A 237 0.31 -15.45 3.72
N ALA A 238 0.41 -16.67 4.24
CA ALA A 238 -0.65 -17.22 5.08
C ALA A 238 -0.73 -16.49 6.42
N ARG A 239 0.39 -15.97 6.92
CA ARG A 239 0.35 -15.23 8.17
C ARG A 239 -0.33 -13.88 8.00
N ALA A 240 -0.22 -13.27 6.82
CA ALA A 240 -0.85 -11.98 6.58
C ALA A 240 -2.36 -12.11 6.41
N GLU A 241 -2.83 -13.23 5.86
CA GLU A 241 -4.26 -13.41 5.62
C GLU A 241 -4.99 -14.17 6.72
N PHE A 242 -4.28 -14.99 7.50
CA PHE A 242 -4.93 -15.85 8.49
C PHE A 242 -4.40 -15.65 9.90
N GLY A 243 -3.59 -14.62 10.14
CA GLY A 243 -3.12 -14.31 11.47
C GLY A 243 -1.77 -14.94 11.78
N PRO A 244 -1.18 -14.52 12.91
CA PRO A 244 0.16 -15.04 13.26
C PRO A 244 0.18 -16.52 13.61
N SER A 245 -0.94 -17.09 14.03
CA SER A 245 -1.00 -18.49 14.40
C SER A 245 -1.29 -19.41 13.21
N ALA A 246 -1.14 -18.91 11.99
CA ALA A 246 -1.43 -19.70 10.79
C ALA A 246 -0.28 -20.67 10.53
N ARG A 247 -0.63 -21.94 10.32
CA ARG A 247 0.32 -22.98 9.98
C ARG A 247 -0.04 -23.58 8.63
N THR A 248 0.98 -23.79 7.80
CA THR A 248 0.80 -24.33 6.46
C THR A 248 1.52 -25.67 6.33
N ARG A 249 1.12 -26.42 5.31
CA ARG A 249 1.79 -27.66 4.94
C ARG A 249 1.75 -27.77 3.42
N ILE A 250 2.86 -28.25 2.85
CA ILE A 250 2.95 -28.50 1.42
C ILE A 250 3.08 -30.00 1.20
N ARG A 251 2.39 -30.50 0.19
CA ARG A 251 2.41 -31.91 -0.16
C ARG A 251 2.52 -32.02 -1.67
N PRO A 252 3.18 -33.07 -2.18
CA PRO A 252 3.43 -33.15 -3.62
C PRO A 252 2.14 -33.20 -4.43
N HIS A 253 2.22 -32.65 -5.63
CA HIS A 253 1.12 -32.67 -6.59
C HIS A 253 1.73 -32.58 -7.98
N PHE A 254 0.92 -32.20 -8.97
CA PHE A 254 1.40 -32.06 -10.33
C PHE A 254 0.80 -30.82 -10.96
N PHE A 255 1.64 -30.08 -11.70
CA PHE A 255 1.25 -28.99 -12.55
C PHE A 255 2.25 -29.01 -13.70
N PRO A 256 1.80 -28.81 -14.94
CA PRO A 256 2.73 -28.94 -16.08
C PRO A 256 3.87 -27.93 -16.05
N PHE A 257 3.63 -26.75 -15.50
CA PHE A 257 4.61 -25.66 -15.53
C PHE A 257 5.56 -25.67 -14.34
N THR A 258 5.39 -26.59 -13.40
CA THR A 258 6.26 -26.68 -12.23
C THR A 258 6.79 -28.10 -12.06
N GLU A 259 7.98 -28.19 -11.47
CA GLU A 259 8.62 -29.45 -11.13
C GLU A 259 9.78 -29.19 -10.18
N PRO A 260 9.68 -29.63 -8.92
CA PRO A 260 8.56 -30.35 -8.29
C PRO A 260 7.34 -29.44 -8.11
N SER A 261 6.15 -30.04 -8.10
CA SER A 261 4.91 -29.31 -7.84
C SER A 261 4.36 -29.71 -6.48
N ALA A 262 3.50 -28.86 -5.93
CA ALA A 262 2.94 -29.12 -4.61
C ALA A 262 1.63 -28.36 -4.47
N GLU A 263 0.86 -28.75 -3.46
CA GLU A 263 -0.33 -28.02 -3.04
C GLU A 263 -0.11 -27.51 -1.62
N VAL A 264 -0.72 -26.36 -1.34
CA VAL A 264 -0.58 -25.71 -0.04
C VAL A 264 -1.89 -25.87 0.73
N ASP A 265 -1.80 -26.41 1.94
CA ASP A 265 -2.90 -26.45 2.88
C ASP A 265 -2.65 -25.43 3.99
N VAL A 266 -3.71 -25.09 4.71
CA VAL A 266 -3.64 -24.05 5.74
C VAL A 266 -4.40 -24.54 6.96
N TRP A 267 -3.89 -24.15 8.15
CA TRP A 267 -4.49 -24.50 9.44
C TRP A 267 -4.44 -23.24 10.30
N PHE A 268 -5.52 -22.46 10.29
CA PHE A 268 -5.59 -21.25 11.10
C PHE A 268 -6.30 -21.51 12.43
N GLY A 273 -13.18 -28.41 8.83
CA GLY A 273 -13.89 -28.33 10.10
C GLY A 273 -13.51 -27.11 10.91
N GLY A 274 -13.61 -27.24 12.23
CA GLY A 274 -13.21 -26.15 13.10
C GLY A 274 -11.73 -25.82 13.02
N ALA A 275 -10.91 -26.83 12.80
CA ALA A 275 -9.47 -26.62 12.66
C ALA A 275 -8.87 -27.91 12.07
N ALA A 276 -8.54 -27.87 10.78
CA ALA A 276 -7.93 -29.00 10.09
C ALA A 276 -7.20 -28.47 8.86
N TRP A 277 -6.72 -29.39 8.02
CA TRP A 277 -5.98 -29.03 6.81
C TRP A 277 -6.97 -28.78 5.67
N VAL A 278 -6.96 -27.57 5.14
CA VAL A 278 -7.81 -27.19 4.01
C VAL A 278 -6.91 -26.73 2.86
N GLU A 279 -7.18 -27.22 1.66
CA GLU A 279 -6.37 -26.88 0.51
C GLU A 279 -6.52 -25.41 0.16
N TRP A 280 -5.40 -24.72 -0.02
CA TRP A 280 -5.38 -23.29 -0.29
C TRP A 280 -5.01 -22.96 -1.73
N GLY A 281 -3.92 -23.52 -2.24
CA GLY A 281 -3.50 -23.25 -3.60
C GLY A 281 -2.39 -24.17 -4.03
N GLY A 282 -1.89 -23.94 -5.25
CA GLY A 282 -0.84 -24.74 -5.83
C GLY A 282 0.45 -23.96 -5.95
N CYS A 283 1.57 -24.68 -5.97
CA CYS A 283 2.89 -24.06 -5.99
C CYS A 283 3.90 -25.03 -6.57
N GLY A 284 5.15 -24.60 -6.61
CA GLY A 284 6.24 -25.45 -7.07
C GLY A 284 7.33 -24.63 -7.72
N MET A 285 8.46 -25.31 -7.95
CA MET A 285 9.57 -24.69 -8.66
C MET A 285 9.23 -24.52 -10.14
N VAL A 286 9.64 -23.38 -10.70
CA VAL A 286 9.39 -23.14 -12.13
C VAL A 286 10.10 -24.19 -12.95
N HIS A 287 9.38 -24.81 -13.87
CA HIS A 287 9.95 -25.86 -14.70
C HIS A 287 11.07 -25.30 -15.56
N PRO A 288 12.20 -26.01 -15.69
CA PRO A 288 13.29 -25.50 -16.54
C PRO A 288 12.90 -25.33 -18.00
N ASN A 289 11.86 -26.02 -18.47
CA ASN A 289 11.39 -25.80 -19.83
C ASN A 289 10.75 -24.43 -19.98
N VAL A 290 10.06 -23.97 -18.93
CA VAL A 290 9.46 -22.63 -18.96
C VAL A 290 10.54 -21.57 -19.02
N LEU A 291 11.64 -21.76 -18.29
CA LEU A 291 12.74 -20.81 -18.34
C LEU A 291 13.43 -20.83 -19.69
N ARG A 292 13.55 -22.02 -20.32
CA ARG A 292 14.13 -22.09 -21.64
C ARG A 292 13.21 -21.49 -22.70
N ALA A 293 11.89 -21.59 -22.50
CA ALA A 293 10.94 -20.97 -23.42
C ALA A 293 10.88 -19.46 -23.27
N THR A 294 11.58 -18.88 -22.30
CA THR A 294 11.61 -17.43 -22.11
C THR A 294 13.02 -16.87 -22.22
N GLY A 295 14.00 -17.67 -22.62
CA GLY A 295 15.36 -17.18 -22.75
C GLY A 295 16.11 -17.03 -21.45
N ILE A 296 15.91 -17.95 -20.51
CA ILE A 296 16.55 -17.90 -19.19
C ILE A 296 17.31 -19.20 -18.99
N ASP A 297 18.55 -19.11 -18.52
CA ASP A 297 19.39 -20.27 -18.31
C ASP A 297 19.01 -20.98 -17.01
N PRO A 298 18.46 -22.20 -17.08
CA PRO A 298 18.09 -22.90 -15.85
C PRO A 298 19.28 -23.29 -15.00
N ASP A 299 20.49 -23.28 -15.55
CA ASP A 299 21.69 -23.53 -14.76
C ASP A 299 22.17 -22.29 -14.02
N LEU A 300 21.63 -21.12 -14.35
CA LEU A 300 21.96 -19.88 -13.67
C LEU A 300 20.84 -19.36 -12.77
N TYR A 301 19.59 -19.52 -13.20
CA TYR A 301 18.45 -19.00 -12.47
C TYR A 301 17.45 -20.12 -12.16
N SER A 302 16.93 -20.10 -10.93
CA SER A 302 15.83 -20.95 -10.52
C SER A 302 14.68 -20.07 -10.08
N GLY A 303 13.52 -20.67 -9.87
CA GLY A 303 12.36 -19.91 -9.49
C GLY A 303 11.25 -20.77 -8.95
N PHE A 304 10.28 -20.11 -8.31
CA PHE A 304 9.08 -20.76 -7.81
C PHE A 304 7.87 -19.93 -8.18
N ALA A 305 6.70 -20.57 -8.13
CA ALA A 305 5.45 -19.92 -8.45
C ALA A 305 4.34 -20.49 -7.58
N PHE A 306 3.26 -19.73 -7.44
CA PHE A 306 2.12 -20.18 -6.66
C PHE A 306 0.86 -19.49 -7.15
N GLY A 307 -0.29 -20.08 -6.84
CA GLY A 307 -1.57 -19.53 -7.23
C GLY A 307 -2.70 -19.87 -6.28
N MET A 308 -3.35 -18.85 -5.73
CA MET A 308 -4.47 -19.02 -4.81
C MET A 308 -5.70 -18.30 -5.33
N GLY A 309 -6.86 -18.94 -5.18
CA GLY A 309 -8.11 -18.29 -5.52
C GLY A 309 -8.54 -17.34 -4.43
N LEU A 310 -8.92 -16.12 -4.82
CA LEU A 310 -9.34 -15.13 -3.84
C LEU A 310 -10.71 -15.48 -3.26
N GLU A 311 -11.62 -15.95 -4.11
CA GLU A 311 -12.94 -16.36 -3.62
C GLU A 311 -12.83 -17.50 -2.63
N ARG A 312 -11.94 -18.46 -2.90
CA ARG A 312 -11.72 -19.55 -1.95
C ARG A 312 -11.08 -19.04 -0.67
N THR A 313 -10.13 -18.10 -0.78
CA THR A 313 -9.47 -17.57 0.40
C THR A 313 -10.48 -16.86 1.32
N LEU A 314 -11.31 -16.00 0.74
CA LEU A 314 -12.30 -15.29 1.55
C LEU A 314 -13.34 -16.23 2.14
N GLN A 315 -13.56 -17.39 1.50
CA GLN A 315 -14.62 -18.29 1.95
C GLN A 315 -14.34 -18.82 3.36
N PHE A 316 -13.10 -19.26 3.62
CA PHE A 316 -12.80 -19.78 4.94
C PHE A 316 -12.06 -18.78 5.84
N ARG A 317 -11.57 -17.66 5.28
CA ARG A 317 -11.04 -16.61 6.15
C ARG A 317 -12.15 -15.92 6.91
N ASN A 318 -13.35 -15.86 6.33
CA ASN A 318 -14.50 -15.23 6.96
C ASN A 318 -15.64 -16.19 7.28
N GLY A 319 -15.56 -17.44 6.83
CA GLY A 319 -16.64 -18.38 7.07
C GLY A 319 -17.89 -18.09 6.27
N ILE A 320 -17.73 -17.71 5.01
CA ILE A 320 -18.88 -17.31 4.19
C ILE A 320 -19.55 -18.56 3.63
N PRO A 321 -20.86 -18.72 3.80
CA PRO A 321 -21.52 -19.96 3.38
C PRO A 321 -21.66 -20.10 1.87
N ASP A 322 -22.37 -19.18 1.25
CA ASP A 322 -22.72 -19.27 -0.17
C ASP A 322 -21.76 -18.42 -0.99
N MET A 323 -20.97 -19.07 -1.85
CA MET A 323 -20.09 -18.34 -2.76
C MET A 323 -20.88 -17.65 -3.87
N ARG A 324 -22.11 -18.08 -4.13
CA ARG A 324 -22.95 -17.39 -5.10
C ARG A 324 -23.17 -15.94 -4.70
N ASP A 325 -23.21 -15.65 -3.40
CA ASP A 325 -23.35 -14.28 -2.94
C ASP A 325 -22.10 -13.44 -3.20
N MET A 326 -20.94 -14.10 -3.38
CA MET A 326 -19.71 -13.35 -3.62
C MET A 326 -19.71 -12.67 -4.98
N VAL A 327 -20.38 -13.25 -5.97
CA VAL A 327 -20.26 -12.81 -7.35
C VAL A 327 -21.57 -12.33 -7.94
N GLU A 328 -22.71 -12.53 -7.27
CA GLU A 328 -23.99 -12.14 -7.86
C GLU A 328 -24.26 -10.64 -7.76
N GLY A 329 -23.56 -9.92 -6.89
CA GLY A 329 -23.66 -8.48 -6.85
C GLY A 329 -24.78 -7.92 -6.02
N ASP A 330 -25.37 -8.71 -5.12
CA ASP A 330 -26.38 -8.18 -4.20
C ASP A 330 -25.70 -7.27 -3.17
N VAL A 331 -26.27 -6.08 -2.97
CA VAL A 331 -25.67 -5.14 -2.03
C VAL A 331 -25.70 -5.67 -0.61
N ARG A 332 -26.59 -6.62 -0.31
CA ARG A 332 -26.62 -7.20 1.03
C ARG A 332 -25.35 -7.95 1.37
N PHE A 333 -24.58 -8.35 0.35
CA PHE A 333 -23.32 -9.05 0.62
C PHE A 333 -22.17 -8.06 0.83
N SER A 334 -22.17 -6.94 0.12
CA SER A 334 -21.05 -6.01 0.19
C SER A 334 -21.16 -5.06 1.39
N LEU A 335 -22.35 -4.53 1.64
CA LEU A 335 -22.52 -3.49 2.65
C LEU A 335 -22.00 -3.87 4.04
N PRO A 336 -22.20 -5.07 4.57
CA PRO A 336 -21.66 -5.38 5.90
C PRO A 336 -20.15 -5.23 6.01
N PHE A 337 -19.42 -5.25 4.89
CA PHE A 337 -17.97 -5.12 4.93
C PHE A 337 -17.50 -3.69 5.10
N GLY A 338 -18.41 -2.72 5.05
CA GLY A 338 -18.05 -1.33 5.25
C GLY A 338 -17.54 -0.65 4.00
N VAL A 339 -17.14 0.61 4.18
CA VAL A 339 -16.68 1.42 3.04
C VAL A 339 -15.38 0.88 2.47
N GLY A 340 -14.51 0.33 3.32
CA GLY A 340 -13.23 -0.19 2.87
C GLY A 340 -12.30 0.88 2.33
N ALA A 341 -11.55 1.54 3.23
CA ALA A 341 -10.59 2.57 2.85
C ALA A 341 -11.24 3.67 2.02
N SER B 2 -10.96 -39.72 -17.37
CA SER B 2 -10.95 -39.54 -15.93
C SER B 2 -9.65 -40.01 -15.31
N ASN B 3 -9.43 -39.65 -14.04
CA ASN B 3 -8.19 -40.01 -13.34
C ASN B 3 -8.48 -40.70 -12.01
N ALA B 4 -9.65 -41.32 -11.86
CA ALA B 4 -10.01 -41.99 -10.63
C ALA B 4 -9.41 -43.39 -10.59
N MET B 5 -8.96 -43.79 -9.40
CA MET B 5 -8.43 -45.13 -9.17
C MET B 5 -9.03 -45.66 -7.88
N ARG B 6 -9.88 -46.68 -8.00
CA ARG B 6 -10.54 -47.31 -6.87
C ARG B 6 -9.93 -48.67 -6.63
N LEU B 7 -9.63 -48.98 -5.37
CA LEU B 7 -9.06 -50.28 -5.02
C LEU B 7 -9.29 -50.54 -3.54
N PRO B 8 -9.53 -51.79 -3.16
CA PRO B 8 -9.68 -52.11 -1.73
C PRO B 8 -8.34 -52.29 -1.06
N TYR B 9 -8.30 -51.94 0.23
CA TYR B 9 -7.04 -51.98 0.97
C TYR B 9 -6.48 -53.40 1.05
N SER B 10 -7.37 -54.39 1.21
CA SER B 10 -6.92 -55.78 1.35
C SER B 10 -6.11 -56.22 0.15
N TRP B 11 -6.54 -55.84 -1.06
CA TRP B 11 -5.76 -56.17 -2.24
C TRP B 11 -4.43 -55.42 -2.26
N LEU B 12 -4.47 -54.11 -1.97
CA LEU B 12 -3.25 -53.33 -1.91
C LEU B 12 -2.31 -53.85 -0.83
N ARG B 13 -2.85 -54.19 0.34
CA ARG B 13 -2.03 -54.75 1.41
C ARG B 13 -1.41 -56.07 0.99
N GLU B 14 -2.16 -56.89 0.25
CA GLU B 14 -1.66 -58.20 -0.16
C GLU B 14 -0.44 -58.08 -1.05
N VAL B 15 -0.49 -57.17 -2.02
CA VAL B 15 0.62 -57.02 -2.97
C VAL B 15 1.85 -56.46 -2.25
N VAL B 16 1.65 -55.50 -1.33
CA VAL B 16 2.76 -55.00 -0.53
C VAL B 16 3.34 -56.10 0.34
N ALA B 17 2.46 -56.93 0.92
CA ALA B 17 2.88 -57.91 1.92
C ALA B 17 3.70 -59.05 1.33
N VAL B 18 3.67 -59.24 0.00
CA VAL B 18 4.51 -60.28 -0.60
C VAL B 18 5.97 -60.00 -0.32
N GLY B 19 6.40 -58.75 -0.47
CA GLY B 19 7.77 -58.37 -0.21
C GLY B 19 8.01 -57.92 1.21
N ALA B 20 6.93 -57.56 1.92
CA ALA B 20 7.02 -57.08 3.30
C ALA B 20 5.95 -57.82 4.11
N SER B 21 6.28 -59.06 4.49
CA SER B 21 5.32 -59.89 5.21
C SER B 21 4.88 -59.22 6.51
N GLY B 22 3.59 -59.27 6.78
CA GLY B 22 3.03 -58.68 7.97
C GLY B 22 2.78 -57.19 7.91
N TRP B 23 3.01 -56.55 6.76
CA TRP B 23 2.76 -55.12 6.65
C TRP B 23 1.27 -54.82 6.76
N ASP B 24 0.93 -53.87 7.62
CA ASP B 24 -0.46 -53.55 7.90
C ASP B 24 -0.52 -52.19 8.58
N VAL B 25 -1.29 -51.27 8.00
CA VAL B 25 -1.46 -49.93 8.55
C VAL B 25 -2.93 -49.59 8.60
N THR B 26 -3.27 -48.69 9.52
CA THR B 26 -4.64 -48.21 9.64
C THR B 26 -5.01 -47.38 8.42
N PRO B 27 -6.31 -47.31 8.08
CA PRO B 27 -6.71 -46.48 6.94
C PRO B 27 -6.33 -45.01 7.09
N GLY B 28 -6.34 -44.49 8.31
CA GLY B 28 -5.96 -43.09 8.51
C GLY B 28 -4.50 -42.83 8.20
N GLU B 29 -3.61 -43.72 8.65
CA GLU B 29 -2.19 -43.56 8.35
C GLU B 29 -1.92 -43.74 6.86
N LEU B 30 -2.59 -44.71 6.23
CA LEU B 30 -2.41 -44.91 4.80
C LEU B 30 -2.83 -43.69 4.01
N GLU B 31 -3.92 -43.04 4.41
CA GLU B 31 -4.35 -41.82 3.73
C GLU B 31 -3.30 -40.73 3.84
N GLN B 32 -2.71 -40.58 5.03
CA GLN B 32 -1.70 -39.54 5.23
C GLN B 32 -0.43 -39.84 4.44
N THR B 33 -0.01 -41.11 4.38
CA THR B 33 1.19 -41.46 3.64
C THR B 33 0.99 -41.27 2.15
N LEU B 34 -0.18 -41.67 1.62
CA LEU B 34 -0.47 -41.44 0.21
C LEU B 34 -0.50 -39.94 -0.10
N LEU B 35 -1.06 -39.14 0.79
CA LEU B 35 -1.08 -37.69 0.57
C LEU B 35 0.32 -37.10 0.61
N ARG B 36 1.16 -37.57 1.54
CA ARG B 36 2.49 -36.99 1.71
C ARG B 36 3.42 -37.29 0.55
N ILE B 37 3.08 -38.26 -0.30
CA ILE B 37 3.89 -38.56 -1.48
C ILE B 37 3.24 -38.11 -2.78
N GLY B 38 2.03 -37.54 -2.71
CA GLY B 38 1.42 -36.92 -3.86
C GLY B 38 0.23 -37.63 -4.50
N HIS B 39 -0.51 -38.45 -3.75
CA HIS B 39 -1.66 -39.18 -4.27
C HIS B 39 -2.93 -38.65 -3.60
N GLU B 40 -3.73 -37.93 -4.37
CA GLU B 40 -4.97 -37.36 -3.85
C GLU B 40 -5.93 -38.47 -3.44
N VAL B 41 -6.35 -38.45 -2.18
CA VAL B 41 -7.29 -39.42 -1.65
C VAL B 41 -8.64 -38.73 -1.57
N GLU B 42 -9.50 -39.00 -2.55
CA GLU B 42 -10.81 -38.34 -2.59
C GLU B 42 -11.76 -38.91 -1.56
N GLU B 43 -11.69 -40.22 -1.32
CA GLU B 43 -12.63 -40.86 -0.41
C GLU B 43 -11.98 -42.07 0.23
N VAL B 44 -12.35 -42.33 1.48
CA VAL B 44 -11.99 -43.54 2.21
C VAL B 44 -13.29 -44.19 2.67
N ILE B 45 -13.69 -45.26 2.00
CA ILE B 45 -15.02 -45.84 2.19
C ILE B 45 -14.90 -47.20 2.87
N PRO B 46 -15.20 -47.31 4.15
CA PRO B 46 -15.23 -48.62 4.79
C PRO B 46 -16.48 -49.40 4.43
N LEU B 47 -16.32 -50.71 4.25
CA LEU B 47 -17.43 -51.57 3.90
C LEU B 47 -18.26 -51.89 5.14
N GLY B 48 -19.56 -52.13 4.92
CA GLY B 48 -20.48 -52.39 5.99
C GLY B 48 -20.70 -51.16 6.85
N PRO B 49 -20.66 -51.33 8.17
CA PRO B 49 -20.45 -52.59 8.90
C PRO B 49 -21.75 -53.33 9.14
N VAL B 50 -21.69 -54.60 9.50
CA VAL B 50 -22.88 -55.36 9.90
C VAL B 50 -22.63 -55.98 11.26
N ASP B 51 -23.71 -56.23 11.98
CA ASP B 51 -23.66 -56.91 13.26
C ASP B 51 -24.80 -57.90 13.34
N GLY B 52 -24.62 -58.94 14.16
CA GLY B 52 -25.62 -59.94 14.35
C GLY B 52 -25.61 -61.00 13.26
N PRO B 53 -26.68 -61.78 13.17
CA PRO B 53 -26.70 -62.93 12.25
C PRO B 53 -26.86 -62.53 10.79
N VAL B 54 -25.73 -62.29 10.12
CA VAL B 54 -25.69 -62.05 8.68
C VAL B 54 -24.87 -63.19 8.08
N THR B 55 -25.53 -64.09 7.36
CA THR B 55 -24.93 -65.34 6.96
C THR B 55 -25.24 -65.64 5.50
N VAL B 56 -24.45 -66.55 4.93
CA VAL B 56 -24.67 -67.03 3.57
C VAL B 56 -25.80 -68.03 3.58
N GLY B 57 -26.73 -67.90 2.63
CA GLY B 57 -27.81 -68.84 2.47
C GLY B 57 -27.94 -69.30 1.04
N ARG B 58 -28.71 -70.36 0.85
CA ARG B 58 -29.03 -70.89 -0.47
C ARG B 58 -30.53 -70.96 -0.65
N VAL B 59 -31.03 -70.40 -1.74
CA VAL B 59 -32.46 -70.39 -2.03
C VAL B 59 -32.87 -71.80 -2.44
N ALA B 60 -33.62 -72.49 -1.59
CA ALA B 60 -34.03 -73.87 -1.86
C ALA B 60 -35.44 -73.97 -2.41
N ASP B 61 -36.25 -72.93 -2.30
CA ASP B 61 -37.59 -72.95 -2.87
C ASP B 61 -38.06 -71.51 -3.04
N ILE B 62 -38.95 -71.30 -4.01
CA ILE B 62 -39.52 -69.98 -4.28
C ILE B 62 -41.00 -70.15 -4.57
N GLU B 63 -41.84 -69.46 -3.77
CA GLU B 63 -43.28 -69.41 -4.01
C GLU B 63 -43.64 -68.02 -4.48
N GLU B 64 -44.36 -67.95 -5.61
CA GLU B 64 -44.73 -66.67 -6.22
C GLU B 64 -46.05 -66.20 -5.62
N LEU B 65 -45.98 -65.17 -4.77
CA LEU B 65 -47.18 -64.56 -4.22
C LEU B 65 -47.78 -63.62 -5.25
N THR B 66 -49.02 -63.88 -5.64
CA THR B 66 -49.68 -63.16 -6.72
C THR B 66 -50.70 -62.17 -6.18
N GLY B 67 -51.03 -61.19 -7.01
CA GLY B 67 -52.03 -60.19 -6.66
C GLY B 67 -51.50 -59.05 -5.82
N TYR B 68 -50.48 -58.35 -6.32
CA TYR B 68 -49.87 -57.24 -5.59
C TYR B 68 -49.36 -56.21 -6.59
N LYS B 69 -48.83 -55.10 -6.06
CA LYS B 69 -48.27 -54.06 -6.90
C LYS B 69 -46.91 -54.44 -7.48
N LYS B 70 -46.34 -55.55 -7.05
CA LYS B 70 -45.04 -56.01 -7.57
C LYS B 70 -44.94 -57.50 -7.32
N PRO B 71 -44.19 -58.23 -8.15
CA PRO B 71 -43.99 -59.67 -7.89
C PRO B 71 -43.28 -59.90 -6.57
N ILE B 72 -43.90 -60.69 -5.69
CA ILE B 72 -43.39 -60.97 -4.36
C ILE B 72 -43.11 -62.47 -4.25
N ARG B 73 -41.95 -62.81 -3.72
CA ARG B 73 -41.51 -64.19 -3.59
C ARG B 73 -41.46 -64.59 -2.13
N ALA B 74 -42.05 -65.74 -1.81
CA ALA B 74 -41.85 -66.40 -0.53
C ALA B 74 -40.80 -67.49 -0.72
N CYS B 75 -39.65 -67.34 -0.07
CA CYS B 75 -38.49 -68.18 -0.32
C CYS B 75 -38.15 -69.01 0.91
N ALA B 76 -37.81 -70.27 0.67
CA ALA B 76 -37.22 -71.14 1.68
C ALA B 76 -35.71 -71.09 1.50
N VAL B 77 -35.00 -70.64 2.54
CA VAL B 77 -33.56 -70.40 2.45
C VAL B 77 -32.85 -71.33 3.42
N ASP B 78 -31.90 -72.10 2.89
CA ASP B 78 -31.03 -72.94 3.69
C ASP B 78 -29.90 -72.09 4.25
N ILE B 79 -29.84 -71.97 5.58
CA ILE B 79 -28.80 -71.21 6.24
C ILE B 79 -27.80 -72.11 6.96
N GLY B 80 -27.78 -73.39 6.63
CA GLY B 80 -26.77 -74.30 7.13
C GLY B 80 -27.20 -75.19 8.28
N ASP B 81 -28.39 -74.97 8.84
CA ASP B 81 -28.91 -75.84 9.89
C ASP B 81 -30.06 -76.68 9.33
N ARG B 82 -30.71 -77.45 10.21
CA ARG B 82 -31.74 -78.38 9.78
C ARG B 82 -33.11 -77.71 9.61
N GLN B 83 -33.22 -76.41 9.85
CA GLN B 83 -34.48 -75.69 9.72
C GLN B 83 -34.31 -74.59 8.69
N TYR B 84 -34.93 -74.76 7.52
CA TYR B 84 -34.88 -73.73 6.50
C TYR B 84 -35.74 -72.54 6.91
N ARG B 85 -35.26 -71.34 6.60
CA ARG B 85 -35.94 -70.10 6.98
C ARG B 85 -36.81 -69.60 5.83
N GLU B 86 -38.02 -69.18 6.17
CA GLU B 86 -38.95 -68.59 5.21
C GLU B 86 -38.71 -67.09 5.16
N ILE B 87 -38.39 -66.56 3.99
CA ILE B 87 -38.06 -65.16 3.82
C ILE B 87 -38.84 -64.60 2.63
N ILE B 88 -39.42 -63.42 2.80
CA ILE B 88 -40.15 -62.73 1.73
C ILE B 88 -39.19 -61.78 1.04
N CYS B 89 -39.18 -61.81 -0.29
CA CYS B 89 -38.29 -60.97 -1.07
C CYS B 89 -39.03 -60.41 -2.28
N GLY B 90 -38.78 -59.13 -2.57
CA GLY B 90 -39.36 -58.48 -3.72
C GLY B 90 -38.50 -58.51 -4.98
N ALA B 91 -37.27 -58.99 -4.87
CA ALA B 91 -36.38 -59.05 -6.01
C ALA B 91 -36.66 -60.29 -6.86
N THR B 92 -36.30 -60.20 -8.14
CA THR B 92 -36.53 -61.28 -9.09
C THR B 92 -35.24 -61.69 -9.81
N ASN B 93 -34.09 -61.29 -9.30
CA ASN B 93 -32.80 -61.54 -9.95
C ASN B 93 -32.10 -62.78 -9.41
N PHE B 94 -32.85 -63.73 -8.87
CA PHE B 94 -32.27 -64.96 -8.37
C PHE B 94 -33.19 -66.13 -8.68
N ALA B 95 -32.64 -67.34 -8.56
CA ALA B 95 -33.38 -68.56 -8.82
C ALA B 95 -33.07 -69.57 -7.72
N VAL B 96 -33.82 -70.67 -7.74
CA VAL B 96 -33.59 -71.74 -6.79
C VAL B 96 -32.19 -72.31 -6.98
N GLY B 97 -31.45 -72.44 -5.89
CA GLY B 97 -30.08 -72.91 -5.91
C GLY B 97 -29.05 -71.81 -5.80
N ASP B 98 -29.45 -70.55 -5.95
CA ASP B 98 -28.51 -69.45 -5.85
C ASP B 98 -28.07 -69.23 -4.40
N LEU B 99 -26.81 -68.83 -4.25
CA LEU B 99 -26.28 -68.42 -2.95
C LEU B 99 -26.58 -66.94 -2.74
N VAL B 100 -27.12 -66.61 -1.58
CA VAL B 100 -27.47 -65.23 -1.23
C VAL B 100 -26.92 -64.92 0.15
N VAL B 101 -27.07 -63.66 0.55
CA VAL B 101 -26.66 -63.19 1.87
C VAL B 101 -27.92 -62.83 2.65
N VAL B 102 -28.10 -63.48 3.79
CA VAL B 102 -29.33 -63.37 4.58
C VAL B 102 -29.00 -62.62 5.87
N ALA B 103 -29.77 -61.57 6.15
CA ALA B 103 -29.72 -60.88 7.44
C ALA B 103 -30.91 -61.37 8.26
N LEU B 104 -30.62 -62.09 9.33
CA LEU B 104 -31.66 -62.68 10.16
C LEU B 104 -32.12 -61.67 11.22
N PRO B 105 -33.28 -61.91 11.83
CA PRO B 105 -33.74 -61.03 12.92
C PRO B 105 -32.67 -60.89 14.00
N GLY B 106 -32.48 -59.65 14.45
CA GLY B 106 -31.42 -59.32 15.37
C GLY B 106 -30.19 -58.73 14.71
N ALA B 107 -30.06 -58.84 13.39
CA ALA B 107 -28.95 -58.26 12.68
C ALA B 107 -29.16 -56.75 12.50
N THR B 108 -28.04 -56.04 12.28
CA THR B 108 -28.07 -54.61 12.05
C THR B 108 -27.30 -54.31 10.78
N LEU B 109 -28.00 -53.81 9.77
CA LEU B 109 -27.39 -53.43 8.51
C LEU B 109 -26.78 -52.05 8.60
N PRO B 110 -25.88 -51.70 7.68
CA PRO B 110 -25.32 -50.35 7.67
C PRO B 110 -26.41 -49.29 7.64
N GLY B 111 -26.28 -48.30 8.51
CA GLY B 111 -27.31 -47.29 8.70
C GLY B 111 -28.13 -47.44 9.96
N GLY B 112 -27.78 -48.38 10.83
CA GLY B 112 -28.52 -48.59 12.06
C GLY B 112 -29.83 -49.31 11.91
N PHE B 113 -30.09 -49.94 10.76
CA PHE B 113 -31.34 -50.62 10.51
C PHE B 113 -31.29 -52.00 11.15
N THR B 114 -32.13 -52.23 12.16
CA THR B 114 -32.21 -53.50 12.85
C THR B 114 -33.26 -54.39 12.17
N ILE B 115 -32.92 -55.66 11.98
CA ILE B 115 -33.78 -56.60 11.27
C ILE B 115 -34.64 -57.34 12.29
N SER B 116 -35.92 -57.52 11.94
CA SER B 116 -36.85 -58.25 12.79
C SER B 116 -37.86 -58.97 11.91
N ALA B 117 -38.57 -59.92 12.52
CA ALA B 117 -39.56 -60.72 11.80
C ALA B 117 -40.87 -59.95 11.70
N ARG B 118 -41.28 -59.63 10.48
CA ARG B 118 -42.50 -58.86 10.24
C ARG B 118 -43.53 -59.71 9.50
N LYS B 119 -44.80 -59.48 9.82
CA LYS B 119 -45.91 -60.15 9.16
C LYS B 119 -46.25 -59.37 7.91
N ALA B 120 -45.64 -59.76 6.79
CA ALA B 120 -45.77 -59.04 5.54
C ALA B 120 -46.38 -59.95 4.47
N TYR B 121 -47.28 -59.37 3.67
CA TYR B 121 -47.92 -60.06 2.55
C TYR B 121 -48.62 -61.34 2.99
N GLY B 122 -49.19 -61.34 4.20
CA GLY B 122 -49.87 -62.50 4.71
C GLY B 122 -48.98 -63.69 5.01
N ARG B 123 -47.65 -63.51 5.02
CA ARG B 123 -46.72 -64.60 5.25
C ARG B 123 -45.74 -64.20 6.34
N ASN B 124 -45.00 -65.18 6.83
CA ASN B 124 -43.98 -64.95 7.85
C ASN B 124 -42.63 -64.72 7.19
N SER B 125 -41.97 -63.63 7.55
CA SER B 125 -40.66 -63.27 7.02
C SER B 125 -39.66 -63.29 8.16
N ASP B 126 -38.76 -64.28 8.15
CA ASP B 126 -37.77 -64.44 9.20
C ASP B 126 -36.41 -63.93 8.71
N GLY B 127 -36.36 -62.63 8.48
CA GLY B 127 -35.17 -61.99 7.95
C GLY B 127 -35.40 -61.44 6.56
N MET B 128 -34.28 -61.13 5.89
CA MET B 128 -34.35 -60.55 4.56
C MET B 128 -33.14 -60.99 3.75
N ILE B 129 -33.32 -61.05 2.44
CA ILE B 129 -32.23 -61.28 1.50
C ILE B 129 -31.68 -59.93 1.08
N CYS B 130 -30.38 -59.72 1.30
CA CYS B 130 -29.80 -58.39 1.20
C CYS B 130 -29.22 -58.12 -0.18
N SER B 131 -29.33 -56.87 -0.62
CA SER B 131 -28.65 -56.38 -1.80
C SER B 131 -27.27 -55.83 -1.42
N ALA B 132 -26.45 -55.58 -2.44
CA ALA B 132 -25.12 -55.04 -2.19
C ALA B 132 -25.19 -53.65 -1.56
N ALA B 133 -26.24 -52.89 -1.85
CA ALA B 133 -26.36 -51.55 -1.29
C ALA B 133 -26.72 -51.60 0.20
N GLU B 134 -27.60 -52.54 0.58
CA GLU B 134 -28.00 -52.64 1.98
C GLU B 134 -26.86 -53.14 2.85
N LEU B 135 -25.94 -53.91 2.30
CA LEU B 135 -24.77 -54.38 3.02
C LEU B 135 -23.61 -53.39 2.96
N ASN B 136 -23.78 -52.28 2.25
CA ASN B 136 -22.70 -51.31 2.01
C ASN B 136 -21.49 -51.99 1.37
N LEU B 137 -21.76 -52.91 0.44
CA LEU B 137 -20.74 -53.58 -0.34
C LEU B 137 -20.60 -53.00 -1.74
N GLY B 138 -21.71 -52.66 -2.39
CA GLY B 138 -21.71 -52.04 -3.69
C GLY B 138 -22.94 -51.18 -3.83
N ALA B 139 -23.09 -50.57 -5.01
CA ALA B 139 -24.17 -49.63 -5.25
C ALA B 139 -25.45 -50.29 -5.74
N ASP B 140 -25.43 -51.58 -6.07
CA ASP B 140 -26.58 -52.22 -6.67
C ASP B 140 -27.72 -52.36 -5.68
N HIS B 141 -28.93 -51.96 -6.10
CA HIS B 141 -30.13 -52.11 -5.29
C HIS B 141 -31.33 -52.59 -6.09
N SER B 142 -31.20 -52.77 -7.41
CA SER B 142 -32.32 -53.27 -8.20
C SER B 142 -32.69 -54.69 -7.80
N GLY B 143 -31.70 -55.56 -7.67
CA GLY B 143 -31.93 -56.91 -7.18
C GLY B 143 -31.10 -57.20 -5.95
N ILE B 144 -31.12 -58.44 -5.48
CA ILE B 144 -30.34 -58.81 -4.30
C ILE B 144 -28.99 -59.35 -4.74
N LEU B 145 -28.09 -59.56 -3.78
CA LEU B 145 -26.75 -60.03 -4.09
C LEU B 145 -26.76 -61.55 -4.27
N VAL B 146 -26.23 -62.01 -5.38
CA VAL B 146 -26.11 -63.43 -5.69
C VAL B 146 -24.63 -63.77 -5.76
N LEU B 147 -24.16 -64.60 -4.85
CA LEU B 147 -22.78 -65.05 -4.91
C LEU B 147 -22.64 -66.15 -5.96
N PRO B 148 -21.50 -66.19 -6.66
CA PRO B 148 -21.30 -67.25 -7.65
C PRO B 148 -21.22 -68.61 -6.96
N PRO B 149 -21.61 -69.68 -7.66
CA PRO B 149 -21.54 -71.01 -7.05
C PRO B 149 -20.14 -71.34 -6.57
N GLY B 150 -20.06 -72.03 -5.44
CA GLY B 150 -18.79 -72.36 -4.83
C GLY B 150 -18.17 -71.25 -4.00
N ALA B 151 -18.83 -70.09 -3.89
CA ALA B 151 -18.28 -68.99 -3.11
C ALA B 151 -18.18 -69.36 -1.63
N ALA B 152 -19.19 -70.07 -1.12
CA ALA B 152 -19.25 -70.46 0.28
C ALA B 152 -20.35 -71.48 0.44
N GLU B 153 -20.39 -72.09 1.61
CA GLU B 153 -21.49 -72.98 1.93
C GLU B 153 -22.54 -72.25 2.76
N PRO B 154 -23.79 -72.69 2.71
CA PRO B 154 -24.82 -72.10 3.57
C PRO B 154 -24.40 -72.18 5.02
N GLY B 155 -24.54 -71.05 5.73
CA GLY B 155 -24.13 -70.95 7.11
C GLY B 155 -22.82 -70.24 7.33
N ALA B 156 -22.08 -69.92 6.27
CA ALA B 156 -20.84 -69.17 6.43
C ALA B 156 -21.12 -67.74 6.85
N ASP B 157 -20.22 -67.19 7.65
CA ASP B 157 -20.38 -65.82 8.12
C ASP B 157 -20.39 -64.84 6.95
N GLY B 158 -21.41 -63.99 6.89
CA GLY B 158 -21.55 -63.08 5.78
C GLY B 158 -20.43 -62.06 5.71
N ALA B 159 -20.08 -61.47 6.85
CA ALA B 159 -19.05 -60.43 6.87
C ALA B 159 -17.72 -60.96 6.38
N GLY B 160 -17.40 -62.21 6.70
CA GLY B 160 -16.13 -62.79 6.26
C GLY B 160 -16.14 -63.11 4.77
N VAL B 161 -17.21 -63.74 4.30
CA VAL B 161 -17.30 -64.12 2.89
C VAL B 161 -17.30 -62.88 2.01
N LEU B 162 -18.09 -61.87 2.39
CA LEU B 162 -18.14 -60.62 1.63
C LEU B 162 -16.92 -59.73 1.88
N GLY B 163 -16.14 -60.02 2.91
CA GLY B 163 -14.99 -59.20 3.24
C GLY B 163 -15.38 -57.79 3.65
N LEU B 164 -16.38 -57.67 4.52
CA LEU B 164 -16.90 -56.37 4.91
C LEU B 164 -15.94 -55.61 5.83
N ASP B 165 -14.84 -56.24 6.26
CA ASP B 165 -13.82 -55.56 7.05
C ASP B 165 -12.91 -54.67 6.20
N ASP B 166 -13.07 -54.72 4.88
CA ASP B 166 -12.19 -54.02 3.95
C ASP B 166 -12.51 -52.52 3.94
N VAL B 167 -11.65 -51.77 3.26
CA VAL B 167 -11.79 -50.32 3.10
C VAL B 167 -11.40 -49.97 1.68
N VAL B 168 -12.29 -49.26 0.97
CA VAL B 168 -12.06 -48.88 -0.42
C VAL B 168 -11.47 -47.48 -0.46
N PHE B 169 -10.36 -47.32 -1.17
CA PHE B 169 -9.71 -46.03 -1.34
C PHE B 169 -10.04 -45.47 -2.72
N HIS B 170 -10.61 -44.27 -2.73
CA HIS B 170 -10.92 -43.56 -3.98
CA HIS B 170 -10.92 -43.57 -3.99
C HIS B 170 -9.82 -42.54 -4.22
N LEU B 171 -8.93 -42.85 -5.16
CA LEU B 171 -7.77 -42.01 -5.45
C LEU B 171 -7.99 -41.23 -6.73
N ALA B 172 -7.39 -40.03 -6.78
CA ALA B 172 -7.33 -39.22 -7.98
C ALA B 172 -5.86 -39.12 -8.39
N ILE B 173 -5.51 -39.76 -9.49
CA ILE B 173 -4.12 -39.90 -9.92
C ILE B 173 -3.78 -38.80 -10.91
N THR B 174 -2.68 -38.10 -10.67
CA THR B 174 -2.24 -37.04 -11.57
C THR B 174 -1.81 -37.64 -12.91
N PRO B 175 -1.94 -36.89 -14.00
CA PRO B 175 -1.65 -37.45 -15.34
C PRO B 175 -0.18 -37.81 -15.56
N ASP B 176 0.72 -37.42 -14.66
CA ASP B 176 2.12 -37.78 -14.79
C ASP B 176 2.46 -39.10 -14.12
N ARG B 177 1.47 -39.78 -13.52
CA ARG B 177 1.71 -41.02 -12.78
C ARG B 177 0.71 -42.09 -13.23
N GLY B 178 0.69 -42.34 -14.55
CA GLY B 178 -0.17 -43.38 -15.08
C GLY B 178 0.17 -44.76 -14.54
N TYR B 179 1.43 -44.98 -14.16
CA TYR B 179 1.83 -46.24 -13.54
C TYR B 179 1.14 -46.48 -12.21
N CYS B 180 0.49 -45.47 -11.63
CA CYS B 180 -0.23 -45.61 -10.37
C CYS B 180 -1.70 -45.92 -10.57
N MET B 181 -2.13 -46.18 -11.80
CA MET B 181 -3.50 -46.65 -12.07
C MET B 181 -3.59 -48.16 -11.99
N SER B 182 -2.99 -48.75 -10.96
CA SER B 182 -2.93 -50.19 -10.79
C SER B 182 -2.47 -50.49 -9.38
N VAL B 183 -2.77 -51.71 -8.93
CA VAL B 183 -2.26 -52.16 -7.64
C VAL B 183 -0.74 -52.23 -7.68
N ARG B 184 -0.17 -52.58 -8.84
CA ARG B 184 1.27 -52.67 -8.98
C ARG B 184 1.95 -51.35 -8.65
N GLY B 185 1.47 -50.27 -9.26
CA GLY B 185 2.11 -48.97 -9.05
C GLY B 185 1.92 -48.45 -7.64
N LEU B 186 0.70 -48.54 -7.11
CA LEU B 186 0.44 -48.02 -5.78
C LEU B 186 1.19 -48.82 -4.72
N ALA B 187 1.24 -50.14 -4.87
CA ALA B 187 2.00 -50.95 -3.92
C ALA B 187 3.49 -50.61 -3.97
N ARG B 188 4.02 -50.37 -5.17
CA ARG B 188 5.41 -49.97 -5.29
C ARG B 188 5.65 -48.61 -4.62
N GLU B 189 4.69 -47.69 -4.76
CA GLU B 189 4.82 -46.40 -4.12
C GLU B 189 4.85 -46.54 -2.60
N LEU B 190 4.02 -47.42 -2.05
CA LEU B 190 4.02 -47.63 -0.61
C LEU B 190 5.32 -48.30 -0.15
N ALA B 191 5.86 -49.21 -0.96
CA ALA B 191 7.15 -49.80 -0.63
C ALA B 191 8.24 -48.74 -0.57
N CYS B 192 8.19 -47.76 -1.48
CA CYS B 192 9.12 -46.64 -1.42
C CYS B 192 8.91 -45.83 -0.15
N ALA B 193 7.65 -45.51 0.16
CA ALA B 193 7.36 -44.63 1.27
C ALA B 193 7.75 -45.26 2.60
N TYR B 194 7.57 -46.57 2.75
CA TYR B 194 7.84 -47.27 3.99
C TYR B 194 9.19 -47.99 3.98
N ASP B 195 10.03 -47.73 2.97
CA ASP B 195 11.35 -48.36 2.86
C ASP B 195 11.24 -49.88 2.92
N LEU B 196 10.35 -50.42 2.10
CA LEU B 196 10.08 -51.85 2.07
C LEU B 196 10.74 -52.50 0.87
N ASP B 197 11.02 -53.79 1.00
CA ASP B 197 11.42 -54.61 -0.13
C ASP B 197 10.18 -54.92 -0.97
N PHE B 198 10.28 -54.73 -2.28
CA PHE B 198 9.14 -54.83 -3.18
C PHE B 198 9.29 -56.05 -4.07
N VAL B 199 8.21 -56.82 -4.21
CA VAL B 199 8.15 -57.92 -5.17
C VAL B 199 7.15 -57.50 -6.25
N ASP B 200 7.67 -57.26 -7.44
CA ASP B 200 6.85 -56.78 -8.54
C ASP B 200 5.85 -57.85 -8.97
N PRO B 201 4.55 -57.59 -8.89
CA PRO B 201 3.57 -58.61 -9.33
C PRO B 201 3.61 -58.91 -10.82
N ALA B 202 4.35 -58.14 -11.61
CA ALA B 202 4.51 -58.39 -13.03
C ALA B 202 5.85 -59.01 -13.37
N SER B 203 6.70 -59.28 -12.38
CA SER B 203 7.99 -59.90 -12.64
C SER B 203 7.80 -61.35 -13.06
N ASN B 204 8.85 -61.91 -13.66
CA ASN B 204 8.80 -63.30 -14.11
C ASN B 204 8.68 -64.28 -12.96
N SER B 205 9.10 -63.89 -11.75
CA SER B 205 8.97 -64.78 -10.60
C SER B 205 7.52 -64.88 -10.14
N ARG B 206 6.72 -63.83 -10.36
CA ARG B 206 5.31 -63.87 -10.03
C ARG B 206 4.45 -64.30 -11.21
N VAL B 207 4.86 -63.99 -12.43
CA VAL B 207 4.17 -64.46 -13.62
C VAL B 207 5.17 -65.20 -14.49
N PRO B 208 5.42 -66.48 -14.23
CA PRO B 208 6.41 -67.23 -15.03
C PRO B 208 5.99 -67.28 -16.49
N PRO B 209 6.95 -67.09 -17.40
CA PRO B 209 6.59 -67.02 -18.83
C PRO B 209 6.06 -68.34 -19.34
N LEU B 210 4.99 -68.25 -20.12
CA LEU B 210 4.40 -69.42 -20.75
C LEU B 210 5.23 -69.82 -21.97
N PRO B 211 5.10 -71.08 -22.43
CA PRO B 211 5.90 -71.53 -23.57
C PRO B 211 5.71 -70.64 -24.79
N ILE B 212 6.73 -70.63 -25.65
CA ILE B 212 6.71 -69.90 -26.91
C ILE B 212 7.21 -70.88 -27.97
N GLU B 213 6.28 -71.59 -28.62
CA GLU B 213 6.62 -72.61 -29.59
C GLU B 213 6.27 -72.22 -31.02
N GLY B 214 5.67 -71.06 -31.23
CA GLY B 214 5.32 -70.62 -32.56
C GLY B 214 4.38 -69.43 -32.54
N PRO B 215 4.09 -68.86 -33.72
CA PRO B 215 3.17 -67.73 -33.79
C PRO B 215 1.75 -68.13 -33.39
N ALA B 216 1.03 -67.16 -32.82
CA ALA B 216 -0.33 -67.38 -32.36
C ALA B 216 -1.37 -66.99 -33.41
N TRP B 217 -1.06 -66.00 -34.25
CA TRP B 217 -1.98 -65.55 -35.31
C TRP B 217 -1.21 -64.66 -36.28
N PRO B 218 -1.52 -64.74 -37.58
CA PRO B 218 -0.85 -63.85 -38.55
C PRO B 218 -1.21 -62.39 -38.27
N LEU B 219 -0.19 -61.54 -38.23
CA LEU B 219 -0.36 -60.16 -37.81
C LEU B 219 0.48 -59.23 -38.68
N THR B 220 -0.15 -58.17 -39.17
CA THR B 220 0.54 -57.09 -39.88
C THR B 220 0.32 -55.78 -39.12
N VAL B 221 1.40 -55.04 -38.90
CA VAL B 221 1.35 -53.81 -38.13
C VAL B 221 1.93 -52.67 -38.97
N GLN B 222 1.16 -51.60 -39.12
CA GLN B 222 1.67 -50.38 -39.74
C GLN B 222 2.31 -49.54 -38.64
N PRO B 223 3.65 -49.44 -38.59
CA PRO B 223 4.30 -48.77 -37.46
C PRO B 223 3.99 -47.29 -37.37
N GLU B 224 3.50 -46.66 -38.44
CA GLU B 224 3.13 -45.25 -38.40
C GLU B 224 1.96 -44.99 -37.46
N THR B 225 1.25 -46.02 -37.02
CA THR B 225 0.18 -45.85 -36.05
C THR B 225 0.70 -45.58 -34.65
N GLY B 226 2.01 -45.65 -34.43
CA GLY B 226 2.58 -45.42 -33.12
C GLY B 226 2.51 -46.59 -32.16
N VAL B 227 2.08 -47.76 -32.63
CA VAL B 227 2.01 -48.93 -31.76
C VAL B 227 3.42 -49.32 -31.34
N ARG B 228 3.61 -49.55 -30.04
CA ARG B 228 4.91 -49.92 -29.50
C ARG B 228 5.04 -51.41 -29.26
N ARG B 229 3.93 -52.12 -29.07
CA ARG B 229 3.95 -53.56 -28.84
C ARG B 229 2.57 -54.12 -29.12
N PHE B 230 2.52 -55.34 -29.66
CA PHE B 230 1.25 -56.01 -29.93
C PHE B 230 1.47 -57.51 -29.78
N ALA B 231 0.91 -58.07 -28.71
CA ALA B 231 1.10 -59.48 -28.37
C ALA B 231 -0.22 -60.22 -28.37
N LEU B 232 -0.17 -61.49 -28.74
CA LEU B 232 -1.35 -62.34 -28.80
C LEU B 232 -0.99 -63.75 -28.31
N ARG B 233 -1.87 -64.33 -27.49
CA ARG B 233 -1.74 -65.70 -27.04
C ARG B 233 -3.13 -66.28 -26.89
N PRO B 234 -3.37 -67.49 -27.37
CA PRO B 234 -4.72 -68.07 -27.29
C PRO B 234 -4.93 -68.95 -26.07
N VAL B 235 -6.20 -69.07 -25.70
CA VAL B 235 -6.66 -70.01 -24.69
C VAL B 235 -7.83 -70.77 -25.30
N ILE B 236 -7.69 -72.08 -25.42
CA ILE B 236 -8.67 -72.89 -26.15
C ILE B 236 -9.45 -73.76 -25.17
N GLY B 237 -10.69 -74.07 -25.56
CA GLY B 237 -11.52 -74.98 -24.78
C GLY B 237 -11.97 -74.44 -23.44
N ILE B 238 -12.37 -73.17 -23.39
CA ILE B 238 -12.89 -72.62 -22.15
C ILE B 238 -14.34 -73.03 -21.99
N ASP B 239 -14.78 -73.19 -20.74
CA ASP B 239 -16.11 -73.70 -20.44
C ASP B 239 -17.12 -72.55 -20.44
N PRO B 240 -18.09 -72.55 -21.35
CA PRO B 240 -19.09 -71.46 -21.35
C PRO B 240 -19.96 -71.44 -20.11
N ALA B 241 -20.07 -72.54 -19.38
CA ALA B 241 -20.85 -72.57 -18.15
C ALA B 241 -20.08 -72.07 -16.94
N ALA B 242 -18.78 -71.83 -17.08
CA ALA B 242 -17.97 -71.40 -15.95
C ALA B 242 -18.27 -69.95 -15.58
N VAL B 243 -18.11 -69.64 -14.30
CA VAL B 243 -18.23 -68.28 -13.79
C VAL B 243 -16.98 -67.96 -12.96
N SER B 244 -16.68 -66.68 -12.87
CA SER B 244 -15.51 -66.25 -12.11
C SER B 244 -15.73 -66.52 -10.62
N PRO B 245 -14.68 -66.92 -9.90
CA PRO B 245 -14.82 -67.13 -8.45
C PRO B 245 -15.15 -65.81 -7.74
N TRP B 246 -15.68 -65.95 -6.52
CA TRP B 246 -16.17 -64.77 -5.82
C TRP B 246 -15.05 -63.79 -5.47
N TRP B 247 -13.86 -64.31 -5.13
CA TRP B 247 -12.76 -63.42 -4.79
C TRP B 247 -12.40 -62.52 -5.97
N LEU B 248 -12.56 -63.02 -7.19
CA LEU B 248 -12.27 -62.21 -8.37
C LEU B 248 -13.38 -61.20 -8.64
N GLN B 249 -14.63 -61.66 -8.63
CA GLN B 249 -15.75 -60.75 -8.87
C GLN B 249 -15.86 -59.70 -7.77
N ARG B 250 -15.49 -60.05 -6.55
CA ARG B 250 -15.53 -59.08 -5.45
C ARG B 250 -14.51 -57.97 -5.66
N ARG B 251 -13.28 -58.34 -6.03
CA ARG B 251 -12.24 -57.34 -6.23
C ARG B 251 -12.56 -56.42 -7.41
N LEU B 252 -13.21 -56.96 -8.45
CA LEU B 252 -13.67 -56.12 -9.55
C LEU B 252 -14.74 -55.14 -9.06
N LEU B 253 -15.71 -55.64 -8.28
CA LEU B 253 -16.78 -54.79 -7.79
C LEU B 253 -16.23 -53.65 -6.94
N LEU B 254 -15.30 -53.95 -6.03
CA LEU B 254 -14.72 -52.92 -5.18
C LEU B 254 -13.82 -51.96 -5.94
N CYS B 255 -13.47 -52.28 -7.18
CA CYS B 255 -12.71 -51.36 -8.03
C CYS B 255 -13.61 -50.62 -9.02
N GLY B 256 -14.92 -50.82 -8.94
CA GLY B 256 -15.85 -50.11 -9.80
C GLY B 256 -16.14 -50.78 -11.13
N ILE B 257 -15.88 -52.08 -11.25
CA ILE B 257 -16.08 -52.82 -12.49
C ILE B 257 -17.04 -53.96 -12.22
N ARG B 258 -17.98 -54.17 -13.16
CA ARG B 258 -18.96 -55.24 -13.05
C ARG B 258 -18.42 -56.52 -13.68
N ALA B 259 -18.71 -57.65 -13.05
CA ALA B 259 -18.35 -58.94 -13.60
C ALA B 259 -19.35 -59.34 -14.69
N THR B 260 -18.87 -60.12 -15.65
CA THR B 260 -19.73 -60.59 -16.74
C THR B 260 -19.45 -62.05 -17.06
N CYS B 261 -18.23 -62.34 -17.53
CA CYS B 261 -17.84 -63.70 -17.86
C CYS B 261 -16.36 -63.85 -17.57
N PRO B 262 -15.88 -65.08 -17.36
CA PRO B 262 -14.46 -65.27 -17.00
C PRO B 262 -13.47 -64.64 -17.96
N ALA B 263 -13.75 -64.66 -19.27
CA ALA B 263 -12.81 -64.09 -20.24
C ALA B 263 -12.65 -62.60 -20.03
N VAL B 264 -13.76 -61.88 -19.87
CA VAL B 264 -13.69 -60.43 -19.69
C VAL B 264 -13.24 -60.09 -18.27
N ASP B 265 -13.70 -60.87 -17.28
CA ASP B 265 -13.30 -60.61 -15.89
C ASP B 265 -11.80 -60.69 -15.73
N VAL B 266 -11.16 -61.67 -16.37
CA VAL B 266 -9.71 -61.84 -16.23
C VAL B 266 -8.97 -60.67 -16.86
N THR B 267 -9.43 -60.20 -18.01
CA THR B 267 -8.77 -59.05 -18.64
C THR B 267 -8.89 -57.81 -17.78
N ASN B 268 -10.07 -57.58 -17.20
CA ASN B 268 -10.25 -56.43 -16.32
C ASN B 268 -9.44 -56.57 -15.04
N TYR B 269 -9.39 -57.78 -14.48
CA TYR B 269 -8.67 -58.00 -13.23
C TYR B 269 -7.18 -57.77 -13.41
N VAL B 270 -6.60 -58.30 -14.49
CA VAL B 270 -5.17 -58.09 -14.75
C VAL B 270 -4.90 -56.63 -15.09
N MET B 271 -5.88 -55.94 -15.67
CA MET B 271 -5.73 -54.50 -15.90
C MET B 271 -5.59 -53.74 -14.60
N LEU B 272 -6.41 -54.08 -13.60
CA LEU B 272 -6.33 -53.40 -12.31
C LEU B 272 -5.05 -53.80 -11.56
N GLU B 273 -4.64 -55.06 -11.69
CA GLU B 273 -3.52 -55.54 -10.91
C GLU B 273 -2.19 -55.01 -11.43
N LEU B 274 -1.99 -55.05 -12.75
CA LEU B 274 -0.70 -54.71 -13.34
C LEU B 274 -0.69 -53.38 -14.09
N GLY B 275 -1.85 -52.82 -14.43
CA GLY B 275 -1.92 -51.58 -15.16
C GLY B 275 -1.90 -51.71 -16.65
N HIS B 276 -1.79 -52.92 -17.19
CA HIS B 276 -1.78 -53.13 -18.62
C HIS B 276 -3.17 -53.52 -19.08
N PRO B 277 -3.86 -52.69 -19.87
CA PRO B 277 -5.16 -53.10 -20.41
C PRO B 277 -5.05 -54.36 -21.25
N MET B 278 -6.06 -55.23 -21.13
CA MET B 278 -6.11 -56.48 -21.86
C MET B 278 -7.49 -56.66 -22.45
N HIS B 279 -7.55 -57.36 -23.58
CA HIS B 279 -8.81 -57.62 -24.25
C HIS B 279 -8.85 -59.06 -24.75
N ALA B 280 -10.03 -59.66 -24.69
CA ALA B 280 -10.25 -61.03 -25.14
C ALA B 280 -11.09 -61.02 -26.41
N HIS B 281 -10.55 -61.57 -27.48
CA HIS B 281 -11.29 -61.77 -28.71
C HIS B 281 -11.73 -63.23 -28.82
N ASP B 282 -12.94 -63.43 -29.30
CA ASP B 282 -13.36 -64.75 -29.75
C ASP B 282 -12.56 -65.11 -30.99
N ARG B 283 -11.65 -66.09 -30.86
CA ARG B 283 -10.78 -66.42 -32.00
C ARG B 283 -11.56 -67.06 -33.13
N ASN B 284 -12.63 -67.81 -32.81
CA ASN B 284 -13.44 -68.43 -33.85
C ASN B 284 -14.21 -67.43 -34.69
N ARG B 285 -14.23 -66.15 -34.30
CA ARG B 285 -14.89 -65.11 -35.07
C ARG B 285 -13.90 -64.17 -35.75
N ILE B 286 -12.62 -64.51 -35.74
CA ILE B 286 -11.61 -63.76 -36.48
C ILE B 286 -11.45 -64.40 -37.85
N SER B 287 -11.48 -63.58 -38.90
CA SER B 287 -11.37 -64.05 -40.28
C SER B 287 -10.09 -63.50 -40.89
N GLY B 288 -9.09 -64.38 -41.05
CA GLY B 288 -7.88 -64.01 -41.75
C GLY B 288 -6.86 -63.30 -40.88
N THR B 289 -5.98 -62.57 -41.56
CA THR B 289 -4.87 -61.90 -40.89
C THR B 289 -5.37 -60.71 -40.09
N LEU B 290 -4.83 -60.55 -38.89
CA LEU B 290 -5.14 -59.39 -38.06
C LEU B 290 -4.24 -58.22 -38.46
N GLY B 291 -4.83 -57.07 -38.72
CA GLY B 291 -4.08 -55.91 -39.14
C GLY B 291 -4.26 -54.68 -38.27
N VAL B 292 -3.16 -54.02 -37.95
CA VAL B 292 -3.17 -52.77 -37.21
C VAL B 292 -2.84 -51.65 -38.19
N ARG B 293 -3.79 -50.75 -38.40
CA ARG B 293 -3.62 -49.68 -39.37
C ARG B 293 -4.48 -48.50 -38.98
N PHE B 294 -4.19 -47.35 -39.59
CA PHE B 294 -5.06 -46.20 -39.46
C PHE B 294 -6.41 -46.47 -40.11
N ALA B 295 -7.45 -45.83 -39.58
CA ALA B 295 -8.75 -45.90 -40.23
C ALA B 295 -8.72 -45.06 -41.51
N ARG B 296 -9.65 -45.36 -42.40
CA ARG B 296 -9.82 -44.59 -43.63
C ARG B 296 -10.95 -43.59 -43.48
N SER B 297 -10.97 -42.59 -44.37
CA SER B 297 -11.99 -41.56 -44.31
C SER B 297 -13.38 -42.18 -44.45
N GLY B 298 -14.27 -41.80 -43.53
CA GLY B 298 -15.63 -42.31 -43.54
C GLY B 298 -15.81 -43.70 -42.99
N GLU B 299 -14.73 -44.38 -42.60
CA GLU B 299 -14.86 -45.71 -42.03
C GLU B 299 -15.58 -45.66 -40.70
N THR B 300 -16.43 -46.65 -40.45
CA THR B 300 -17.14 -46.78 -39.18
C THR B 300 -16.82 -48.12 -38.55
N ALA B 301 -17.26 -48.28 -37.31
CA ALA B 301 -17.05 -49.53 -36.58
C ALA B 301 -18.06 -49.59 -35.44
N VAL B 302 -18.61 -50.79 -35.21
CA VAL B 302 -19.54 -51.03 -34.13
C VAL B 302 -18.76 -51.57 -32.95
N THR B 303 -18.67 -50.77 -31.88
CA THR B 303 -18.01 -51.23 -30.67
C THR B 303 -18.86 -52.30 -29.97
N LEU B 304 -18.23 -53.00 -29.03
CA LEU B 304 -18.92 -54.11 -28.36
C LEU B 304 -20.10 -53.65 -27.52
N ASP B 305 -20.38 -52.35 -27.43
CA ASP B 305 -21.59 -51.85 -26.79
C ASP B 305 -22.74 -51.71 -27.78
N GLY B 306 -22.52 -52.00 -29.06
CA GLY B 306 -23.57 -51.95 -30.05
C GLY B 306 -23.77 -50.62 -30.74
N ILE B 307 -22.87 -49.67 -30.55
CA ILE B 307 -22.98 -48.33 -31.14
C ILE B 307 -21.98 -48.21 -32.28
N GLU B 308 -22.47 -47.72 -33.42
CA GLU B 308 -21.59 -47.44 -34.56
C GLU B 308 -20.80 -46.17 -34.30
N ARG B 309 -19.49 -46.22 -34.53
CA ARG B 309 -18.59 -45.12 -34.26
C ARG B 309 -18.02 -44.60 -35.57
N LYS B 310 -18.21 -43.31 -35.83
CA LYS B 310 -17.61 -42.67 -36.99
C LYS B 310 -16.13 -42.45 -36.72
N LEU B 311 -15.28 -43.09 -37.53
CA LEU B 311 -13.85 -43.08 -37.29
C LEU B 311 -13.17 -41.97 -38.09
N ASP B 312 -11.89 -41.77 -37.80
CA ASP B 312 -11.09 -40.70 -38.38
C ASP B 312 -9.76 -41.28 -38.84
N THR B 313 -9.16 -40.62 -39.84
CA THR B 313 -7.92 -41.13 -40.43
C THR B 313 -6.77 -41.21 -39.43
N ALA B 314 -6.87 -40.56 -38.28
CA ALA B 314 -5.85 -40.64 -37.25
C ALA B 314 -6.18 -41.64 -36.15
N ASP B 315 -7.30 -42.35 -36.27
CA ASP B 315 -7.64 -43.40 -35.32
C ASP B 315 -6.95 -44.71 -35.71
N VAL B 316 -6.42 -45.41 -34.72
CA VAL B 316 -5.76 -46.69 -34.94
C VAL B 316 -6.77 -47.80 -34.75
N LEU B 317 -6.81 -48.73 -35.70
CA LEU B 317 -7.79 -49.82 -35.69
C LEU B 317 -7.08 -51.18 -35.66
N ILE B 318 -7.79 -52.17 -35.13
CA ILE B 318 -7.48 -53.58 -35.36
C ILE B 318 -8.52 -54.11 -36.32
N VAL B 319 -8.06 -54.70 -37.43
CA VAL B 319 -8.95 -55.22 -38.45
C VAL B 319 -8.50 -56.64 -38.82
N ASP B 320 -9.45 -57.41 -39.35
CA ASP B 320 -9.17 -58.66 -40.03
C ASP B 320 -9.68 -58.54 -41.46
N ASP B 321 -9.77 -59.67 -42.16
CA ASP B 321 -10.17 -59.63 -43.56
C ASP B 321 -11.63 -59.28 -43.75
N ALA B 322 -12.43 -59.33 -42.70
CA ALA B 322 -13.88 -59.13 -42.82
C ALA B 322 -14.39 -57.89 -42.10
N ALA B 323 -13.85 -57.53 -40.95
CA ALA B 323 -14.41 -56.45 -40.17
C ALA B 323 -13.33 -55.82 -39.29
N THR B 324 -13.70 -54.72 -38.65
CA THR B 324 -12.86 -54.12 -37.63
C THR B 324 -13.00 -54.92 -36.34
N ALA B 325 -11.87 -55.20 -35.68
CA ALA B 325 -11.87 -55.96 -34.45
C ALA B 325 -11.86 -55.09 -33.20
N ALA B 326 -11.30 -53.88 -33.30
CA ALA B 326 -11.22 -53.00 -32.14
C ALA B 326 -10.80 -51.61 -32.60
N ILE B 327 -11.16 -50.62 -31.80
CA ILE B 327 -10.58 -49.29 -31.88
C ILE B 327 -9.36 -49.30 -30.96
N GLY B 328 -8.17 -49.28 -31.56
CA GLY B 328 -6.92 -49.47 -30.85
C GLY B 328 -6.77 -48.75 -29.52
N GLY B 329 -6.87 -49.50 -28.42
CA GLY B 329 -6.68 -48.94 -27.11
C GLY B 329 -7.86 -48.18 -26.54
N VAL B 330 -9.03 -48.25 -27.18
CA VAL B 330 -10.21 -47.56 -26.67
C VAL B 330 -11.31 -48.56 -26.36
N MET B 331 -11.67 -49.38 -27.36
CA MET B 331 -12.75 -50.35 -27.17
C MET B 331 -12.69 -51.39 -28.28
N GLY B 332 -13.01 -52.63 -27.92
CA GLY B 332 -13.11 -53.68 -28.91
C GLY B 332 -14.43 -53.63 -29.66
N ALA B 333 -14.42 -54.23 -30.84
CA ALA B 333 -15.60 -54.23 -31.69
C ALA B 333 -16.50 -55.43 -31.36
N ALA B 334 -17.76 -55.32 -31.80
CA ALA B 334 -18.73 -56.38 -31.57
C ALA B 334 -18.48 -57.60 -32.44
N SER B 335 -17.58 -57.52 -33.42
CA SER B 335 -17.37 -58.66 -34.32
C SER B 335 -16.63 -59.78 -33.61
N THR B 336 -15.59 -59.45 -32.84
CA THR B 336 -14.78 -60.46 -32.17
C THR B 336 -15.00 -60.49 -30.66
N GLU B 337 -16.06 -59.86 -30.15
CA GLU B 337 -16.30 -59.85 -28.72
C GLU B 337 -16.60 -61.26 -28.22
N VAL B 338 -16.32 -61.49 -26.94
CA VAL B 338 -16.60 -62.77 -26.31
C VAL B 338 -18.06 -62.80 -25.89
N ARG B 339 -18.75 -63.89 -26.20
CA ARG B 339 -20.15 -64.07 -25.86
C ARG B 339 -20.33 -65.30 -24.99
N ALA B 340 -21.59 -65.64 -24.71
CA ALA B 340 -21.90 -66.73 -23.79
C ALA B 340 -21.47 -68.09 -24.32
N ASP B 341 -21.32 -68.25 -25.64
CA ASP B 341 -20.94 -69.52 -26.24
C ASP B 341 -19.50 -69.52 -26.75
N SER B 342 -18.70 -68.52 -26.38
CA SER B 342 -17.32 -68.47 -26.81
C SER B 342 -16.50 -69.55 -26.13
N THR B 343 -15.79 -70.35 -26.92
CA THR B 343 -14.99 -71.46 -26.40
C THR B 343 -13.50 -71.29 -26.62
N ASP B 344 -13.09 -70.50 -27.60
CA ASP B 344 -11.68 -70.29 -27.92
C ASP B 344 -11.40 -68.80 -27.95
N VAL B 345 -10.39 -68.37 -27.22
CA VAL B 345 -10.14 -66.96 -26.96
C VAL B 345 -8.73 -66.60 -27.41
N LEU B 346 -8.60 -65.46 -28.09
CA LEU B 346 -7.31 -64.88 -28.43
C LEU B 346 -7.15 -63.60 -27.62
N LEU B 347 -6.23 -63.62 -26.65
CA LEU B 347 -6.01 -62.48 -25.78
C LEU B 347 -5.05 -61.49 -26.42
N GLU B 348 -5.37 -60.21 -26.30
CA GLU B 348 -4.60 -59.15 -26.93
C GLU B 348 -3.93 -58.29 -25.87
N ALA B 349 -2.61 -58.13 -25.98
CA ALA B 349 -1.82 -57.29 -25.08
C ALA B 349 -1.05 -56.30 -25.97
N ALA B 350 -1.53 -55.07 -26.05
CA ALA B 350 -0.95 -54.08 -26.95
C ALA B 350 -0.62 -52.79 -26.21
N ILE B 351 0.39 -52.08 -26.71
CA ILE B 351 0.77 -50.76 -26.23
C ILE B 351 0.56 -49.77 -27.36
N TRP B 352 -0.33 -48.81 -27.16
CA TRP B 352 -0.71 -47.86 -28.19
C TRP B 352 -0.10 -46.49 -27.91
N ASP B 353 -0.04 -45.68 -28.95
CA ASP B 353 0.46 -44.32 -28.83
C ASP B 353 -0.45 -43.51 -27.90
N PRO B 354 0.08 -42.92 -26.83
CA PRO B 354 -0.80 -42.19 -25.90
C PRO B 354 -1.53 -41.03 -26.54
N ALA B 355 -0.88 -40.28 -27.42
CA ALA B 355 -1.53 -39.14 -28.05
C ALA B 355 -2.65 -39.59 -28.99
N ALA B 356 -2.42 -40.66 -29.75
CA ALA B 356 -3.45 -41.15 -30.66
C ALA B 356 -4.68 -41.61 -29.91
N VAL B 357 -4.49 -42.32 -28.78
CA VAL B 357 -5.63 -42.78 -27.99
C VAL B 357 -6.36 -41.60 -27.37
N SER B 358 -5.62 -40.62 -26.84
CA SER B 358 -6.24 -39.46 -26.23
C SER B 358 -7.10 -38.69 -27.22
N ARG B 359 -6.59 -38.52 -28.45
CA ARG B 359 -7.36 -37.83 -29.47
C ARG B 359 -8.62 -38.61 -29.84
N THR B 360 -8.49 -39.92 -30.02
CA THR B 360 -9.61 -40.73 -30.47
C THR B 360 -10.68 -40.85 -29.40
N GLN B 361 -10.29 -41.17 -28.17
CA GLN B 361 -11.28 -41.36 -27.10
C GLN B 361 -12.01 -40.07 -26.77
N ARG B 362 -11.32 -38.93 -26.88
CA ARG B 362 -11.99 -37.65 -26.60
C ARG B 362 -12.99 -37.31 -27.70
N ARG B 363 -12.59 -37.49 -28.96
CA ARG B 363 -13.49 -37.22 -30.08
C ARG B 363 -14.70 -38.14 -30.06
N LEU B 364 -14.51 -39.39 -29.64
CA LEU B 364 -15.60 -40.36 -29.61
C LEU B 364 -16.33 -40.40 -28.29
N HIS B 365 -15.91 -39.60 -27.31
CA HIS B 365 -16.54 -39.55 -25.99
C HIS B 365 -16.52 -40.92 -25.32
N LEU B 366 -15.36 -41.60 -25.39
CA LEU B 366 -15.20 -42.94 -24.86
C LEU B 366 -14.01 -42.98 -23.91
N PRO B 367 -14.16 -42.49 -22.68
CA PRO B 367 -13.08 -42.56 -21.69
C PRO B 367 -13.09 -43.90 -20.93
N SER B 368 -12.85 -44.98 -21.67
CA SER B 368 -12.89 -46.32 -21.09
C SER B 368 -11.72 -46.53 -20.13
N GLU B 369 -11.84 -47.58 -19.31
CA GLU B 369 -10.77 -47.92 -18.38
C GLU B 369 -9.45 -48.17 -19.11
N ALA B 370 -9.52 -48.70 -20.32
CA ALA B 370 -8.30 -48.89 -21.12
C ALA B 370 -7.81 -47.57 -21.70
N ALA B 371 -8.74 -46.71 -22.13
CA ALA B 371 -8.35 -45.47 -22.80
C ALA B 371 -7.57 -44.54 -21.87
N ARG B 372 -8.10 -44.31 -20.66
CA ARG B 372 -7.43 -43.40 -19.74
C ARG B 372 -6.08 -43.93 -19.27
N ARG B 373 -5.86 -45.24 -19.34
CA ARG B 373 -4.55 -45.78 -18.99
C ARG B 373 -3.57 -45.63 -20.14
N TYR B 374 -4.02 -45.86 -21.38
CA TYR B 374 -3.13 -45.74 -22.53
C TYR B 374 -2.70 -44.30 -22.75
N GLU B 375 -3.63 -43.34 -22.61
CA GLU B 375 -3.27 -41.94 -22.81
C GLU B 375 -2.31 -41.43 -21.74
N ARG B 376 -2.20 -42.12 -20.61
CA ARG B 376 -1.22 -41.79 -19.58
C ARG B 376 0.01 -42.69 -19.64
N THR B 377 0.18 -43.42 -20.74
CA THR B 377 1.27 -44.36 -21.00
C THR B 377 1.20 -45.62 -20.13
N VAL B 378 1.33 -46.78 -20.76
CA VAL B 378 1.34 -48.07 -20.10
C VAL B 378 2.71 -48.69 -20.31
N ASP B 379 3.25 -49.31 -19.25
CA ASP B 379 4.57 -49.94 -19.28
C ASP B 379 4.65 -50.97 -20.40
N PRO B 380 5.46 -50.72 -21.44
CA PRO B 380 5.52 -51.66 -22.57
C PRO B 380 6.32 -52.91 -22.26
N ALA B 381 7.04 -52.96 -21.14
CA ALA B 381 7.87 -54.12 -20.82
C ALA B 381 7.08 -55.28 -20.23
N ILE B 382 5.86 -55.03 -19.77
CA ILE B 382 5.06 -56.05 -19.09
C ILE B 382 3.96 -56.61 -19.97
N SER B 383 4.02 -56.35 -21.28
CA SER B 383 2.92 -56.75 -22.17
C SER B 383 2.75 -58.27 -22.20
N VAL B 384 3.85 -59.01 -22.36
CA VAL B 384 3.76 -60.47 -22.40
C VAL B 384 3.49 -61.02 -21.00
N ALA B 385 4.06 -60.40 -19.98
CA ALA B 385 3.76 -60.79 -18.60
C ALA B 385 2.27 -60.68 -18.32
N ALA B 386 1.68 -59.53 -18.64
CA ALA B 386 0.24 -59.36 -18.48
C ALA B 386 -0.53 -60.35 -19.34
N LEU B 387 -0.02 -60.63 -20.55
CA LEU B 387 -0.67 -61.61 -21.42
C LEU B 387 -0.64 -62.99 -20.79
N ASP B 388 0.53 -63.41 -20.32
CA ASP B 388 0.65 -64.74 -19.71
C ASP B 388 -0.15 -64.83 -18.41
N ARG B 389 -0.17 -63.75 -17.62
CA ARG B 389 -0.99 -63.73 -16.42
C ARG B 389 -2.46 -63.94 -16.76
N CYS B 390 -2.92 -63.33 -17.85
CA CYS B 390 -4.31 -63.50 -18.29
C CYS B 390 -4.57 -64.93 -18.73
N ALA B 391 -3.71 -65.48 -19.58
CA ALA B 391 -3.94 -66.80 -20.15
C ALA B 391 -4.01 -67.88 -19.07
N ARG B 392 -3.11 -67.81 -18.09
CA ARG B 392 -3.09 -68.81 -17.02
C ARG B 392 -4.32 -68.68 -16.13
N LEU B 393 -4.70 -67.44 -15.79
CA LEU B 393 -5.86 -67.24 -14.93
C LEU B 393 -7.15 -67.68 -15.61
N LEU B 394 -7.30 -67.35 -16.90
CA LEU B 394 -8.51 -67.74 -17.62
C LEU B 394 -8.59 -69.25 -17.79
N ALA B 395 -7.47 -69.89 -18.16
CA ALA B 395 -7.46 -71.34 -18.29
C ALA B 395 -7.81 -72.03 -16.97
N ASP B 396 -7.28 -71.50 -15.86
CA ASP B 396 -7.59 -72.07 -14.55
C ASP B 396 -9.07 -71.91 -14.22
N ILE B 397 -9.62 -70.72 -14.45
CA ILE B 397 -10.97 -70.42 -13.99
C ILE B 397 -12.02 -71.03 -14.91
N ALA B 398 -11.78 -71.00 -16.22
CA ALA B 398 -12.77 -71.46 -17.20
C ALA B 398 -12.49 -72.88 -17.68
N GLY B 399 -11.58 -73.60 -17.05
CA GLY B 399 -11.32 -74.98 -17.45
C GLY B 399 -10.75 -75.13 -18.83
N GLY B 400 -10.02 -74.13 -19.32
CA GLY B 400 -9.43 -74.19 -20.63
C GLY B 400 -7.98 -74.66 -20.60
N GLU B 401 -7.30 -74.48 -21.73
CA GLU B 401 -5.90 -74.85 -21.85
C GLU B 401 -5.15 -73.73 -22.55
N VAL B 402 -4.03 -73.31 -21.96
CA VAL B 402 -3.20 -72.28 -22.59
C VAL B 402 -2.51 -72.87 -23.82
N SER B 403 -2.57 -72.13 -24.92
CA SER B 403 -1.85 -72.63 -26.09
C SER B 403 -0.40 -72.13 -26.05
N PRO B 404 0.57 -72.98 -26.41
CA PRO B 404 1.98 -72.58 -26.28
C PRO B 404 2.46 -71.66 -27.39
N THR B 405 1.53 -71.05 -28.12
CA THR B 405 1.87 -70.14 -29.21
C THR B 405 1.80 -68.70 -28.74
N LEU B 406 2.59 -67.84 -29.37
CA LEU B 406 2.67 -66.44 -28.97
C LEU B 406 3.16 -65.59 -30.14
N THR B 407 2.41 -64.56 -30.47
CA THR B 407 2.85 -63.50 -31.37
C THR B 407 3.25 -62.30 -30.53
N ASP B 408 4.39 -61.69 -30.85
CA ASP B 408 4.90 -60.57 -30.05
C ASP B 408 5.61 -59.58 -30.96
N TRP B 409 4.82 -58.69 -31.57
CA TRP B 409 5.38 -57.61 -32.38
C TRP B 409 5.93 -56.53 -31.46
N ARG B 410 7.21 -56.20 -31.65
CA ARG B 410 7.90 -55.26 -30.76
C ARG B 410 8.55 -54.13 -31.55
N GLY B 411 7.99 -53.77 -32.69
CA GLY B 411 8.53 -52.71 -33.51
C GLY B 411 9.46 -53.22 -34.58
N ASP B 412 9.72 -52.35 -35.57
CA ASP B 412 10.61 -52.67 -36.68
C ASP B 412 11.76 -51.68 -36.72
N PRO B 413 12.99 -52.06 -36.35
CA PRO B 413 13.40 -53.40 -35.87
C PRO B 413 12.94 -53.66 -34.43
N PRO B 414 12.89 -54.92 -34.02
CA PRO B 414 12.40 -55.25 -32.68
C PRO B 414 13.13 -54.50 -31.58
N CYS B 415 12.36 -53.97 -30.64
CA CYS B 415 12.92 -53.26 -29.49
C CYS B 415 13.05 -54.22 -28.31
N ASP B 416 14.26 -54.27 -27.73
CA ASP B 416 14.53 -55.18 -26.63
C ASP B 416 14.61 -54.48 -25.28
N ASP B 417 14.92 -53.19 -25.25
CA ASP B 417 15.02 -52.42 -24.02
C ASP B 417 14.08 -51.23 -24.10
N TRP B 418 13.14 -51.14 -23.16
CA TRP B 418 12.14 -50.09 -23.13
C TRP B 418 12.50 -48.98 -22.15
N SER B 419 13.75 -48.90 -21.72
CA SER B 419 14.14 -47.91 -20.73
C SER B 419 14.30 -46.54 -21.38
N PRO B 420 13.81 -45.48 -20.74
CA PRO B 420 14.02 -44.12 -21.25
C PRO B 420 15.50 -43.77 -21.29
N PRO B 421 15.87 -42.68 -21.94
CA PRO B 421 17.28 -42.31 -22.00
C PRO B 421 17.81 -41.97 -20.61
N PRO B 422 19.09 -42.24 -20.37
CA PRO B 422 19.66 -41.91 -19.05
C PRO B 422 19.75 -40.41 -18.84
N ILE B 423 19.82 -40.03 -17.57
CA ILE B 423 19.87 -38.63 -17.17
C ILE B 423 21.09 -38.41 -16.28
N ARG B 424 21.86 -37.37 -16.59
CA ARG B 424 22.98 -36.96 -15.76
C ARG B 424 22.52 -35.88 -14.78
N MET B 425 22.92 -36.02 -13.53
CA MET B 425 22.53 -35.07 -12.50
C MET B 425 23.56 -35.05 -11.39
N GLY B 426 23.83 -33.87 -10.85
CA GLY B 426 24.73 -33.77 -9.71
C GLY B 426 24.12 -34.42 -8.48
N VAL B 427 25.00 -35.01 -7.66
CA VAL B 427 24.54 -35.80 -6.52
C VAL B 427 23.82 -34.92 -5.49
N ASP B 428 24.14 -33.61 -5.46
CA ASP B 428 23.54 -32.71 -4.50
C ASP B 428 22.48 -31.80 -5.12
N VAL B 429 22.12 -32.02 -6.39
CA VAL B 429 21.11 -31.18 -7.03
C VAL B 429 19.78 -31.22 -6.29
N PRO B 430 19.26 -32.38 -5.84
CA PRO B 430 18.05 -32.33 -5.00
C PRO B 430 18.23 -31.52 -3.73
N ASP B 431 19.43 -31.53 -3.14
CA ASP B 431 19.68 -30.73 -1.94
C ASP B 431 19.57 -29.24 -2.23
N ARG B 432 20.13 -28.80 -3.36
CA ARG B 432 20.13 -27.38 -3.67
C ARG B 432 18.72 -26.86 -3.95
N ILE B 433 17.93 -27.63 -4.70
CA ILE B 433 16.57 -27.20 -5.02
C ILE B 433 15.67 -27.26 -3.78
N ALA B 434 15.92 -28.21 -2.88
CA ALA B 434 15.13 -28.31 -1.67
C ALA B 434 15.57 -27.35 -0.58
N GLY B 435 16.79 -26.84 -0.64
CA GLY B 435 17.32 -26.07 0.46
C GLY B 435 17.59 -26.89 1.70
N VAL B 436 17.80 -28.19 1.54
CA VAL B 436 17.95 -29.12 2.65
C VAL B 436 19.19 -29.96 2.40
N ALA B 437 20.04 -30.09 3.41
CA ALA B 437 21.19 -30.99 3.34
C ALA B 437 20.71 -32.39 3.67
N TYR B 438 20.50 -33.21 2.65
CA TYR B 438 20.09 -34.58 2.90
C TYR B 438 21.31 -35.44 3.26
N PRO B 439 21.10 -36.53 4.00
CA PRO B 439 22.21 -37.44 4.29
C PRO B 439 22.83 -37.98 3.00
N GLN B 440 24.09 -38.37 3.11
CA GLN B 440 24.81 -38.91 1.96
C GLN B 440 24.13 -40.18 1.47
N GLY B 441 23.97 -40.28 0.15
CA GLY B 441 23.32 -41.43 -0.46
C GLY B 441 21.82 -41.35 -0.54
N THR B 442 21.21 -40.25 -0.09
CA THR B 442 19.76 -40.13 -0.14
C THR B 442 19.25 -40.14 -1.58
N THR B 443 19.87 -39.34 -2.44
CA THR B 443 19.42 -39.24 -3.82
C THR B 443 19.55 -40.58 -4.54
N ALA B 444 20.70 -41.23 -4.41
CA ALA B 444 20.91 -42.52 -5.07
C ALA B 444 19.94 -43.57 -4.54
N ARG B 445 19.71 -43.59 -3.23
CA ARG B 445 18.82 -44.58 -2.64
C ARG B 445 17.39 -44.39 -3.14
N ARG B 446 16.91 -43.15 -3.15
CA ARG B 446 15.53 -42.89 -3.55
C ARG B 446 15.31 -43.18 -5.03
N LEU B 447 16.30 -42.86 -5.87
CA LEU B 447 16.14 -43.09 -7.30
C LEU B 447 16.20 -44.58 -7.64
N ALA B 448 17.01 -45.35 -6.90
CA ALA B 448 16.98 -46.80 -7.08
C ALA B 448 15.70 -47.40 -6.52
N GLN B 449 15.12 -46.78 -5.49
CA GLN B 449 13.87 -47.26 -4.91
C GLN B 449 12.75 -47.26 -5.95
N ILE B 450 12.61 -46.16 -6.70
CA ILE B 450 11.54 -46.04 -7.68
C ILE B 450 11.82 -46.82 -8.95
N GLY B 451 12.92 -47.56 -9.02
CA GLY B 451 13.18 -48.48 -10.11
C GLY B 451 14.21 -48.04 -11.14
N ALA B 452 14.94 -46.96 -10.89
CA ALA B 452 15.93 -46.50 -11.84
C ALA B 452 17.29 -47.15 -11.57
N VAL B 453 18.13 -47.18 -12.61
CA VAL B 453 19.50 -47.65 -12.50
C VAL B 453 20.40 -46.44 -12.30
N VAL B 454 21.21 -46.47 -11.25
CA VAL B 454 22.04 -45.33 -10.85
C VAL B 454 23.50 -45.77 -10.88
N THR B 455 24.32 -45.06 -11.66
CA THR B 455 25.75 -45.24 -11.68
C THR B 455 26.43 -43.95 -11.25
N HIS B 456 27.55 -44.09 -10.55
CA HIS B 456 28.26 -42.96 -9.97
C HIS B 456 29.55 -42.69 -10.74
N ASP B 457 29.72 -41.45 -11.19
CA ASP B 457 30.94 -41.00 -11.86
C ASP B 457 31.45 -39.79 -11.09
N GLY B 458 32.05 -40.06 -9.92
CA GLY B 458 32.52 -38.99 -9.06
C GLY B 458 31.39 -38.29 -8.34
N ASP B 459 31.09 -37.06 -8.76
CA ASP B 459 30.00 -36.28 -8.20
C ASP B 459 28.77 -36.25 -9.08
N THR B 460 28.83 -36.88 -10.26
CA THR B 460 27.74 -36.87 -11.22
C THR B 460 27.06 -38.23 -11.23
N LEU B 461 25.73 -38.23 -11.10
CA LEU B 461 24.94 -39.45 -11.18
C LEU B 461 24.40 -39.63 -12.59
N THR B 462 24.46 -40.85 -13.10
CA THR B 462 23.83 -41.23 -14.35
C THR B 462 22.63 -42.11 -13.99
N VAL B 463 21.43 -41.61 -14.28
CA VAL B 463 20.19 -42.24 -13.84
C VAL B 463 19.39 -42.67 -15.05
N THR B 464 19.11 -43.97 -15.14
CA THR B 464 18.24 -44.50 -16.19
C THR B 464 16.90 -44.89 -15.57
N PRO B 465 15.83 -44.13 -15.81
CA PRO B 465 14.54 -44.45 -15.19
C PRO B 465 13.97 -45.74 -15.74
N PRO B 466 13.11 -46.42 -14.99
CA PRO B 466 12.51 -47.66 -15.49
C PRO B 466 11.50 -47.38 -16.59
N SER B 467 11.10 -48.47 -17.26
CA SER B 467 10.22 -48.35 -18.42
C SER B 467 8.82 -47.85 -18.06
N TRP B 468 8.39 -48.04 -16.82
CA TRP B 468 7.06 -47.61 -16.41
C TRP B 468 7.04 -46.17 -15.91
N ARG B 469 8.14 -45.44 -16.01
CA ARG B 469 8.23 -44.05 -15.59
C ARG B 469 8.69 -43.18 -16.76
N PRO B 470 7.86 -43.03 -17.81
CA PRO B 470 8.22 -42.12 -18.90
C PRO B 470 8.11 -40.65 -18.53
N ASP B 471 7.66 -40.33 -17.32
CA ASP B 471 7.61 -38.94 -16.86
C ASP B 471 8.97 -38.44 -16.40
N LEU B 472 9.93 -39.33 -16.13
CA LEU B 472 11.25 -38.95 -15.65
C LEU B 472 12.15 -38.70 -16.87
N ARG B 473 12.21 -37.44 -17.29
CA ARG B 473 12.99 -37.06 -18.47
C ARG B 473 14.07 -36.04 -18.19
N GLN B 474 13.93 -35.22 -17.15
CA GLN B 474 14.86 -34.16 -16.83
C GLN B 474 15.30 -34.26 -15.37
N PRO B 475 16.43 -33.65 -15.02
CA PRO B 475 16.87 -33.69 -13.60
C PRO B 475 15.82 -33.17 -12.64
N ALA B 476 15.03 -32.18 -13.03
CA ALA B 476 13.96 -31.68 -12.17
C ALA B 476 12.97 -32.79 -11.82
N ASP B 477 12.72 -33.70 -12.77
CA ASP B 477 11.83 -34.84 -12.49
C ASP B 477 12.44 -35.75 -11.44
N LEU B 478 13.74 -36.01 -11.51
CA LEU B 478 14.40 -36.83 -10.50
C LEU B 478 14.38 -36.13 -9.14
N VAL B 479 14.53 -34.80 -9.15
CA VAL B 479 14.49 -34.04 -7.91
C VAL B 479 13.17 -34.24 -7.19
N GLU B 480 12.06 -34.17 -7.94
CA GLU B 480 10.74 -34.34 -7.33
C GLU B 480 10.61 -35.71 -6.68
N GLU B 481 11.17 -36.75 -7.31
CA GLU B 481 11.11 -38.09 -6.74
C GLU B 481 11.81 -38.14 -5.38
N VAL B 482 12.99 -37.54 -5.29
CA VAL B 482 13.74 -37.56 -4.04
C VAL B 482 13.03 -36.74 -2.98
N LEU B 483 12.56 -35.54 -3.35
CA LEU B 483 11.96 -34.64 -2.36
C LEU B 483 10.64 -35.20 -1.83
N ARG B 484 9.80 -35.76 -2.70
CA ARG B 484 8.51 -36.25 -2.25
C ARG B 484 8.64 -37.50 -1.39
N LEU B 485 9.68 -38.31 -1.63
CA LEU B 485 9.87 -39.51 -0.82
C LEU B 485 10.51 -39.19 0.52
N GLU B 486 11.39 -38.19 0.57
CA GLU B 486 11.91 -37.73 1.85
C GLU B 486 10.85 -36.95 2.62
N GLY B 487 9.90 -36.34 1.90
CA GLY B 487 8.84 -35.58 2.54
C GLY B 487 9.07 -34.08 2.48
N LEU B 488 8.13 -33.35 1.90
CA LEU B 488 8.26 -31.90 1.78
C LEU B 488 8.22 -31.20 3.14
N GLU B 489 7.86 -31.92 4.21
CA GLU B 489 7.77 -31.30 5.53
C GLU B 489 9.15 -30.95 6.10
N VAL B 490 10.23 -31.53 5.57
CA VAL B 490 11.56 -31.26 6.09
C VAL B 490 12.20 -30.03 5.44
N ILE B 491 11.53 -29.41 4.48
CA ILE B 491 12.04 -28.21 3.82
C ILE B 491 11.78 -27.01 4.71
N PRO B 492 12.80 -26.23 5.07
CA PRO B 492 12.59 -25.13 6.01
C PRO B 492 11.95 -23.93 5.34
N SER B 493 11.52 -22.98 6.17
CA SER B 493 10.85 -21.77 5.72
C SER B 493 11.85 -20.62 5.76
N VAL B 494 12.30 -20.17 4.59
CA VAL B 494 13.30 -19.11 4.49
C VAL B 494 12.79 -18.05 3.52
N LEU B 495 12.81 -16.79 3.95
CA LEU B 495 12.31 -15.71 3.12
C LEU B 495 13.30 -15.40 1.99
N PRO B 496 12.81 -15.21 0.77
CA PRO B 496 13.72 -15.01 -0.37
C PRO B 496 14.36 -13.64 -0.33
N PRO B 497 15.47 -13.44 -1.08
CA PRO B 497 16.15 -12.12 -1.11
C PRO B 497 15.54 -11.20 -2.16
N ALA B 498 14.34 -10.70 -1.89
CA ALA B 498 13.66 -9.82 -2.83
C ALA B 498 14.35 -8.47 -2.86
N PRO B 499 14.47 -7.84 -4.03
CA PRO B 499 15.09 -6.53 -4.11
C PRO B 499 14.08 -5.43 -3.81
N ALA B 500 14.61 -4.21 -3.70
CA ALA B 500 13.76 -3.05 -3.47
C ALA B 500 12.84 -2.84 -4.68
N GLY B 501 11.53 -2.79 -4.42
CA GLY B 501 10.56 -2.63 -5.48
C GLY B 501 10.10 -1.19 -5.65
N ARG B 502 9.37 -0.97 -6.73
CA ARG B 502 8.83 0.35 -7.06
C ARG B 502 7.42 0.57 -6.54
N GLY B 503 6.79 -0.47 -5.97
CA GLY B 503 5.45 -0.31 -5.45
C GLY B 503 4.39 -0.42 -6.54
N LEU B 504 3.26 0.23 -6.28
CA LEU B 504 2.15 0.22 -7.23
C LEU B 504 2.40 1.21 -8.36
N THR B 505 2.00 0.82 -9.57
CA THR B 505 2.03 1.74 -10.69
C THR B 505 1.01 2.87 -10.47
N ALA B 506 1.14 3.92 -11.27
CA ALA B 506 0.19 5.02 -11.19
C ALA B 506 -1.22 4.55 -11.50
N GLY B 507 -1.37 3.67 -12.50
CA GLY B 507 -2.68 3.12 -12.81
C GLY B 507 -3.27 2.30 -11.68
N GLN B 508 -2.41 1.53 -10.99
CA GLN B 508 -2.89 0.72 -9.88
C GLN B 508 -3.36 1.59 -8.71
N GLN B 509 -2.63 2.66 -8.41
CA GLN B 509 -3.08 3.59 -7.37
C GLN B 509 -4.35 4.32 -7.79
N ARG B 510 -4.49 4.61 -9.09
CA ARG B 510 -5.69 5.32 -9.55
C ARG B 510 -6.95 4.50 -9.35
N ARG B 511 -6.88 3.19 -9.63
CA ARG B 511 -8.05 2.35 -9.46
C ARG B 511 -8.47 2.28 -7.99
N ARG B 512 -7.50 2.26 -7.08
CA ARG B 512 -7.82 2.28 -5.66
C ARG B 512 -8.53 3.57 -5.28
N THR B 513 -8.02 4.71 -5.75
CA THR B 513 -8.61 5.99 -5.41
C THR B 513 -10.02 6.13 -5.97
N ILE B 514 -10.25 5.64 -7.19
CA ILE B 514 -11.57 5.71 -7.79
C ILE B 514 -12.55 4.84 -7.01
N GLY B 515 -12.15 3.60 -6.71
CA GLY B 515 -13.02 2.72 -5.95
C GLY B 515 -13.31 3.25 -4.55
N ARG B 516 -12.29 3.84 -3.90
CA ARG B 516 -12.51 4.42 -2.58
C ARG B 516 -13.48 5.60 -2.65
N SER B 517 -13.31 6.46 -3.66
CA SER B 517 -14.12 7.67 -3.74
C SER B 517 -15.57 7.35 -4.06
N LEU B 518 -15.81 6.40 -4.97
CA LEU B 518 -17.18 6.01 -5.30
C LEU B 518 -17.87 5.36 -4.12
N ALA B 519 -17.17 4.44 -3.44
CA ALA B 519 -17.73 3.80 -2.25
C ALA B 519 -18.09 4.82 -1.18
N LEU B 520 -17.19 5.77 -0.92
CA LEU B 520 -17.47 6.82 0.05
C LEU B 520 -18.57 7.75 -0.44
N SER B 521 -18.88 7.76 -1.73
CA SER B 521 -19.92 8.60 -2.29
C SER B 521 -21.27 7.89 -2.39
N GLY B 522 -21.39 6.69 -1.84
CA GLY B 522 -22.64 5.98 -1.82
C GLY B 522 -22.83 4.93 -2.90
N TYR B 523 -21.75 4.40 -3.46
CA TYR B 523 -21.84 3.36 -4.48
C TYR B 523 -21.35 2.05 -3.90
N VAL B 524 -21.93 0.94 -4.39
CA VAL B 524 -21.58 -0.40 -3.97
C VAL B 524 -20.88 -1.09 -5.12
N GLU B 525 -19.72 -1.68 -4.86
CA GLU B 525 -18.95 -2.31 -5.91
C GLU B 525 -19.42 -3.74 -6.14
N ILE B 526 -19.47 -4.12 -7.42
CA ILE B 526 -19.81 -5.49 -7.81
C ILE B 526 -18.77 -5.98 -8.80
N LEU B 527 -18.66 -7.30 -8.90
CA LEU B 527 -17.75 -7.93 -9.84
C LEU B 527 -18.49 -8.21 -11.14
N PRO B 528 -18.19 -7.55 -12.24
CA PRO B 528 -18.97 -7.74 -13.47
C PRO B 528 -18.56 -9.02 -14.19
N THR B 529 -19.56 -9.79 -14.60
CA THR B 529 -19.30 -10.99 -15.37
C THR B 529 -18.82 -10.62 -16.78
N PRO B 530 -17.82 -11.32 -17.32
CA PRO B 530 -17.30 -10.96 -18.64
C PRO B 530 -18.19 -11.42 -19.79
N PHE B 531 -19.26 -12.16 -19.52
CA PHE B 531 -20.13 -12.69 -20.56
C PHE B 531 -21.36 -11.79 -20.70
N LEU B 532 -21.64 -11.38 -21.93
CA LEU B 532 -22.78 -10.50 -22.18
C LEU B 532 -24.08 -11.30 -22.09
N PRO B 533 -25.15 -10.69 -21.57
CA PRO B 533 -26.45 -11.37 -21.57
C PRO B 533 -26.98 -11.56 -22.98
N ALA B 534 -27.97 -12.44 -23.09
CA ALA B 534 -28.50 -12.83 -24.39
C ALA B 534 -29.24 -11.66 -25.04
N GLY B 535 -28.75 -11.22 -26.20
CA GLY B 535 -29.43 -10.19 -26.97
C GLY B 535 -29.61 -8.87 -26.24
N VAL B 536 -28.62 -8.47 -25.44
CA VAL B 536 -28.74 -7.22 -24.70
C VAL B 536 -28.66 -6.03 -25.65
N PHE B 537 -27.79 -6.11 -26.66
CA PHE B 537 -27.66 -5.01 -27.61
C PHE B 537 -28.92 -4.83 -28.44
N ASP B 538 -29.67 -5.91 -28.66
CA ASP B 538 -30.97 -5.78 -29.30
C ASP B 538 -31.94 -5.01 -28.39
N LEU B 539 -31.86 -5.24 -27.08
CA LEU B 539 -32.68 -4.47 -26.15
C LEU B 539 -32.29 -3.00 -26.15
N TRP B 540 -30.99 -2.73 -26.29
CA TRP B 540 -30.52 -1.35 -26.37
C TRP B 540 -30.90 -0.68 -27.69
N GLY B 541 -31.31 -1.45 -28.69
CA GLY B 541 -31.62 -0.89 -29.99
C GLY B 541 -30.42 -0.41 -30.76
N LEU B 542 -29.26 -1.02 -30.55
CA LEU B 542 -28.05 -0.60 -31.24
C LEU B 542 -28.14 -0.92 -32.72
N GLU B 543 -27.43 -0.13 -33.52
CA GLU B 543 -27.31 -0.42 -34.94
C GLU B 543 -26.50 -1.69 -35.16
N ALA B 544 -26.74 -2.35 -36.29
CA ALA B 544 -26.05 -3.59 -36.59
C ALA B 544 -24.55 -3.40 -36.76
N ASP B 545 -24.10 -2.19 -37.06
CA ASP B 545 -22.68 -1.90 -37.24
C ASP B 545 -22.10 -1.16 -36.04
N ASP B 546 -22.80 -1.15 -34.91
CA ASP B 546 -22.25 -0.56 -33.69
C ASP B 546 -20.99 -1.30 -33.26
N SER B 547 -19.94 -0.54 -32.93
CA SER B 547 -18.67 -1.16 -32.57
C SER B 547 -18.77 -2.03 -31.33
N ARG B 548 -19.77 -1.79 -30.47
CA ARG B 548 -19.95 -2.62 -29.29
C ARG B 548 -20.40 -4.04 -29.65
N ARG B 549 -21.02 -4.22 -30.82
CA ARG B 549 -21.47 -5.54 -31.24
C ARG B 549 -20.35 -6.41 -31.77
N MET B 550 -19.23 -5.82 -32.18
CA MET B 550 -18.07 -6.58 -32.66
C MET B 550 -17.38 -7.18 -31.44
N THR B 551 -17.92 -8.31 -30.99
CA THR B 551 -17.47 -8.96 -29.76
C THR B 551 -16.62 -10.19 -30.07
N THR B 552 -16.15 -10.83 -29.01
CA THR B 552 -15.42 -12.08 -29.08
C THR B 552 -16.30 -13.18 -28.51
N ARG B 553 -16.53 -14.24 -29.30
CA ARG B 553 -17.44 -15.31 -28.92
C ARG B 553 -16.66 -16.49 -28.33
N VAL B 554 -17.36 -17.26 -27.49
CA VAL B 554 -16.79 -18.43 -26.83
C VAL B 554 -17.42 -19.67 -27.45
N LEU B 555 -16.59 -20.66 -27.77
CA LEU B 555 -17.09 -21.86 -28.43
C LEU B 555 -17.95 -22.70 -27.49
N ASN B 556 -17.47 -22.96 -26.27
CA ASN B 556 -18.14 -23.82 -25.31
C ASN B 556 -18.45 -23.04 -24.04
N PRO B 557 -19.49 -22.22 -24.05
CA PRO B 557 -19.89 -21.51 -22.83
C PRO B 557 -20.77 -22.39 -21.95
N LEU B 558 -20.84 -22.00 -20.68
CA LEU B 558 -21.75 -22.67 -19.76
C LEU B 558 -23.21 -22.37 -20.07
N GLU B 559 -23.48 -21.24 -20.71
CA GLU B 559 -24.80 -20.90 -21.22
C GLU B 559 -24.69 -20.65 -22.71
N ALA B 560 -25.35 -21.47 -23.52
CA ALA B 560 -25.22 -21.37 -24.97
C ALA B 560 -25.75 -20.04 -25.50
N ASP B 561 -26.68 -19.41 -24.78
CA ASP B 561 -27.21 -18.14 -25.22
C ASP B 561 -26.30 -16.96 -24.89
N ARG B 562 -25.26 -17.17 -24.08
CA ARG B 562 -24.33 -16.11 -23.68
C ARG B 562 -22.90 -16.54 -24.00
N PRO B 563 -22.50 -16.48 -25.27
CA PRO B 563 -21.11 -16.84 -25.62
C PRO B 563 -20.18 -15.64 -25.75
N GLN B 564 -20.73 -14.48 -26.10
CA GLN B 564 -19.93 -13.31 -26.41
C GLN B 564 -19.37 -12.67 -25.14
N LEU B 565 -18.24 -11.99 -25.30
CA LEU B 565 -17.57 -11.30 -24.20
C LEU B 565 -17.95 -9.82 -24.19
N ALA B 566 -17.79 -9.21 -23.02
CA ALA B 566 -18.31 -7.86 -22.78
C ALA B 566 -17.42 -6.81 -23.44
N THR B 567 -17.99 -6.07 -24.39
CA THR B 567 -17.36 -4.87 -24.92
C THR B 567 -17.68 -3.63 -24.08
N THR B 568 -18.55 -3.77 -23.08
CA THR B 568 -18.91 -2.69 -22.19
C THR B 568 -19.37 -3.28 -20.87
N LEU B 569 -19.09 -2.56 -19.78
CA LEU B 569 -19.41 -3.05 -18.45
C LEU B 569 -20.88 -2.86 -18.07
N LEU B 570 -21.64 -2.11 -18.84
CA LEU B 570 -23.00 -1.74 -18.48
C LEU B 570 -23.97 -2.91 -18.41
N PRO B 571 -23.96 -3.87 -19.35
CA PRO B 571 -24.91 -4.99 -19.24
C PRO B 571 -24.75 -5.81 -17.96
N ALA B 572 -23.51 -6.03 -17.50
CA ALA B 572 -23.32 -6.76 -16.26
C ALA B 572 -23.80 -5.95 -15.06
N LEU B 573 -23.56 -4.64 -15.07
CA LEU B 573 -24.01 -3.79 -13.98
C LEU B 573 -25.53 -3.70 -13.94
N LEU B 574 -26.17 -3.60 -15.12
CA LEU B 574 -27.62 -3.52 -15.17
C LEU B 574 -28.27 -4.82 -14.72
N GLU B 575 -27.63 -5.95 -15.00
CA GLU B 575 -28.14 -7.23 -14.51
C GLU B 575 -28.07 -7.30 -12.99
N ALA B 576 -26.97 -6.84 -12.40
CA ALA B 576 -26.86 -6.77 -10.95
C ALA B 576 -27.86 -5.80 -10.36
N LEU B 577 -28.15 -4.71 -11.08
CA LEU B 577 -29.15 -3.75 -10.61
C LEU B 577 -30.54 -4.38 -10.59
N VAL B 578 -30.87 -5.18 -11.59
CA VAL B 578 -32.19 -5.83 -11.63
C VAL B 578 -32.32 -6.84 -10.50
N ARG B 579 -31.24 -7.58 -10.22
CA ARG B 579 -31.26 -8.52 -9.10
C ARG B 579 -31.57 -7.82 -7.78
N ASN B 580 -30.90 -6.70 -7.53
CA ASN B 580 -31.11 -5.97 -6.28
C ASN B 580 -32.53 -5.44 -6.19
N VAL B 581 -32.97 -4.69 -7.20
CA VAL B 581 -34.30 -4.07 -7.16
C VAL B 581 -35.39 -5.14 -7.06
N SER B 582 -35.24 -6.24 -7.81
CA SER B 582 -36.24 -7.29 -7.78
C SER B 582 -36.30 -8.04 -6.46
N ARG B 583 -35.43 -7.71 -5.50
CA ARG B 583 -35.41 -8.39 -4.21
C ARG B 583 -35.62 -7.42 -3.05
N GLY B 584 -36.15 -6.24 -3.32
CA GLY B 584 -36.52 -5.30 -2.28
C GLY B 584 -35.53 -4.17 -2.04
N LEU B 585 -34.40 -4.15 -2.73
CA LEU B 585 -33.41 -3.08 -2.59
C LEU B 585 -33.54 -2.19 -3.82
N VAL B 586 -34.49 -1.25 -3.74
CA VAL B 586 -34.91 -0.48 -4.90
C VAL B 586 -34.13 0.82 -5.09
N ASP B 587 -33.46 1.31 -4.05
CA ASP B 587 -32.61 2.51 -4.13
C ASP B 587 -31.17 2.02 -4.11
N VAL B 588 -30.55 1.93 -5.28
CA VAL B 588 -29.26 1.28 -5.42
C VAL B 588 -28.38 2.08 -6.37
N ALA B 589 -27.08 2.09 -6.06
CA ALA B 589 -26.06 2.67 -6.93
C ALA B 589 -24.88 1.71 -6.96
N LEU B 590 -24.65 1.08 -8.11
CA LEU B 590 -23.61 0.08 -8.27
C LEU B 590 -22.50 0.61 -9.17
N PHE B 591 -21.26 0.22 -8.89
CA PHE B 591 -20.14 0.55 -9.75
C PHE B 591 -19.24 -0.66 -9.90
N ALA B 592 -18.37 -0.61 -10.89
CA ALA B 592 -17.48 -1.72 -11.20
C ALA B 592 -16.28 -1.19 -11.98
N ILE B 593 -15.10 -1.65 -11.61
CA ILE B 593 -13.86 -1.32 -12.32
C ILE B 593 -13.31 -2.64 -12.85
N ALA B 594 -13.32 -2.81 -14.17
CA ALA B 594 -12.86 -4.04 -14.79
C ALA B 594 -12.52 -3.76 -16.25
N GLN B 595 -12.03 -4.79 -16.92
CA GLN B 595 -11.64 -4.71 -18.32
C GLN B 595 -12.76 -5.17 -19.24
N VAL B 596 -12.71 -4.70 -20.48
CA VAL B 596 -13.61 -5.14 -21.53
C VAL B 596 -12.76 -5.76 -22.64
N VAL B 597 -13.44 -6.38 -23.60
CA VAL B 597 -12.78 -7.08 -24.70
C VAL B 597 -13.31 -6.51 -26.01
N GLN B 598 -12.48 -5.73 -26.70
CA GLN B 598 -12.87 -5.06 -27.94
C GLN B 598 -11.94 -5.47 -29.07
N PRO B 599 -12.31 -6.46 -29.88
CA PRO B 599 -11.46 -6.84 -31.01
C PRO B 599 -11.57 -5.86 -32.17
N THR B 600 -10.48 -5.78 -32.93
CA THR B 600 -10.42 -4.93 -34.12
C THR B 600 -10.42 -5.72 -35.42
N GLU B 601 -10.49 -7.05 -35.34
CA GLU B 601 -10.50 -7.91 -36.52
C GLU B 601 -11.13 -9.23 -36.14
N GLN B 602 -11.41 -10.05 -37.16
CA GLN B 602 -11.91 -11.39 -36.92
C GLN B 602 -10.84 -12.22 -36.21
N THR B 603 -11.31 -13.16 -35.38
CA THR B 603 -10.41 -13.95 -34.53
C THR B 603 -9.34 -14.66 -35.36
N ARG B 604 -8.10 -14.20 -35.24
CA ARG B 604 -6.97 -14.73 -35.99
C ARG B 604 -6.01 -15.41 -35.03
N GLY B 605 -5.82 -16.72 -35.21
CA GLY B 605 -4.92 -17.47 -34.36
C GLY B 605 -3.50 -17.52 -34.89
N VAL B 606 -2.55 -17.62 -33.98
CA VAL B 606 -1.13 -17.70 -34.31
C VAL B 606 -0.67 -19.14 -34.11
N GLY B 607 0.11 -19.64 -35.06
CA GLY B 607 0.62 -21.00 -34.99
C GLY B 607 1.50 -21.28 -33.80
N LEU B 608 1.95 -22.53 -33.67
CA LEU B 608 2.78 -22.93 -32.54
C LEU B 608 4.22 -22.49 -32.74
N ILE B 609 4.75 -21.74 -31.78
CA ILE B 609 6.15 -21.33 -31.78
C ILE B 609 6.94 -22.35 -30.96
N PRO B 610 8.09 -22.81 -31.44
CA PRO B 610 8.87 -23.79 -30.66
C PRO B 610 9.21 -23.26 -29.28
N VAL B 611 8.92 -24.07 -28.26
CA VAL B 611 9.07 -23.67 -26.87
C VAL B 611 10.43 -24.07 -26.31
N ASP B 612 11.39 -24.41 -27.17
CA ASP B 612 12.75 -24.71 -26.75
C ASP B 612 13.64 -23.49 -26.74
N ARG B 613 13.14 -22.34 -27.20
CA ARG B 613 13.91 -21.10 -27.26
C ARG B 613 13.00 -19.95 -26.85
N ARG B 614 13.59 -18.78 -26.73
CA ARG B 614 12.83 -17.57 -26.47
C ARG B 614 12.19 -17.09 -27.77
N PRO B 615 10.89 -16.77 -27.76
CA PRO B 615 10.28 -16.18 -28.95
C PRO B 615 10.87 -14.80 -29.23
N THR B 616 11.11 -14.52 -30.51
CA THR B 616 11.68 -13.24 -30.89
C THR B 616 10.72 -12.10 -30.54
N ASP B 617 11.27 -10.89 -30.46
CA ASP B 617 10.44 -9.73 -30.16
C ASP B 617 9.39 -9.50 -31.24
N ASP B 618 9.68 -9.90 -32.47
CA ASP B 618 8.67 -9.83 -33.52
C ASP B 618 7.54 -10.82 -33.26
N GLU B 619 7.87 -12.03 -32.79
CA GLU B 619 6.84 -12.99 -32.46
C GLU B 619 6.04 -12.58 -31.24
N ILE B 620 6.66 -11.88 -30.30
CA ILE B 620 5.94 -11.40 -29.12
C ILE B 620 4.97 -10.30 -29.54
N ALA B 621 5.39 -9.39 -30.42
CA ALA B 621 4.49 -8.35 -30.90
C ALA B 621 3.43 -8.90 -31.83
N MET B 622 3.71 -10.03 -32.50
CA MET B 622 2.73 -10.63 -33.39
C MET B 622 1.63 -11.34 -32.59
N LEU B 623 1.99 -11.99 -31.49
CA LEU B 623 0.99 -12.63 -30.65
C LEU B 623 0.10 -11.62 -29.95
N ASP B 624 0.63 -10.41 -29.69
CA ASP B 624 -0.16 -9.38 -29.02
C ASP B 624 -1.17 -8.74 -29.97
N ALA B 625 -0.79 -8.51 -31.22
CA ALA B 625 -1.71 -7.91 -32.18
C ALA B 625 -2.85 -8.84 -32.55
N SER B 626 -2.67 -10.16 -32.40
CA SER B 626 -3.71 -11.12 -32.68
C SER B 626 -4.76 -11.20 -31.57
N LEU B 627 -4.53 -10.53 -30.44
CA LEU B 627 -5.45 -10.49 -29.32
C LEU B 627 -6.29 -9.23 -29.35
N PRO B 628 -7.55 -9.31 -28.94
CA PRO B 628 -8.39 -8.10 -28.88
C PRO B 628 -7.87 -7.11 -27.85
N ARG B 629 -8.28 -5.86 -28.01
CA ARG B 629 -7.89 -4.82 -27.06
C ARG B 629 -8.67 -5.00 -25.76
N GLN B 630 -7.98 -4.80 -24.64
CA GLN B 630 -8.54 -5.04 -23.30
C GLN B 630 -8.31 -3.82 -22.42
N PRO B 631 -9.05 -2.74 -22.66
CA PRO B 631 -8.87 -1.54 -21.84
C PRO B 631 -9.60 -1.63 -20.52
N GLN B 632 -9.15 -0.82 -19.56
CA GLN B 632 -9.73 -0.77 -18.23
C GLN B 632 -10.87 0.24 -18.22
N HIS B 633 -12.05 -0.20 -17.78
CA HIS B 633 -13.24 0.63 -17.75
C HIS B 633 -13.74 0.78 -16.33
N VAL B 634 -14.34 1.94 -16.03
CA VAL B 634 -15.09 2.17 -14.81
C VAL B 634 -16.51 2.53 -15.22
N ALA B 635 -17.50 1.93 -14.57
CA ALA B 635 -18.88 2.17 -14.92
C ALA B 635 -19.74 2.12 -13.66
N ALA B 636 -20.93 2.69 -13.78
CA ALA B 636 -21.87 2.73 -12.66
C ALA B 636 -23.29 2.83 -13.17
N VAL B 637 -24.24 2.37 -12.34
CA VAL B 637 -25.66 2.45 -12.64
C VAL B 637 -26.38 2.87 -11.36
N LEU B 638 -27.46 3.65 -11.53
CA LEU B 638 -28.19 4.20 -10.40
C LEU B 638 -29.70 4.12 -10.66
N ALA B 639 -30.45 3.77 -9.62
CA ALA B 639 -31.90 3.76 -9.70
C ALA B 639 -32.48 3.99 -8.32
N GLY B 640 -33.75 4.39 -8.30
CA GLY B 640 -34.44 4.62 -7.04
C GLY B 640 -34.06 5.95 -6.41
N LEU B 641 -34.09 5.98 -5.09
CA LEU B 641 -33.69 7.18 -4.35
C LEU B 641 -32.18 7.30 -4.33
N ARG B 642 -31.68 8.47 -4.74
CA ARG B 642 -30.26 8.77 -4.59
C ARG B 642 -29.93 9.35 -3.22
N GLU B 643 -30.84 10.14 -2.65
CA GLU B 643 -30.74 10.58 -1.28
C GLU B 643 -31.82 9.88 -0.48
N PRO B 644 -31.49 9.09 0.55
CA PRO B 644 -32.53 8.39 1.30
C PRO B 644 -33.43 9.38 2.03
N ARG B 645 -34.65 8.93 2.33
CA ARG B 645 -35.54 9.73 3.14
C ARG B 645 -35.11 9.66 4.61
N GLY B 646 -35.49 10.68 5.36
CA GLY B 646 -35.18 10.78 6.76
C GLY B 646 -35.96 11.90 7.41
N PRO B 647 -35.57 12.29 8.63
CA PRO B 647 -36.23 13.44 9.25
C PRO B 647 -36.07 14.73 8.47
N TRP B 648 -35.05 14.81 7.60
CA TRP B 648 -34.86 16.01 6.78
C TRP B 648 -35.94 16.16 5.72
N GLY B 649 -36.43 15.06 5.17
CA GLY B 649 -37.42 15.10 4.13
C GLY B 649 -37.63 13.77 3.44
N PRO B 650 -38.32 13.78 2.30
CA PRO B 650 -38.67 12.53 1.62
C PRO B 650 -37.58 11.95 0.73
N GLY B 651 -36.41 12.58 0.65
CA GLY B 651 -35.36 12.09 -0.22
C GLY B 651 -35.50 12.60 -1.64
N ARG B 652 -34.53 12.21 -2.47
CA ARG B 652 -34.46 12.70 -3.84
C ARG B 652 -34.27 11.53 -4.80
N PRO B 653 -35.14 11.36 -5.80
CA PRO B 653 -34.94 10.29 -6.78
C PRO B 653 -33.70 10.52 -7.63
N VAL B 654 -33.16 9.40 -8.14
CA VAL B 654 -32.01 9.46 -9.03
C VAL B 654 -32.35 10.29 -10.26
N GLU B 655 -31.43 11.16 -10.66
CA GLU B 655 -31.55 11.93 -11.89
C GLU B 655 -30.22 11.92 -12.62
N ALA B 656 -30.24 12.39 -13.87
CA ALA B 656 -29.04 12.33 -14.71
C ALA B 656 -27.87 13.08 -14.09
N ALA B 657 -28.14 14.16 -13.37
CA ALA B 657 -27.07 14.93 -12.74
C ALA B 657 -26.29 14.09 -11.74
N ASP B 658 -26.92 13.08 -11.14
CA ASP B 658 -26.20 12.16 -10.27
C ASP B 658 -25.18 11.34 -11.05
N ALA B 659 -25.49 10.98 -12.29
CA ALA B 659 -24.52 10.28 -13.13
C ALA B 659 -23.39 11.22 -13.55
N PHE B 660 -23.72 12.48 -13.87
CA PHE B 660 -22.69 13.46 -14.17
C PHE B 660 -21.80 13.70 -12.96
N GLU B 661 -22.39 13.67 -11.76
CA GLU B 661 -21.59 13.81 -10.55
C GLU B 661 -20.64 12.63 -10.36
N ALA B 662 -21.07 11.43 -10.76
CA ALA B 662 -20.18 10.28 -10.71
C ALA B 662 -18.98 10.48 -11.62
N VAL B 663 -19.18 11.09 -12.79
CA VAL B 663 -18.08 11.44 -13.66
C VAL B 663 -17.10 12.36 -12.95
N ARG B 664 -17.63 13.37 -12.24
CA ARG B 664 -16.78 14.33 -11.57
C ARG B 664 -16.04 13.72 -10.39
N ILE B 665 -16.65 12.73 -9.73
CA ILE B 665 -15.97 12.03 -8.65
C ILE B 665 -14.78 11.24 -9.20
N ILE B 666 -15.00 10.51 -10.30
CA ILE B 666 -13.92 9.77 -10.94
C ILE B 666 -12.84 10.72 -11.43
N ALA B 667 -13.25 11.87 -11.97
CA ALA B 667 -12.29 12.84 -12.47
C ALA B 667 -11.42 13.39 -11.34
N ARG B 668 -12.05 13.79 -10.24
CA ARG B 668 -11.28 14.28 -9.09
C ARG B 668 -10.38 13.19 -8.52
N ALA B 669 -10.83 11.93 -8.57
CA ALA B 669 -10.01 10.84 -8.10
C ALA B 669 -8.84 10.56 -9.03
N SER B 670 -8.96 10.93 -10.31
CA SER B 670 -7.90 10.76 -11.29
C SER B 670 -7.05 12.02 -11.46
N ARG B 671 -7.36 13.08 -10.72
CA ARG B 671 -6.59 14.33 -10.76
C ARG B 671 -6.58 14.95 -12.16
N VAL B 672 -7.70 14.82 -12.87
CA VAL B 672 -7.84 15.41 -14.20
C VAL B 672 -9.10 16.24 -14.24
N ASP B 673 -9.15 17.15 -15.20
CA ASP B 673 -10.34 17.94 -15.49
C ASP B 673 -11.07 17.34 -16.68
N VAL B 674 -12.39 17.27 -16.57
CA VAL B 674 -13.23 16.76 -17.64
C VAL B 674 -14.15 17.87 -18.11
N THR B 675 -14.60 17.75 -19.36
CA THR B 675 -15.64 18.60 -19.91
C THR B 675 -16.80 17.72 -20.38
N LEU B 676 -18.01 18.18 -20.13
CA LEU B 676 -19.22 17.44 -20.48
C LEU B 676 -19.93 18.18 -21.61
N ARG B 677 -20.31 17.44 -22.65
CA ARG B 677 -21.00 18.00 -23.79
C ARG B 677 -22.22 17.17 -24.13
N PRO B 678 -23.33 17.79 -24.52
CA PRO B 678 -24.50 17.03 -24.93
C PRO B 678 -24.16 16.07 -26.07
N ALA B 679 -24.73 14.87 -26.00
CA ALA B 679 -24.42 13.85 -26.98
C ALA B 679 -25.60 12.91 -27.15
N GLN B 680 -25.58 12.18 -28.25
CA GLN B 680 -26.55 11.14 -28.54
CA GLN B 680 -26.55 11.14 -28.54
C GLN B 680 -25.79 9.82 -28.65
N TYR B 681 -26.09 8.89 -27.76
CA TYR B 681 -25.36 7.63 -27.71
C TYR B 681 -26.18 6.62 -26.94
N LEU B 682 -26.73 5.62 -27.64
CA LEU B 682 -27.51 4.58 -26.98
C LEU B 682 -26.62 3.79 -26.04
N PRO B 683 -27.18 3.27 -24.94
CA PRO B 683 -28.59 3.28 -24.53
C PRO B 683 -28.98 4.49 -23.68
N TRP B 684 -28.32 5.63 -23.82
CA TRP B 684 -28.65 6.79 -23.01
C TRP B 684 -29.80 7.57 -23.63
N HIS B 685 -30.43 8.40 -22.80
CA HIS B 685 -31.46 9.33 -23.26
C HIS B 685 -30.80 10.43 -24.08
N PRO B 686 -31.19 10.62 -25.35
CA PRO B 686 -30.47 11.59 -26.19
C PRO B 686 -30.53 13.02 -25.68
N GLY B 687 -31.50 13.36 -24.84
CA GLY B 687 -31.59 14.69 -24.29
C GLY B 687 -31.02 14.82 -22.90
N ARG B 688 -30.64 13.70 -22.30
CA ARG B 688 -30.05 13.66 -20.96
C ARG B 688 -28.80 12.81 -20.96
N CYS B 689 -27.95 13.01 -21.97
CA CYS B 689 -26.72 12.25 -22.13
C CYS B 689 -25.57 13.20 -22.37
N ALA B 690 -24.48 13.01 -21.63
CA ALA B 690 -23.26 13.78 -21.80
C ALA B 690 -22.16 12.90 -22.36
N GLN B 691 -21.33 13.47 -23.21
CA GLN B 691 -20.06 12.86 -23.61
C GLN B 691 -18.96 13.49 -22.78
N VAL B 692 -18.12 12.64 -22.19
CA VAL B 692 -17.06 13.09 -21.28
C VAL B 692 -15.77 13.21 -22.06
N PHE B 693 -15.10 14.35 -21.91
CA PHE B 693 -13.84 14.62 -22.58
C PHE B 693 -12.77 14.95 -21.54
N VAL B 694 -11.58 14.43 -21.75
CA VAL B 694 -10.37 14.86 -21.04
C VAL B 694 -9.48 15.51 -22.08
N GLY B 695 -9.40 16.84 -22.05
CA GLY B 695 -8.78 17.56 -23.15
C GLY B 695 -9.63 17.44 -24.39
N GLU B 696 -9.05 16.96 -25.48
CA GLU B 696 -9.79 16.74 -26.72
C GLU B 696 -10.19 15.28 -26.93
N SER B 697 -9.80 14.38 -26.02
CA SER B 697 -10.07 12.96 -26.17
C SER B 697 -11.34 12.58 -25.43
N SER B 698 -12.22 11.85 -26.11
CA SER B 698 -13.46 11.36 -25.51
C SER B 698 -13.18 10.12 -24.68
N VAL B 699 -13.71 10.07 -23.47
CA VAL B 699 -13.45 8.98 -22.55
C VAL B 699 -14.71 8.23 -22.13
N GLY B 700 -15.89 8.67 -22.52
CA GLY B 700 -17.09 7.91 -22.24
C GLY B 700 -18.32 8.81 -22.20
N HIS B 701 -19.38 8.24 -21.63
CA HIS B 701 -20.68 8.91 -21.57
C HIS B 701 -21.31 8.73 -20.20
N ALA B 702 -22.35 9.53 -19.95
CA ALA B 702 -23.08 9.48 -18.69
C ALA B 702 -24.45 10.12 -18.89
N GLY B 703 -25.37 9.78 -17.99
CA GLY B 703 -26.67 10.41 -17.97
C GLY B 703 -27.75 9.39 -17.67
N GLN B 704 -28.99 9.77 -17.98
CA GLN B 704 -30.13 8.89 -17.82
C GLN B 704 -30.27 8.00 -19.04
N LEU B 705 -30.71 6.76 -18.81
CA LEU B 705 -30.87 5.80 -19.89
C LEU B 705 -32.13 6.09 -20.69
N HIS B 706 -32.12 5.63 -21.93
CA HIS B 706 -33.26 5.83 -22.83
C HIS B 706 -34.50 5.13 -22.27
N PRO B 707 -35.67 5.78 -22.28
CA PRO B 707 -36.86 5.14 -21.69
C PRO B 707 -37.30 3.88 -22.42
N ALA B 708 -37.13 3.83 -23.74
CA ALA B 708 -37.47 2.61 -24.47
C ALA B 708 -36.54 1.47 -24.10
N VAL B 709 -35.26 1.77 -23.89
CA VAL B 709 -34.32 0.75 -23.42
C VAL B 709 -34.72 0.27 -22.03
N ILE B 710 -35.17 1.19 -21.17
CA ILE B 710 -35.56 0.83 -19.82
C ILE B 710 -36.78 -0.10 -19.84
N GLU B 711 -37.77 0.23 -20.68
CA GLU B 711 -38.95 -0.61 -20.78
C GLU B 711 -38.61 -2.00 -21.30
N ARG B 712 -37.81 -2.07 -22.38
CA ARG B 712 -37.50 -3.35 -22.99
C ARG B 712 -36.61 -4.21 -22.11
N SER B 713 -35.83 -3.60 -21.22
CA SER B 713 -34.88 -4.34 -20.39
C SER B 713 -35.42 -4.66 -19.00
N GLY B 714 -36.65 -4.26 -18.69
CA GLY B 714 -37.19 -4.50 -17.37
C GLY B 714 -36.46 -3.75 -16.27
N LEU B 715 -36.02 -2.52 -16.56
CA LEU B 715 -35.27 -1.70 -15.63
C LEU B 715 -36.19 -0.73 -14.92
N PRO B 716 -35.77 -0.23 -13.75
CA PRO B 716 -36.56 0.82 -13.09
C PRO B 716 -36.55 2.10 -13.92
N LYS B 717 -37.68 2.81 -13.89
CA LYS B 717 -37.78 4.07 -14.59
C LYS B 717 -36.76 5.06 -14.03
N GLY B 718 -36.20 5.88 -14.93
CA GLY B 718 -35.20 6.86 -14.52
C GLY B 718 -33.83 6.30 -14.24
N THR B 719 -33.56 5.05 -14.60
CA THR B 719 -32.25 4.45 -14.38
C THR B 719 -31.18 5.26 -15.10
N CYS B 720 -30.10 5.57 -14.39
CA CYS B 720 -28.99 6.33 -14.95
C CYS B 720 -27.74 5.45 -15.01
N ALA B 721 -26.81 5.85 -15.87
CA ALA B 721 -25.61 5.06 -16.10
C ALA B 721 -24.46 5.96 -16.52
N VAL B 722 -23.25 5.50 -16.23
CA VAL B 722 -22.02 6.17 -16.64
C VAL B 722 -20.99 5.09 -16.97
N GLU B 723 -20.23 5.32 -18.04
CA GLU B 723 -19.13 4.44 -18.39
C GLU B 723 -17.99 5.27 -18.94
N LEU B 724 -16.79 5.05 -18.41
CA LEU B 724 -15.58 5.74 -18.85
C LEU B 724 -14.50 4.71 -19.14
N ASN B 725 -13.67 5.03 -20.14
CA ASN B 725 -12.50 4.22 -20.47
C ASN B 725 -11.31 4.80 -19.72
N LEU B 726 -10.87 4.11 -18.66
CA LEU B 726 -9.77 4.62 -17.85
C LEU B 726 -8.46 4.68 -18.64
N ASP B 727 -8.29 3.77 -19.61
CA ASP B 727 -7.07 3.79 -20.41
C ASP B 727 -7.00 5.03 -21.30
N ALA B 728 -8.15 5.61 -21.65
CA ALA B 728 -8.17 6.82 -22.44
C ALA B 728 -7.90 8.07 -21.62
N ILE B 729 -7.93 7.97 -20.29
CA ILE B 729 -7.62 9.10 -19.41
C ILE B 729 -6.13 9.07 -19.11
N PRO B 730 -5.37 10.10 -19.50
CA PRO B 730 -3.93 10.07 -19.24
C PRO B 730 -3.63 10.19 -17.75
N CYS B 731 -2.64 9.43 -17.30
CA CYS B 731 -2.18 9.54 -15.92
C CYS B 731 -1.53 10.90 -15.71
N SER B 732 -1.94 11.59 -14.66
CA SER B 732 -1.45 12.93 -14.37
C SER B 732 -0.90 13.00 -12.96
N ALA B 733 0.19 13.73 -12.80
CA ALA B 733 0.82 13.98 -11.49
C ALA B 733 1.15 15.46 -11.41
N PRO B 734 0.14 16.31 -11.19
CA PRO B 734 0.40 17.75 -11.16
C PRO B 734 1.24 18.15 -9.96
N LEU B 735 1.88 19.31 -10.08
CA LEU B 735 2.73 19.88 -9.03
C LEU B 735 2.33 21.33 -8.82
N PRO B 736 1.23 21.57 -8.12
CA PRO B 736 0.80 22.96 -7.91
C PRO B 736 1.75 23.72 -7.02
N ALA B 737 1.89 25.01 -7.31
CA ALA B 737 2.70 25.93 -6.51
C ALA B 737 1.88 27.18 -6.23
N PRO B 738 0.91 27.09 -5.32
CA PRO B 738 0.03 28.22 -5.07
C PRO B 738 0.72 29.30 -4.25
N ARG B 739 0.34 30.55 -4.52
CA ARG B 739 0.82 31.72 -3.78
C ARG B 739 -0.40 32.44 -3.23
N VAL B 740 -0.61 32.32 -1.92
CA VAL B 740 -1.81 32.88 -1.29
C VAL B 740 -1.66 34.39 -1.21
N SER B 741 -2.61 35.11 -1.80
CA SER B 741 -2.58 36.57 -1.76
C SER B 741 -3.11 37.08 -0.43
N PRO B 742 -2.38 37.95 0.26
CA PRO B 742 -2.83 38.48 1.55
C PRO B 742 -3.77 39.67 1.46
N TYR B 743 -4.14 40.09 0.25
CA TYR B 743 -4.96 41.29 0.07
C TYR B 743 -6.43 40.93 0.00
N PRO B 744 -7.32 41.86 0.33
CA PRO B 744 -8.75 41.54 0.32
C PRO B 744 -9.26 41.26 -1.07
N ALA B 745 -10.40 40.58 -1.13
CA ALA B 745 -11.05 40.24 -2.38
C ALA B 745 -12.21 41.21 -2.66
N VAL B 746 -12.77 41.08 -3.86
CA VAL B 746 -13.95 41.83 -4.27
C VAL B 746 -15.02 40.84 -4.70
N PHE B 747 -16.23 41.01 -4.16
CA PHE B 747 -17.34 40.12 -4.43
C PHE B 747 -18.32 40.80 -5.37
N GLN B 748 -18.58 40.18 -6.52
CA GLN B 748 -19.53 40.70 -7.49
C GLN B 748 -20.27 39.54 -8.14
N ASP B 749 -21.54 39.78 -8.47
CA ASP B 749 -22.36 38.82 -9.18
C ASP B 749 -22.74 39.39 -10.54
N VAL B 750 -22.86 38.50 -11.53
CA VAL B 750 -23.19 38.90 -12.90
C VAL B 750 -24.30 37.99 -13.40
N SER B 751 -25.36 38.60 -13.94
CA SER B 751 -26.50 37.89 -14.48
C SER B 751 -26.48 37.99 -15.99
N LEU B 752 -26.37 36.84 -16.66
CA LEU B 752 -26.28 36.78 -18.12
C LEU B 752 -27.43 35.96 -18.66
N VAL B 753 -28.12 36.50 -19.67
CA VAL B 753 -29.20 35.82 -20.35
C VAL B 753 -28.66 35.18 -21.62
N VAL B 754 -28.89 33.87 -21.78
CA VAL B 754 -28.44 33.13 -22.94
C VAL B 754 -29.60 32.28 -23.45
N ALA B 755 -29.40 31.73 -24.66
CA ALA B 755 -30.34 30.75 -25.18
C ALA B 755 -30.33 29.52 -24.29
N ALA B 756 -31.49 28.83 -24.24
CA ALA B 756 -31.62 27.69 -23.34
C ALA B 756 -30.65 26.57 -23.69
N ASP B 757 -30.29 26.44 -24.96
CA ASP B 757 -29.38 25.37 -25.37
C ASP B 757 -27.93 25.62 -24.95
N ILE B 758 -27.59 26.85 -24.60
CA ILE B 758 -26.21 27.17 -24.24
C ILE B 758 -25.86 26.51 -22.91
N PRO B 759 -24.80 25.70 -22.85
CA PRO B 759 -24.43 25.08 -21.59
C PRO B 759 -23.86 26.10 -20.61
N ALA B 760 -24.17 25.90 -19.32
CA ALA B 760 -23.74 26.84 -18.30
C ALA B 760 -22.22 26.86 -18.18
N GLN B 761 -21.57 25.71 -18.36
CA GLN B 761 -20.12 25.68 -18.30
C GLN B 761 -19.50 26.51 -19.42
N ALA B 762 -20.18 26.61 -20.56
CA ALA B 762 -19.67 27.44 -21.65
C ALA B 762 -19.74 28.92 -21.29
N VAL B 763 -20.81 29.34 -20.60
CA VAL B 763 -20.89 30.71 -20.13
C VAL B 763 -19.83 30.97 -19.06
N ALA B 764 -19.58 29.98 -18.20
CA ALA B 764 -18.57 30.15 -17.16
C ALA B 764 -17.17 30.25 -17.76
N ASP B 765 -16.87 29.40 -18.73
CA ASP B 765 -15.55 29.44 -19.36
C ASP B 765 -15.31 30.77 -20.08
N ALA B 766 -16.36 31.31 -20.70
CA ALA B 766 -16.24 32.60 -21.36
C ALA B 766 -16.01 33.72 -20.35
N VAL B 767 -16.69 33.65 -19.20
CA VAL B 767 -16.47 34.65 -18.16
C VAL B 767 -15.05 34.58 -17.63
N ARG B 768 -14.54 33.36 -17.42
CA ARG B 768 -13.15 33.20 -16.99
C ARG B 768 -12.19 33.77 -18.03
N ALA B 769 -12.45 33.49 -19.31
CA ALA B 769 -11.52 33.92 -20.36
C ALA B 769 -11.42 35.43 -20.45
N GLY B 770 -12.52 36.14 -20.20
CA GLY B 770 -12.52 37.58 -20.31
C GLY B 770 -12.10 38.30 -19.05
N ALA B 771 -12.31 37.68 -17.88
CA ALA B 771 -12.00 38.34 -16.62
C ALA B 771 -10.49 38.45 -16.41
N GLY B 772 -9.74 37.42 -16.78
CA GLY B 772 -8.30 37.46 -16.64
C GLY B 772 -7.80 36.83 -15.35
N ASP B 773 -6.59 37.25 -14.96
CA ASP B 773 -5.96 36.68 -13.78
C ASP B 773 -6.59 37.17 -12.48
N LEU B 774 -7.32 38.29 -12.51
CA LEU B 774 -7.93 38.80 -11.30
C LEU B 774 -9.05 37.91 -10.77
N LEU B 775 -9.64 37.06 -11.63
CA LEU B 775 -10.72 36.20 -11.20
C LEU B 775 -10.16 35.05 -10.36
N GLU B 776 -10.55 35.01 -9.09
CA GLU B 776 -10.10 33.95 -8.19
C GLU B 776 -11.09 32.79 -8.11
N ASP B 777 -12.38 33.07 -8.25
CA ASP B 777 -13.39 32.03 -8.11
C ASP B 777 -14.63 32.44 -8.88
N ILE B 778 -15.32 31.44 -9.44
CA ILE B 778 -16.61 31.65 -10.10
C ILE B 778 -17.51 30.48 -9.75
N ALA B 779 -18.75 30.76 -9.36
CA ALA B 779 -19.71 29.74 -8.99
C ALA B 779 -21.09 30.15 -9.48
N LEU B 780 -21.73 29.28 -10.25
CA LEU B 780 -23.11 29.49 -10.65
C LEU B 780 -24.03 29.18 -9.48
N PHE B 781 -24.98 30.08 -9.21
CA PHE B 781 -25.91 29.86 -8.09
C PHE B 781 -27.35 30.17 -8.44
N ASP B 782 -27.68 30.47 -9.70
CA ASP B 782 -29.07 30.73 -10.05
C ASP B 782 -29.28 30.50 -11.54
N VAL B 783 -30.34 29.75 -11.86
CA VAL B 783 -30.82 29.59 -13.22
C VAL B 783 -32.30 29.94 -13.22
N PHE B 784 -32.67 30.99 -13.96
CA PHE B 784 -34.01 31.56 -13.91
C PHE B 784 -34.63 31.56 -15.30
N THR B 785 -35.87 31.11 -15.39
CA THR B 785 -36.55 30.96 -16.69
C THR B 785 -38.00 31.44 -16.60
N GLY B 786 -38.20 32.65 -16.07
CA GLY B 786 -39.51 33.25 -16.07
C GLY B 786 -39.79 33.98 -17.37
N PRO B 787 -41.06 34.04 -17.77
CA PRO B 787 -41.46 34.86 -18.92
C PRO B 787 -40.88 36.26 -18.99
N GLN B 788 -40.37 36.81 -17.88
CA GLN B 788 -39.60 38.05 -17.98
C GLN B 788 -38.36 37.84 -18.81
N ILE B 789 -37.82 36.64 -18.81
CA ILE B 789 -36.82 36.19 -19.77
C ILE B 789 -37.55 35.64 -20.97
N GLY B 790 -36.99 35.84 -22.15
CA GLY B 790 -37.64 35.39 -23.37
C GLY B 790 -37.85 33.88 -23.39
N GLU B 791 -38.71 33.46 -24.31
CA GLU B 791 -38.95 32.04 -24.49
C GLU B 791 -37.70 31.36 -25.03
N HIS B 792 -37.46 30.13 -24.58
CA HIS B 792 -36.27 29.37 -24.94
C HIS B 792 -34.99 30.10 -24.55
N ARG B 793 -35.05 30.87 -23.47
CA ARG B 793 -33.91 31.58 -22.93
C ARG B 793 -33.86 31.38 -21.42
N LYS B 794 -32.70 31.69 -20.84
CA LYS B 794 -32.51 31.50 -19.42
C LYS B 794 -31.52 32.54 -18.89
N SER B 795 -31.71 32.92 -17.63
CA SER B 795 -30.80 33.83 -16.95
C SER B 795 -29.90 33.05 -16.02
N LEU B 796 -28.60 33.31 -16.09
CA LEU B 796 -27.60 32.67 -15.25
C LEU B 796 -26.89 33.73 -14.44
N THR B 797 -26.83 33.54 -13.12
CA THR B 797 -26.15 34.46 -12.23
C THR B 797 -24.95 33.74 -11.61
N PHE B 798 -23.76 34.28 -11.83
CA PHE B 798 -22.52 33.73 -11.31
C PHE B 798 -21.98 34.63 -10.20
N ALA B 799 -21.51 34.01 -9.13
CA ALA B 799 -20.81 34.73 -8.07
C ALA B 799 -19.33 34.82 -8.45
N LEU B 800 -18.81 36.04 -8.52
CA LEU B 800 -17.42 36.27 -8.88
C LEU B 800 -16.64 36.77 -7.66
N ARG B 801 -15.40 36.34 -7.56
CA ARG B 801 -14.50 36.76 -6.49
C ARG B 801 -13.19 37.20 -7.13
N PHE B 802 -12.92 38.51 -7.10
CA PHE B 802 -11.69 39.06 -7.66
C PHE B 802 -10.69 39.33 -6.55
N ARG B 803 -9.42 39.04 -6.83
CA ARG B 803 -8.36 39.33 -5.88
C ARG B 803 -7.06 39.53 -6.63
N ALA B 804 -6.28 40.53 -6.22
CA ALA B 804 -4.98 40.77 -6.81
C ALA B 804 -3.88 40.18 -5.94
N PRO B 805 -2.76 39.78 -6.53
CA PRO B 805 -1.66 39.21 -5.73
C PRO B 805 -0.78 40.25 -5.06
N ASP B 806 -0.86 41.52 -5.45
CA ASP B 806 0.10 42.51 -4.95
C ASP B 806 -0.53 43.85 -4.59
N ARG B 807 -1.86 43.96 -4.53
CA ARG B 807 -2.49 45.25 -4.26
C ARG B 807 -3.93 45.02 -3.84
N THR B 808 -4.54 46.07 -3.28
CA THR B 808 -5.96 46.09 -2.99
C THR B 808 -6.70 46.70 -4.18
N LEU B 809 -7.75 46.03 -4.64
CA LEU B 809 -8.49 46.49 -5.80
C LEU B 809 -9.55 47.51 -5.41
N THR B 810 -9.86 48.40 -6.36
CA THR B 810 -11.04 49.23 -6.26
C THR B 810 -12.22 48.52 -6.92
N GLU B 811 -13.43 49.01 -6.64
CA GLU B 811 -14.61 48.46 -7.28
C GLU B 811 -14.53 48.62 -8.78
N ASP B 812 -13.96 49.73 -9.25
CA ASP B 812 -13.79 49.93 -10.68
C ASP B 812 -12.80 48.93 -11.28
N ASP B 813 -11.77 48.57 -10.51
CA ASP B 813 -10.82 47.56 -10.97
C ASP B 813 -11.53 46.24 -11.26
N ALA B 814 -12.40 45.80 -10.34
CA ALA B 814 -13.10 44.55 -10.52
C ALA B 814 -14.19 44.67 -11.58
N SER B 815 -14.87 45.82 -11.64
CA SER B 815 -15.88 46.02 -12.67
C SER B 815 -15.28 46.02 -14.06
N ALA B 816 -14.02 46.46 -14.18
CA ALA B 816 -13.34 46.39 -15.47
C ALA B 816 -13.16 44.95 -15.90
N ALA B 817 -12.71 44.09 -14.98
CA ALA B 817 -12.56 42.67 -15.30
C ALA B 817 -13.92 42.02 -15.56
N ARG B 818 -14.94 42.42 -14.80
CA ARG B 818 -16.27 41.87 -15.02
C ARG B 818 -16.82 42.26 -16.38
N ASP B 819 -16.63 43.52 -16.79
CA ASP B 819 -17.11 43.97 -18.08
C ASP B 819 -16.40 43.25 -19.23
N ALA B 820 -15.10 43.02 -19.09
CA ALA B 820 -14.39 42.23 -20.09
C ALA B 820 -14.90 40.79 -20.12
N ALA B 821 -15.31 40.26 -18.96
CA ALA B 821 -15.91 38.93 -18.93
C ALA B 821 -17.28 38.93 -19.59
N VAL B 822 -18.06 40.00 -19.37
CA VAL B 822 -19.37 40.09 -20.01
C VAL B 822 -19.23 40.18 -21.52
N GLN B 823 -18.29 41.01 -22.00
CA GLN B 823 -18.05 41.11 -23.44
C GLN B 823 -17.60 39.78 -24.01
N SER B 824 -16.83 39.01 -23.23
CA SER B 824 -16.37 37.70 -23.70
C SER B 824 -17.52 36.71 -23.80
N ALA B 825 -18.45 36.75 -22.83
CA ALA B 825 -19.62 35.89 -22.90
C ALA B 825 -20.53 36.29 -24.06
N ALA B 826 -20.63 37.59 -24.33
CA ALA B 826 -21.43 38.04 -25.46
C ALA B 826 -20.89 37.51 -26.78
N GLU B 827 -19.56 37.43 -26.91
CA GLU B 827 -18.96 37.00 -28.17
C GLU B 827 -18.93 35.49 -28.32
N ARG B 828 -18.83 34.75 -27.22
CA ARG B 828 -18.62 33.31 -27.30
C ARG B 828 -19.90 32.49 -27.17
N VAL B 829 -20.89 32.96 -26.40
CA VAL B 829 -22.12 32.18 -26.22
C VAL B 829 -23.34 33.08 -26.41
N GLY B 830 -23.13 34.30 -26.90
CA GLY B 830 -24.24 35.19 -27.19
C GLY B 830 -24.94 35.76 -25.97
N ALA B 831 -24.22 35.90 -24.86
CA ALA B 831 -24.83 36.35 -23.62
C ALA B 831 -25.23 37.82 -23.71
N VAL B 832 -26.31 38.16 -23.02
CA VAL B 832 -26.78 39.53 -22.86
C VAL B 832 -26.86 39.84 -21.38
N LEU B 833 -26.30 40.98 -20.98
CA LEU B 833 -26.41 41.41 -19.59
C LEU B 833 -27.88 41.57 -19.22
N ARG B 834 -28.24 41.04 -18.05
CA ARG B 834 -29.63 41.05 -17.61
C ARG B 834 -30.10 42.48 -17.37
N GLY B 835 -31.24 42.82 -17.97
CA GLY B 835 -31.79 44.17 -17.84
C GLY B 835 -32.67 44.33 -16.61
N MET D 1 -73.17 -14.72 -25.79
CA MET D 1 -72.64 -13.51 -26.41
C MET D 1 -71.59 -13.85 -27.46
N LEU D 2 -71.80 -14.96 -28.17
CA LEU D 2 -70.89 -15.42 -29.20
C LEU D 2 -71.40 -15.13 -30.60
N SER D 3 -72.50 -14.38 -30.72
CA SER D 3 -73.09 -14.09 -32.01
C SER D 3 -72.18 -13.16 -32.82
N PRO D 4 -72.32 -13.16 -34.15
CA PRO D 4 -71.54 -12.21 -34.95
C PRO D 4 -71.84 -10.76 -34.61
N GLU D 5 -73.02 -10.46 -34.08
CA GLU D 5 -73.34 -9.11 -33.65
C GLU D 5 -72.64 -8.74 -32.34
N ALA D 6 -72.40 -9.73 -31.47
CA ALA D 6 -71.74 -9.46 -30.20
C ALA D 6 -70.23 -9.35 -30.36
N LEU D 7 -69.63 -10.25 -31.14
CA LEU D 7 -68.18 -10.22 -31.32
C LEU D 7 -67.75 -8.97 -32.08
N THR D 8 -68.54 -8.52 -33.06
CA THR D 8 -68.20 -7.31 -33.78
C THR D 8 -68.41 -6.06 -32.93
N THR D 9 -69.27 -6.12 -31.91
CA THR D 9 -69.45 -4.98 -31.03
C THR D 9 -68.25 -4.80 -30.10
N ALA D 10 -67.75 -5.90 -29.54
CA ALA D 10 -66.54 -5.83 -28.72
C ALA D 10 -65.33 -5.44 -29.56
N VAL D 11 -65.30 -5.86 -30.82
CA VAL D 11 -64.19 -5.49 -31.70
C VAL D 11 -64.23 -3.99 -32.01
N ASP D 12 -65.42 -3.45 -32.25
CA ASP D 12 -65.55 -2.03 -32.53
C ASP D 12 -65.16 -1.19 -31.33
N ALA D 13 -65.66 -1.56 -30.15
CA ALA D 13 -65.30 -0.82 -28.94
C ALA D 13 -63.82 -0.95 -28.62
N ALA D 14 -63.21 -2.10 -28.93
CA ALA D 14 -61.77 -2.26 -28.72
C ALA D 14 -60.98 -1.47 -29.76
N GLN D 15 -61.34 -1.59 -31.03
CA GLN D 15 -60.60 -0.89 -32.08
C GLN D 15 -60.75 0.62 -31.95
N GLN D 16 -61.90 1.09 -31.48
CA GLN D 16 -62.11 2.53 -31.34
C GLN D 16 -61.20 3.11 -30.27
N ALA D 17 -61.16 2.49 -29.10
CA ALA D 17 -60.30 2.97 -28.03
C ALA D 17 -58.82 2.82 -28.41
N ILE D 18 -58.50 1.85 -29.28
CA ILE D 18 -57.12 1.68 -29.71
C ILE D 18 -56.70 2.83 -30.62
N ALA D 19 -57.51 3.13 -31.64
CA ALA D 19 -57.17 4.18 -32.59
C ALA D 19 -57.23 5.57 -31.97
N LEU D 20 -57.92 5.73 -30.84
CA LEU D 20 -58.05 7.03 -30.19
C LEU D 20 -57.13 7.18 -29.00
N ALA D 21 -56.32 6.16 -28.68
CA ALA D 21 -55.36 6.26 -27.60
C ALA D 21 -54.17 7.12 -28.06
N ASP D 22 -53.95 8.24 -27.38
CA ASP D 22 -52.93 9.19 -27.78
C ASP D 22 -51.58 8.97 -27.12
N THR D 23 -51.56 8.32 -25.96
CA THR D 23 -50.32 8.04 -25.24
C THR D 23 -50.18 6.54 -25.00
N LEU D 24 -48.97 6.13 -24.64
CA LEU D 24 -48.74 4.72 -24.32
C LEU D 24 -49.45 4.31 -23.04
N ASP D 25 -49.50 5.21 -22.05
CA ASP D 25 -50.19 4.90 -20.81
C ASP D 25 -51.70 4.74 -21.02
N VAL D 26 -52.29 5.60 -21.86
CA VAL D 26 -53.70 5.47 -22.19
C VAL D 26 -53.93 4.16 -22.94
N LEU D 27 -53.04 3.82 -23.88
CA LEU D 27 -53.17 2.58 -24.63
C LEU D 27 -53.09 1.36 -23.71
N ALA D 28 -52.28 1.44 -22.65
CA ALA D 28 -52.18 0.30 -21.73
C ALA D 28 -53.48 0.07 -20.99
N ARG D 29 -54.21 1.15 -20.67
CA ARG D 29 -55.52 1.00 -20.05
C ARG D 29 -56.51 0.36 -21.02
N VAL D 30 -56.40 0.70 -22.31
CA VAL D 30 -57.28 0.11 -23.31
C VAL D 30 -57.04 -1.40 -23.41
N LYS D 31 -55.78 -1.82 -23.33
CA LYS D 31 -55.45 -3.24 -23.42
C LYS D 31 -56.06 -4.01 -22.25
N THR D 32 -56.03 -3.44 -21.04
CA THR D 32 -56.61 -4.11 -19.89
C THR D 32 -58.13 -4.22 -20.04
N GLU D 33 -58.77 -3.17 -20.55
CA GLU D 33 -60.23 -3.17 -20.64
C GLU D 33 -60.74 -3.96 -21.84
N HIS D 34 -60.04 -3.90 -22.96
CA HIS D 34 -60.52 -4.48 -24.20
C HIS D 34 -59.79 -5.73 -24.65
N LEU D 35 -58.69 -6.10 -23.97
CA LEU D 35 -58.00 -7.35 -24.28
C LEU D 35 -57.58 -8.14 -23.05
N GLY D 36 -57.74 -7.60 -21.84
CA GLY D 36 -57.34 -8.30 -20.65
C GLY D 36 -58.24 -9.48 -20.33
N ASP D 37 -57.91 -10.14 -19.22
CA ASP D 37 -58.61 -11.37 -18.83
C ASP D 37 -60.08 -11.13 -18.50
N ARG D 38 -60.47 -9.89 -18.23
CA ARG D 38 -61.86 -9.55 -17.94
C ARG D 38 -62.54 -8.84 -19.10
N SER D 39 -61.87 -8.73 -20.25
CA SER D 39 -62.41 -8.01 -21.38
C SER D 39 -63.57 -8.78 -22.01
N PRO D 40 -64.43 -8.11 -22.77
CA PRO D 40 -65.50 -8.83 -23.48
C PRO D 40 -64.99 -9.91 -24.41
N LEU D 41 -63.89 -9.65 -25.13
CA LEU D 41 -63.34 -10.65 -26.03
C LEU D 41 -62.81 -11.85 -25.27
N ALA D 42 -62.11 -11.62 -24.16
CA ALA D 42 -61.64 -12.74 -23.35
C ALA D 42 -62.80 -13.44 -22.65
N LEU D 43 -63.90 -12.73 -22.42
CA LEU D 43 -65.09 -13.39 -21.89
C LEU D 43 -65.74 -14.26 -22.96
N ALA D 44 -65.57 -13.92 -24.23
CA ALA D 44 -66.11 -14.76 -25.31
C ALA D 44 -65.34 -16.07 -25.41
N ARG D 45 -64.01 -16.01 -25.32
CA ARG D 45 -63.22 -17.24 -25.31
C ARG D 45 -63.50 -18.08 -24.06
N GLN D 46 -63.92 -17.44 -22.97
CA GLN D 46 -64.27 -18.18 -21.76
C GLN D 46 -65.55 -18.98 -21.96
N ALA D 47 -66.49 -18.48 -22.76
CA ALA D 47 -67.78 -19.15 -22.94
C ALA D 47 -67.69 -20.37 -23.85
N LEU D 48 -66.61 -20.52 -24.61
CA LEU D 48 -66.49 -21.66 -25.51
C LEU D 48 -66.35 -22.98 -24.75
N ALA D 49 -65.92 -22.94 -23.49
CA ALA D 49 -65.79 -24.17 -22.71
C ALA D 49 -67.15 -24.76 -22.35
N VAL D 50 -68.12 -23.89 -22.02
CA VAL D 50 -69.46 -24.37 -21.68
C VAL D 50 -70.29 -24.72 -22.90
N LEU D 51 -69.85 -24.33 -24.10
CA LEU D 51 -70.59 -24.67 -25.31
C LEU D 51 -70.48 -26.16 -25.60
N PRO D 52 -71.52 -26.76 -26.18
CA PRO D 52 -71.42 -28.18 -26.58
C PRO D 52 -70.36 -28.36 -27.65
N LYS D 53 -69.80 -29.57 -27.71
CA LYS D 53 -68.67 -29.86 -28.58
C LYS D 53 -68.99 -29.70 -30.06
N GLU D 54 -70.25 -29.46 -30.42
CA GLU D 54 -70.61 -29.30 -31.83
C GLU D 54 -70.26 -27.91 -32.33
N GLN D 55 -70.66 -26.88 -31.60
CA GLN D 55 -70.47 -25.49 -32.05
C GLN D 55 -69.12 -24.91 -31.64
N ARG D 56 -68.32 -25.64 -30.86
CA ARG D 56 -67.04 -25.09 -30.41
C ARG D 56 -66.12 -24.78 -31.58
N ALA D 57 -66.11 -25.64 -32.60
CA ALA D 57 -65.24 -25.41 -33.75
C ALA D 57 -65.71 -24.22 -34.57
N GLU D 58 -67.02 -24.06 -34.74
CA GLU D 58 -67.53 -22.96 -35.54
C GLU D 58 -67.53 -21.64 -34.78
N ALA D 59 -67.91 -21.67 -33.50
CA ALA D 59 -67.92 -20.44 -32.71
C ALA D 59 -66.50 -19.97 -32.41
N GLY D 60 -65.58 -20.92 -32.18
CA GLY D 60 -64.20 -20.54 -31.94
C GLY D 60 -63.56 -19.87 -33.13
N LYS D 61 -64.01 -20.18 -34.34
CA LYS D 61 -63.49 -19.52 -35.53
C LYS D 61 -63.87 -18.04 -35.55
N ARG D 62 -65.12 -17.73 -35.20
CA ARG D 62 -65.55 -16.33 -35.15
C ARG D 62 -64.86 -15.59 -34.00
N VAL D 63 -64.72 -16.26 -32.84
CA VAL D 63 -64.07 -15.63 -31.70
C VAL D 63 -62.61 -15.34 -32.01
N ASN D 64 -61.92 -16.29 -32.66
CA ASN D 64 -60.52 -16.10 -32.99
C ASN D 64 -60.33 -14.92 -33.94
N ALA D 65 -61.12 -14.87 -35.01
CA ALA D 65 -61.01 -13.77 -35.96
C ALA D 65 -61.28 -12.44 -35.27
N ALA D 66 -62.20 -12.42 -34.30
CA ALA D 66 -62.42 -11.21 -33.52
C ALA D 66 -61.23 -10.90 -32.63
N ARG D 67 -60.68 -11.92 -31.98
CA ARG D 67 -59.50 -11.71 -31.13
C ARG D 67 -58.31 -11.24 -31.95
N ASN D 68 -58.14 -11.79 -33.16
CA ASN D 68 -57.02 -11.37 -34.01
C ASN D 68 -57.25 -10.01 -34.63
N ALA D 69 -58.52 -9.60 -34.79
CA ALA D 69 -58.80 -8.28 -35.34
C ALA D 69 -58.38 -7.18 -34.36
N ALA D 70 -58.73 -7.33 -33.09
CA ALA D 70 -58.34 -6.34 -32.10
C ALA D 70 -56.86 -6.40 -31.80
N GLN D 71 -56.30 -7.61 -31.72
CA GLN D 71 -54.87 -7.76 -31.44
C GLN D 71 -54.03 -7.13 -32.54
N ARG D 72 -54.42 -7.31 -33.80
CA ARG D 72 -53.66 -6.73 -34.90
C ARG D 72 -53.72 -5.21 -34.87
N SER D 73 -54.90 -4.64 -34.63
CA SER D 73 -55.01 -3.19 -34.50
C SER D 73 -54.24 -2.68 -33.30
N TYR D 74 -54.19 -3.46 -32.22
CA TYR D 74 -53.45 -3.05 -31.03
C TYR D 74 -51.96 -3.10 -31.25
N ASP D 75 -51.47 -4.15 -31.92
CA ASP D 75 -50.03 -4.29 -32.14
C ASP D 75 -49.49 -3.14 -33.00
N GLU D 76 -50.24 -2.74 -34.02
CA GLU D 76 -49.80 -1.62 -34.86
C GLU D 76 -49.85 -0.31 -34.10
N ARG D 77 -50.86 -0.14 -33.23
CA ARG D 77 -50.97 1.10 -32.47
C ARG D 77 -49.85 1.23 -31.45
N LEU D 78 -49.45 0.10 -30.84
CA LEU D 78 -48.32 0.13 -29.91
C LEU D 78 -47.03 0.55 -30.61
N ALA D 79 -46.81 0.04 -31.82
CA ALA D 79 -45.62 0.43 -32.57
C ALA D 79 -45.65 1.90 -32.95
N THR D 80 -46.81 2.39 -33.38
CA THR D 80 -46.92 3.79 -33.77
C THR D 80 -46.69 4.72 -32.59
N LEU D 81 -47.28 4.41 -31.44
CA LEU D 81 -47.08 5.24 -30.25
C LEU D 81 -45.66 5.11 -29.72
N ARG D 82 -45.06 3.92 -29.82
CA ARG D 82 -43.65 3.77 -29.46
C ARG D 82 -42.77 4.60 -30.37
N ALA D 83 -43.08 4.63 -31.67
CA ALA D 83 -42.33 5.47 -32.61
C ALA D 83 -42.53 6.94 -32.29
N GLU D 84 -43.75 7.33 -31.92
CA GLU D 84 -43.99 8.71 -31.51
C GLU D 84 -43.21 9.04 -30.24
N ARG D 85 -43.18 8.11 -29.29
CA ARG D 85 -42.44 8.34 -28.05
C ARG D 85 -40.95 8.47 -28.33
N ASP D 86 -40.37 7.53 -29.07
CA ASP D 86 -38.94 7.56 -29.35
C ASP D 86 -38.56 8.83 -30.09
N ALA D 87 -39.41 9.27 -31.02
CA ALA D 87 -39.14 10.53 -31.71
C ALA D 87 -39.37 11.72 -30.79
N ALA D 88 -40.22 11.57 -29.77
CA ALA D 88 -40.49 12.67 -28.86
C ALA D 88 -39.30 12.94 -27.95
N VAL D 89 -38.59 11.89 -27.51
CA VAL D 89 -37.48 12.08 -26.59
C VAL D 89 -36.27 12.71 -27.28
N LEU D 90 -36.24 12.70 -28.62
CA LEU D 90 -35.14 13.34 -29.33
C LEU D 90 -35.22 14.86 -29.27
N VAL D 91 -36.36 15.42 -28.85
CA VAL D 91 -36.52 16.85 -28.62
C VAL D 91 -37.27 17.02 -27.30
N ALA D 92 -37.53 18.27 -26.91
CA ALA D 92 -38.44 18.63 -25.83
C ALA D 92 -38.12 17.93 -24.51
N GLU D 93 -36.88 17.48 -24.33
CA GLU D 93 -36.50 16.86 -23.07
C GLU D 93 -35.02 17.09 -22.74
N GLY D 94 -34.37 18.04 -23.41
CA GLY D 94 -32.95 18.25 -23.20
C GLY D 94 -32.66 18.99 -21.91
N ILE D 95 -31.57 18.61 -21.26
CA ILE D 95 -31.09 19.26 -20.06
C ILE D 95 -29.68 19.79 -20.32
N ASP D 96 -29.26 20.72 -19.48
CA ASP D 96 -27.89 21.22 -19.51
C ASP D 96 -27.03 20.22 -18.74
N VAL D 97 -26.29 19.39 -19.48
CA VAL D 97 -25.50 18.32 -18.88
C VAL D 97 -24.29 18.89 -18.15
N THR D 98 -24.05 20.18 -18.28
CA THR D 98 -22.89 20.82 -17.68
C THR D 98 -23.21 21.55 -16.38
N LEU D 99 -24.45 21.49 -15.91
CA LEU D 99 -24.80 22.19 -14.68
C LEU D 99 -23.99 21.66 -13.51
N PRO D 100 -23.68 22.51 -12.52
CA PRO D 100 -23.01 22.03 -11.31
C PRO D 100 -23.80 20.91 -10.65
N SER D 101 -23.08 19.86 -10.26
CA SER D 101 -23.69 18.69 -9.65
C SER D 101 -23.09 18.32 -8.30
N THR D 102 -22.00 18.97 -7.89
CA THR D 102 -21.31 18.64 -6.65
C THR D 102 -21.89 19.50 -5.53
N ARG D 103 -22.74 18.89 -4.70
CA ARG D 103 -23.27 19.58 -3.53
CA ARG D 103 -23.27 19.58 -3.52
C ARG D 103 -22.30 19.57 -2.35
N VAL D 104 -21.25 18.77 -2.43
CA VAL D 104 -20.22 18.68 -1.38
C VAL D 104 -19.18 19.76 -1.64
N PRO D 105 -18.85 20.58 -0.64
CA PRO D 105 -17.83 21.61 -0.86
C PRO D 105 -16.46 20.99 -1.14
N ALA D 106 -15.57 21.84 -1.64
CA ALA D 106 -14.23 21.37 -2.00
C ALA D 106 -13.45 21.01 -0.75
N GLY D 107 -12.86 19.81 -0.75
CA GLY D 107 -12.01 19.36 0.31
C GLY D 107 -10.62 19.04 -0.23
N ALA D 108 -9.67 18.91 0.70
CA ALA D 108 -8.29 18.63 0.31
C ALA D 108 -7.50 18.17 1.53
N ARG D 109 -6.62 17.21 1.32
CA ARG D 109 -5.61 16.86 2.30
C ARG D 109 -4.40 17.77 2.10
N HIS D 110 -3.65 17.97 3.17
CA HIS D 110 -2.50 18.86 3.10
C HIS D 110 -1.41 18.25 2.23
N PRO D 111 -0.73 19.04 1.41
CA PRO D 111 0.35 18.48 0.58
C PRO D 111 1.47 17.85 1.38
N ILE D 112 1.81 18.40 2.54
CA ILE D 112 2.86 17.83 3.36
C ILE D 112 2.49 16.43 3.83
N ILE D 113 1.22 16.25 4.24
CA ILE D 113 0.74 14.92 4.56
C ILE D 113 0.77 14.03 3.33
N MET D 114 0.38 14.59 2.17
CA MET D 114 0.44 13.83 0.92
C MET D 114 1.87 13.44 0.58
N LEU D 115 2.81 14.36 0.78
CA LEU D 115 4.22 14.05 0.52
C LEU D 115 4.73 13.00 1.49
N ALA D 116 4.36 13.11 2.77
CA ALA D 116 4.76 12.11 3.76
C ALA D 116 4.18 10.74 3.40
N GLU D 117 2.96 10.71 2.88
CA GLU D 117 2.37 9.45 2.45
C GLU D 117 3.14 8.87 1.27
N HIS D 118 3.54 9.72 0.32
CA HIS D 118 4.27 9.24 -0.84
C HIS D 118 5.68 8.77 -0.46
N VAL D 119 6.32 9.45 0.48
CA VAL D 119 7.61 9.00 0.99
C VAL D 119 7.46 7.66 1.69
N ALA D 120 6.43 7.55 2.55
CA ALA D 120 6.20 6.32 3.29
C ALA D 120 5.93 5.15 2.34
N ASP D 121 5.12 5.36 1.31
CA ASP D 121 4.84 4.29 0.36
C ASP D 121 6.09 3.89 -0.40
N THR D 122 6.96 4.84 -0.73
CA THR D 122 8.18 4.53 -1.45
C THR D 122 9.08 3.62 -0.62
N PHE D 123 9.13 3.82 0.69
CA PHE D 123 10.01 3.02 1.53
C PHE D 123 9.38 1.69 1.93
N ILE D 124 8.05 1.64 2.09
CA ILE D 124 7.38 0.36 2.32
C ILE D 124 7.60 -0.57 1.14
N ALA D 125 7.55 -0.03 -0.08
CA ALA D 125 7.79 -0.83 -1.28
C ALA D 125 9.19 -1.39 -1.34
N MET D 126 10.12 -0.84 -0.56
CA MET D 126 11.48 -1.34 -0.47
C MET D 126 11.68 -2.25 0.74
N GLY D 127 10.60 -2.56 1.46
CA GLY D 127 10.67 -3.43 2.62
C GLY D 127 10.76 -2.74 3.95
N TRP D 128 10.89 -1.42 3.98
CA TRP D 128 11.04 -0.69 5.23
C TRP D 128 9.67 -0.55 5.92
N GLU D 129 9.70 -0.02 7.14
CA GLU D 129 8.49 0.17 7.94
C GLU D 129 8.48 1.58 8.51
N LEU D 130 7.35 1.94 9.13
CA LEU D 130 7.13 3.28 9.67
C LEU D 130 7.05 3.20 11.18
N ALA D 131 7.82 4.05 11.86
CA ALA D 131 7.95 4.02 13.31
C ALA D 131 7.11 5.11 13.96
N GLU D 132 7.33 5.32 15.26
CA GLU D 132 6.61 6.33 16.03
C GLU D 132 7.58 7.02 16.98
N GLY D 133 7.26 8.27 17.35
CA GLY D 133 8.11 9.03 18.23
C GLY D 133 7.42 10.21 18.85
N PRO D 134 7.60 10.38 20.16
CA PRO D 134 7.00 11.53 20.85
C PRO D 134 7.73 12.83 20.53
N GLU D 135 6.96 13.92 20.48
CA GLU D 135 7.55 15.21 20.19
C GLU D 135 8.18 15.84 21.44
N VAL D 136 7.54 15.66 22.59
CA VAL D 136 8.15 16.00 23.86
C VAL D 136 9.10 14.85 24.21
N GLU D 137 10.40 15.09 24.07
CA GLU D 137 11.41 14.04 24.22
C GLU D 137 12.34 14.37 25.37
N THR D 138 12.86 13.32 26.00
CA THR D 138 13.89 13.50 27.02
C THR D 138 15.22 13.88 26.38
N GLU D 139 16.04 14.60 27.15
CA GLU D 139 17.38 14.93 26.68
C GLU D 139 18.27 13.69 26.59
N GLN D 140 17.88 12.60 27.25
CA GLN D 140 18.63 11.36 27.15
C GLN D 140 18.54 10.76 25.75
N PHE D 141 17.38 10.89 25.10
CA PHE D 141 17.16 10.32 23.78
C PHE D 141 17.42 11.31 22.65
N ASN D 142 17.37 12.61 22.92
CA ASN D 142 17.55 13.61 21.87
C ASN D 142 19.01 14.04 21.70
N PHE D 143 19.81 13.94 22.76
CA PHE D 143 21.19 14.43 22.68
C PHE D 143 22.18 13.42 23.28
N ASP D 144 21.90 12.94 24.49
CA ASP D 144 22.87 12.13 25.22
C ASP D 144 23.16 10.83 24.49
N ALA D 145 22.11 10.09 24.11
CA ALA D 145 22.30 8.81 23.44
C ALA D 145 22.68 8.95 21.96
N LEU D 146 22.75 10.17 21.45
CA LEU D 146 23.15 10.42 20.07
C LEU D 146 24.55 11.02 19.97
N ASN D 147 25.38 10.80 20.98
CA ASN D 147 26.80 11.20 20.98
C ASN D 147 26.98 12.72 20.91
N PHE D 148 26.00 13.48 21.41
CA PHE D 148 26.16 14.92 21.52
C PHE D 148 27.04 15.23 22.73
N PRO D 149 28.14 15.98 22.57
CA PRO D 149 28.96 16.34 23.72
C PRO D 149 28.18 17.15 24.75
N ALA D 150 28.71 17.18 25.97
CA ALA D 150 28.00 17.84 27.06
C ALA D 150 27.88 19.34 26.86
N ASP D 151 28.82 19.94 26.13
CA ASP D 151 28.83 21.38 25.87
C ASP D 151 28.63 21.68 24.39
N HIS D 152 27.75 20.93 23.73
CA HIS D 152 27.48 21.18 22.33
C HIS D 152 26.66 22.45 22.17
N PRO D 153 27.01 23.32 21.21
CA PRO D 153 26.27 24.58 21.06
C PRO D 153 24.84 24.41 20.59
N ALA D 154 24.50 23.28 19.98
CA ALA D 154 23.14 23.04 19.53
C ALA D 154 22.20 22.61 20.66
N ARG D 155 22.71 22.49 21.89
CA ARG D 155 21.90 22.11 23.03
C ARG D 155 21.57 23.29 23.94
N GLY D 156 21.96 24.51 23.56
CA GLY D 156 21.69 25.67 24.36
C GLY D 156 20.27 26.18 24.18
N GLU D 157 19.97 27.27 24.89
CA GLU D 157 18.65 27.88 24.83
C GLU D 157 18.39 28.61 23.52
N GLN D 158 19.43 28.84 22.70
CA GLN D 158 19.25 29.54 21.44
C GLN D 158 18.77 28.64 20.31
N ASP D 159 18.67 27.33 20.53
CA ASP D 159 18.31 26.41 19.47
C ASP D 159 17.34 25.31 19.88
N THR D 160 17.10 25.09 21.17
CA THR D 160 16.26 23.98 21.64
C THR D 160 15.19 24.52 22.58
N PHE D 161 13.95 24.14 22.32
CA PHE D 161 12.84 24.48 23.22
C PHE D 161 12.88 23.55 24.43
N TYR D 162 13.10 24.12 25.61
CA TYR D 162 13.17 23.36 26.85
C TYR D 162 11.91 23.60 27.67
N ILE D 163 11.62 22.64 28.56
CA ILE D 163 10.47 22.76 29.44
C ILE D 163 10.73 23.87 30.47
N ALA D 164 9.65 24.45 30.98
CA ALA D 164 9.75 25.63 31.84
C ALA D 164 10.64 25.42 33.05
N PRO D 165 10.51 24.35 33.85
CA PRO D 165 11.49 24.13 34.92
C PRO D 165 12.88 23.90 34.36
N GLU D 166 13.79 24.85 34.60
CA GLU D 166 15.13 24.77 34.03
C GLU D 166 15.84 23.49 34.48
N ASP D 167 16.68 22.97 33.60
CA ASP D 167 17.41 21.72 33.83
C ASP D 167 16.45 20.55 34.03
N SER D 168 15.34 20.55 33.30
CA SER D 168 14.40 19.45 33.35
C SER D 168 14.79 18.31 32.42
N ARG D 169 15.72 18.55 31.50
CA ARG D 169 16.13 17.58 30.49
C ARG D 169 14.94 17.07 29.65
N GLN D 170 13.83 17.79 29.71
CA GLN D 170 12.65 17.53 28.90
C GLN D 170 12.54 18.65 27.87
N LEU D 171 12.57 18.29 26.59
CA LEU D 171 12.61 19.27 25.52
C LEU D 171 11.59 18.94 24.44
N LEU D 172 11.33 19.94 23.61
CA LEU D 172 10.68 19.71 22.32
C LEU D 172 11.76 19.31 21.33
N ARG D 173 11.62 18.14 20.71
CA ARG D 173 12.71 17.54 19.95
C ARG D 173 13.18 18.47 18.84
N THR D 174 14.49 18.47 18.61
CA THR D 174 15.11 19.28 17.56
C THR D 174 15.37 18.48 16.30
N HIS D 175 14.90 17.24 16.24
CA HIS D 175 15.05 16.34 15.09
C HIS D 175 14.27 15.08 15.39
N THR D 176 14.19 14.19 14.39
CA THR D 176 13.49 12.92 14.53
C THR D 176 14.40 11.79 14.97
N SER D 177 15.68 12.06 15.23
CA SER D 177 16.64 11.00 15.59
C SER D 177 16.42 10.38 16.97
N PRO D 178 15.65 10.99 17.89
CA PRO D 178 15.24 10.21 19.07
C PRO D 178 14.45 8.97 18.72
N VAL D 179 13.82 8.92 17.55
CA VAL D 179 13.11 7.72 17.13
C VAL D 179 14.10 6.61 16.76
N GLN D 180 15.31 6.98 16.33
CA GLN D 180 16.37 5.98 16.14
C GLN D 180 16.59 5.20 17.43
N ILE D 181 16.87 5.92 18.52
CA ILE D 181 17.13 5.29 19.81
C ILE D 181 15.97 4.38 20.21
N ARG D 182 14.74 4.90 20.11
CA ARG D 182 13.58 4.14 20.54
C ARG D 182 13.39 2.90 19.67
N THR D 183 13.68 3.02 18.37
CA THR D 183 13.63 1.85 17.49
C THR D 183 14.72 0.84 17.86
N LEU D 184 15.97 1.30 17.93
CA LEU D 184 17.08 0.39 18.21
C LEU D 184 16.96 -0.25 19.57
N LEU D 185 16.31 0.41 20.53
CA LEU D 185 16.19 -0.15 21.86
C LEU D 185 15.03 -1.13 21.98
N ALA D 186 13.99 -0.96 21.16
CA ALA D 186 12.78 -1.76 21.30
C ALA D 186 12.64 -2.85 20.26
N ARG D 187 13.25 -2.69 19.08
CA ARG D 187 13.05 -3.61 17.97
C ARG D 187 14.30 -4.45 17.75
N GLU D 188 14.09 -5.73 17.45
CA GLU D 188 15.19 -6.65 17.20
C GLU D 188 15.77 -6.41 15.80
N LEU D 189 17.01 -6.82 15.64
CA LEU D 189 17.71 -6.60 14.38
C LEU D 189 17.36 -7.71 13.37
N PRO D 190 17.42 -7.41 12.07
CA PRO D 190 17.76 -6.11 11.44
C PRO D 190 16.65 -5.08 11.57
N VAL D 191 16.97 -3.81 11.37
CA VAL D 191 16.02 -2.72 11.50
C VAL D 191 16.11 -1.86 10.25
N TYR D 192 14.98 -1.69 9.56
CA TYR D 192 14.86 -0.81 8.40
C TYR D 192 13.60 0.00 8.61
N ILE D 193 13.73 1.21 9.14
CA ILE D 193 12.58 2.03 9.50
C ILE D 193 12.77 3.45 9.01
N ILE D 194 11.66 4.09 8.69
CA ILE D 194 11.62 5.54 8.49
C ILE D 194 10.67 6.12 9.54
N SER D 195 10.85 7.41 9.81
CA SER D 195 10.02 8.11 10.79
C SER D 195 9.71 9.50 10.25
N ILE D 196 8.43 9.86 10.24
CA ILE D 196 7.97 11.14 9.74
C ILE D 196 7.20 11.82 10.86
N GLY D 197 7.71 12.95 11.33
CA GLY D 197 7.08 13.66 12.44
C GLY D 197 7.54 15.09 12.49
N ARG D 198 7.03 15.81 13.50
CA ARG D 198 7.31 17.23 13.64
C ARG D 198 8.66 17.47 14.31
N THR D 199 9.29 18.58 13.95
CA THR D 199 10.58 18.98 14.48
C THR D 199 10.50 20.46 14.87
N PHE D 200 11.20 20.81 15.94
CA PHE D 200 11.07 22.14 16.54
C PHE D 200 12.43 22.79 16.64
N ARG D 201 12.60 23.93 15.96
CA ARG D 201 13.82 24.72 16.00
C ARG D 201 13.46 26.17 16.28
N THR D 202 14.47 26.95 16.64
CA THR D 202 14.29 28.37 16.96
C THR D 202 14.65 29.22 15.74
N ASP D 203 13.80 29.10 14.71
CA ASP D 203 13.97 29.83 13.48
C ASP D 203 12.78 30.75 13.25
N GLU D 204 13.04 31.89 12.60
CA GLU D 204 12.00 32.85 12.30
C GLU D 204 11.16 32.39 11.12
N LEU D 205 9.85 32.61 11.22
CA LEU D 205 8.93 32.22 10.16
C LEU D 205 8.94 33.25 9.05
N ASP D 206 9.35 32.83 7.85
CA ASP D 206 9.38 33.72 6.69
C ASP D 206 9.14 32.87 5.44
N ALA D 207 9.51 33.41 4.28
CA ALA D 207 9.21 32.76 3.01
C ALA D 207 10.00 31.47 2.79
N THR D 208 11.06 31.23 3.58
CA THR D 208 11.87 30.05 3.40
C THR D 208 12.14 29.27 4.69
N HIS D 209 11.79 29.81 5.85
CA HIS D 209 12.05 29.15 7.12
C HIS D 209 10.77 29.09 7.95
N THR D 210 10.67 28.03 8.76
CA THR D 210 9.56 27.84 9.68
C THR D 210 10.08 27.21 10.96
N PRO D 211 9.61 27.66 12.12
CA PRO D 211 10.07 27.08 13.39
C PRO D 211 9.66 25.63 13.55
N ILE D 212 8.38 25.34 13.31
CA ILE D 212 7.87 23.97 13.35
C ILE D 212 7.78 23.46 11.93
N PHE D 213 8.22 22.22 11.74
CA PHE D 213 8.23 21.61 10.40
C PHE D 213 8.33 20.10 10.56
N HIS D 214 8.10 19.41 9.45
CA HIS D 214 8.07 17.96 9.42
C HIS D 214 9.28 17.46 8.64
N GLN D 215 9.97 16.47 9.20
CA GLN D 215 11.11 15.86 8.53
C GLN D 215 10.97 14.35 8.56
N VAL D 216 11.51 13.70 7.54
CA VAL D 216 11.56 12.24 7.47
C VAL D 216 12.98 11.80 7.80
N GLU D 217 13.10 10.78 8.64
CA GLU D 217 14.39 10.21 8.97
C GLU D 217 14.37 8.71 8.77
N GLY D 218 15.44 8.20 8.16
CA GLY D 218 15.58 6.78 7.91
C GLY D 218 16.68 6.19 8.78
N LEU D 219 16.54 4.92 9.12
CA LEU D 219 17.54 4.22 9.91
C LEU D 219 17.56 2.77 9.48
N ALA D 220 18.71 2.30 9.03
CA ALA D 220 18.91 0.90 8.65
C ALA D 220 20.11 0.37 9.42
N VAL D 221 19.91 -0.74 10.14
CA VAL D 221 20.97 -1.39 10.90
C VAL D 221 20.91 -2.88 10.62
N ASP D 222 21.99 -3.42 10.04
CA ASP D 222 22.04 -4.81 9.64
C ASP D 222 23.50 -5.23 9.55
N ARG D 223 23.73 -6.48 9.17
CA ARG D 223 25.08 -6.97 8.94
C ARG D 223 25.54 -6.56 7.55
N GLY D 224 26.68 -5.88 7.47
CA GLY D 224 27.29 -5.56 6.20
C GLY D 224 26.75 -4.34 5.49
N LEU D 225 25.95 -3.52 6.15
CA LEU D 225 25.47 -2.29 5.54
C LEU D 225 26.62 -1.31 5.35
N SER D 226 26.68 -0.69 4.18
CA SER D 226 27.80 0.16 3.79
C SER D 226 27.29 1.49 3.27
N MET D 227 28.25 2.40 3.01
CA MET D 227 27.90 3.69 2.41
C MET D 227 27.28 3.51 1.03
N ALA D 228 27.60 2.42 0.35
CA ALA D 228 27.00 2.16 -0.95
C ALA D 228 25.51 1.86 -0.83
N HIS D 229 25.10 1.19 0.24
CA HIS D 229 23.68 0.97 0.48
C HIS D 229 22.98 2.26 0.87
N LEU D 230 23.69 3.14 1.60
CA LEU D 230 23.13 4.45 1.92
C LEU D 230 22.89 5.27 0.65
N ARG D 231 23.87 5.27 -0.26
CA ARG D 231 23.72 6.03 -1.50
C ARG D 231 22.64 5.42 -2.39
N GLY D 232 22.56 4.08 -2.44
CA GLY D 232 21.49 3.45 -3.20
C GLY D 232 20.12 3.83 -2.68
N THR D 233 19.97 3.83 -1.34
CA THR D 233 18.71 4.25 -0.74
C THR D 233 18.40 5.70 -1.05
N LEU D 234 19.40 6.58 -0.90
CA LEU D 234 19.20 7.99 -1.15
C LEU D 234 18.79 8.25 -2.59
N ASP D 235 19.36 7.50 -3.54
CA ASP D 235 19.06 7.72 -4.94
C ASP D 235 17.64 7.28 -5.29
N ALA D 236 17.19 6.16 -4.72
CA ALA D 236 15.81 5.72 -4.92
C ALA D 236 14.84 6.73 -4.33
N PHE D 237 15.16 7.27 -3.14
CA PHE D 237 14.34 8.31 -2.54
C PHE D 237 14.24 9.52 -3.46
N ALA D 238 15.35 9.95 -4.05
CA ALA D 238 15.32 11.12 -4.91
C ALA D 238 14.60 10.84 -6.22
N ARG D 239 14.78 9.66 -6.79
CA ARG D 239 14.09 9.30 -8.03
C ARG D 239 12.58 9.26 -7.82
N ALA D 240 12.15 8.82 -6.62
CA ALA D 240 10.72 8.72 -6.36
C ALA D 240 10.08 10.09 -6.18
N GLU D 241 10.81 11.06 -5.64
CA GLU D 241 10.23 12.38 -5.38
C GLU D 241 10.46 13.35 -6.53
N PHE D 242 11.62 13.30 -7.17
CA PHE D 242 12.01 14.29 -8.17
C PHE D 242 12.00 13.76 -9.60
N GLY D 243 11.73 12.46 -9.79
CA GLY D 243 11.66 11.91 -11.12
C GLY D 243 12.83 11.01 -11.45
N PRO D 244 12.71 10.24 -12.54
CA PRO D 244 13.76 9.26 -12.88
C PRO D 244 15.07 9.87 -13.32
N SER D 245 15.12 11.17 -13.61
CA SER D 245 16.34 11.83 -14.04
C SER D 245 17.07 12.51 -12.88
N ALA D 246 16.67 12.25 -11.64
CA ALA D 246 17.26 12.91 -10.48
C ALA D 246 18.59 12.28 -10.14
N ARG D 247 19.64 13.09 -10.10
CA ARG D 247 20.96 12.65 -9.67
C ARG D 247 21.31 13.32 -8.34
N THR D 248 22.04 12.58 -7.51
CA THR D 248 22.41 13.06 -6.18
C THR D 248 23.93 12.95 -6.00
N ARG D 249 24.46 13.84 -5.16
CA ARG D 249 25.85 13.79 -4.75
C ARG D 249 25.92 13.93 -3.24
N ILE D 250 26.92 13.28 -2.64
CA ILE D 250 27.15 13.35 -1.21
C ILE D 250 28.52 13.96 -0.99
N ARG D 251 28.57 15.03 -0.22
CA ARG D 251 29.82 15.64 0.20
C ARG D 251 29.99 15.51 1.71
N PRO D 252 31.22 15.37 2.19
CA PRO D 252 31.42 15.14 3.63
C PRO D 252 30.94 16.33 4.47
N HIS D 253 30.44 16.00 5.65
CA HIS D 253 30.01 16.98 6.63
C HIS D 253 30.14 16.35 8.01
N PHE D 254 29.67 17.04 9.04
CA PHE D 254 29.75 16.55 10.41
C PHE D 254 28.36 16.43 11.00
N PHE D 255 28.15 15.35 11.75
CA PHE D 255 26.97 15.15 12.57
C PHE D 255 27.39 14.31 13.76
N PRO D 256 26.88 14.60 14.96
CA PRO D 256 27.36 13.89 16.15
C PRO D 256 27.02 12.41 16.16
N PHE D 257 25.94 12.00 15.49
CA PHE D 257 25.46 10.63 15.56
C PHE D 257 25.90 9.79 14.36
N THR D 258 26.65 10.36 13.42
CA THR D 258 27.13 9.61 12.27
C THR D 258 28.62 9.83 12.08
N GLU D 259 29.29 8.80 11.58
CA GLU D 259 30.71 8.83 11.26
C GLU D 259 31.05 7.65 10.35
N PRO D 260 31.39 7.90 9.07
CA PRO D 260 31.47 9.20 8.39
C PRO D 260 30.10 9.85 8.17
N SER D 261 30.06 11.17 8.11
CA SER D 261 28.85 11.93 7.87
C SER D 261 28.94 12.63 6.51
N ALA D 262 27.78 12.96 5.95
CA ALA D 262 27.74 13.60 4.65
C ALA D 262 26.47 14.40 4.51
N GLU D 263 26.45 15.27 3.51
CA GLU D 263 25.26 16.02 3.13
C GLU D 263 24.82 15.59 1.73
N VAL D 264 23.52 15.48 1.54
CA VAL D 264 22.95 15.02 0.27
C VAL D 264 22.47 16.23 -0.51
N ASP D 265 23.00 16.39 -1.72
CA ASP D 265 22.51 17.38 -2.66
C ASP D 265 21.74 16.66 -3.78
N VAL D 266 20.79 17.37 -4.37
CA VAL D 266 19.90 16.79 -5.37
C VAL D 266 19.96 17.64 -6.64
N TRP D 267 19.95 16.97 -7.79
CA TRP D 267 19.89 17.63 -9.09
C TRP D 267 18.79 16.95 -9.89
N PHE D 268 17.70 17.68 -10.13
CA PHE D 268 16.55 17.16 -10.87
C PHE D 268 16.35 18.00 -12.13
N ALA D 269 15.26 17.74 -12.84
CA ALA D 269 14.94 18.45 -14.07
C ALA D 269 14.66 19.93 -13.80
N GLY D 273 17.68 28.57 -10.69
CA GLY D 273 17.71 27.16 -10.37
C GLY D 273 17.90 26.27 -11.59
N GLY D 274 17.65 24.97 -11.42
CA GLY D 274 17.79 24.02 -12.50
C GLY D 274 19.16 23.37 -12.56
N ALA D 275 20.20 24.18 -12.72
CA ALA D 275 21.56 23.68 -12.82
C ALA D 275 22.38 24.17 -11.62
N ALA D 276 22.09 23.58 -10.46
CA ALA D 276 22.79 23.90 -9.23
C ALA D 276 22.54 22.79 -8.21
N TRP D 277 23.59 22.36 -7.54
CA TRP D 277 23.47 21.35 -6.49
C TRP D 277 22.82 21.98 -5.27
N VAL D 278 21.56 21.66 -5.03
CA VAL D 278 20.80 22.22 -3.91
C VAL D 278 20.85 21.24 -2.75
N GLU D 279 21.13 21.77 -1.56
CA GLU D 279 21.18 20.95 -0.36
C GLU D 279 19.81 20.33 -0.08
N TRP D 280 19.79 19.02 0.15
CA TRP D 280 18.56 18.28 0.45
C TRP D 280 18.48 17.82 1.88
N GLY D 281 19.53 17.17 2.39
CA GLY D 281 19.51 16.71 3.76
C GLY D 281 20.88 16.24 4.21
N GLY D 282 20.89 15.55 5.35
CA GLY D 282 22.10 15.00 5.90
C GLY D 282 22.03 13.50 6.10
N CYS D 283 23.18 12.83 6.12
CA CYS D 283 23.21 11.37 6.19
C CYS D 283 24.55 10.94 6.77
N GLY D 284 24.75 9.63 6.83
CA GLY D 284 26.01 9.08 7.31
C GLY D 284 25.81 7.69 7.86
N MET D 285 26.93 7.07 8.20
CA MET D 285 26.91 5.77 8.85
C MET D 285 26.70 5.94 10.35
N VAL D 286 25.85 5.10 10.93
CA VAL D 286 25.52 5.21 12.35
C VAL D 286 26.78 5.09 13.17
N HIS D 287 27.03 6.09 14.02
CA HIS D 287 28.22 6.11 14.84
C HIS D 287 28.25 4.86 15.73
N PRO D 288 29.42 4.23 15.89
CA PRO D 288 29.49 3.03 16.74
C PRO D 288 29.11 3.30 18.19
N ASN D 289 29.28 4.53 18.67
CA ASN D 289 28.85 4.86 20.04
C ASN D 289 27.33 4.83 20.15
N VAL D 290 26.63 5.24 19.09
CA VAL D 290 25.17 5.14 19.09
C VAL D 290 24.74 3.68 19.16
N LEU D 291 25.49 2.79 18.50
CA LEU D 291 25.17 1.37 18.55
C LEU D 291 25.46 0.78 19.91
N ARG D 292 26.56 1.19 20.54
CA ARG D 292 26.90 0.67 21.86
C ARG D 292 25.98 1.24 22.93
N ALA D 293 25.42 2.43 22.70
CA ALA D 293 24.45 3.01 23.62
C ALA D 293 23.11 2.29 23.59
N THR D 294 22.87 1.45 22.58
CA THR D 294 21.63 0.69 22.47
C THR D 294 21.85 -0.81 22.53
N GLY D 295 23.06 -1.25 22.90
CA GLY D 295 23.32 -2.67 23.07
C GLY D 295 23.63 -3.43 21.81
N ILE D 296 24.02 -2.74 20.73
CA ILE D 296 24.29 -3.37 19.44
C ILE D 296 25.80 -3.43 19.24
N ASP D 297 26.30 -4.61 18.93
CA ASP D 297 27.73 -4.81 18.70
C ASP D 297 28.15 -4.13 17.40
N PRO D 298 29.02 -3.12 17.44
CA PRO D 298 29.45 -2.46 16.19
C PRO D 298 30.35 -3.34 15.34
N ASP D 299 30.88 -4.44 15.87
CA ASP D 299 31.68 -5.36 15.07
C ASP D 299 30.82 -6.31 14.24
N LEU D 300 29.56 -6.50 14.64
CA LEU D 300 28.66 -7.39 13.91
C LEU D 300 27.62 -6.65 13.08
N TYR D 301 27.31 -5.40 13.44
CA TYR D 301 26.25 -4.65 12.78
C TYR D 301 26.75 -3.24 12.44
N SER D 302 26.57 -2.85 11.19
CA SER D 302 26.75 -1.48 10.74
C SER D 302 25.40 -0.93 10.29
N GLY D 303 25.39 0.34 9.91
CA GLY D 303 24.16 0.94 9.45
C GLY D 303 24.34 2.40 9.09
N PHE D 304 23.31 2.95 8.46
CA PHE D 304 23.31 4.34 8.04
C PHE D 304 22.01 5.01 8.44
N ALA D 305 22.00 6.34 8.31
CA ALA D 305 20.82 7.14 8.61
C ALA D 305 20.80 8.33 7.66
N PHE D 306 19.64 8.97 7.57
CA PHE D 306 19.48 10.15 6.72
C PHE D 306 18.27 10.94 7.20
N GLY D 307 18.30 12.25 6.95
CA GLY D 307 17.21 13.12 7.36
C GLY D 307 16.93 14.25 6.39
N MET D 308 15.68 14.37 5.95
CA MET D 308 15.26 15.42 5.04
C MET D 308 13.99 16.08 5.56
N GLY D 309 13.89 17.39 5.36
CA GLY D 309 12.70 18.13 5.75
C GLY D 309 11.66 18.08 4.65
N LEU D 310 10.44 17.68 5.01
CA LEU D 310 9.36 17.66 4.04
C LEU D 310 9.00 19.07 3.58
N GLU D 311 9.03 20.04 4.51
CA GLU D 311 8.81 21.42 4.15
C GLU D 311 9.80 21.88 3.08
N ARG D 312 11.08 21.55 3.27
CA ARG D 312 12.09 21.93 2.29
C ARG D 312 11.90 21.17 0.98
N THR D 313 11.62 19.87 1.06
CA THR D 313 11.49 19.05 -0.14
C THR D 313 10.37 19.56 -1.04
N LEU D 314 9.22 19.91 -0.44
CA LEU D 314 8.09 20.34 -1.25
C LEU D 314 8.30 21.74 -1.83
N GLN D 315 9.11 22.57 -1.18
CA GLN D 315 9.24 23.96 -1.61
C GLN D 315 9.93 24.07 -2.96
N PHE D 316 11.02 23.33 -3.17
CA PHE D 316 11.73 23.41 -4.44
C PHE D 316 11.31 22.34 -5.44
N ARG D 317 10.63 21.28 -5.00
CA ARG D 317 10.13 20.29 -5.95
C ARG D 317 8.92 20.82 -6.71
N ASN D 318 8.13 21.70 -6.08
CA ASN D 318 6.97 22.30 -6.72
C ASN D 318 7.15 23.78 -7.03
N GLY D 319 8.01 24.47 -6.29
CA GLY D 319 8.24 25.89 -6.54
C GLY D 319 7.42 26.83 -5.70
N ILE D 320 6.99 26.41 -4.52
CA ILE D 320 6.17 27.28 -3.67
C ILE D 320 7.00 28.49 -3.24
N PRO D 321 6.52 29.71 -3.46
CA PRO D 321 7.32 30.89 -3.10
C PRO D 321 7.37 31.15 -1.61
N ASP D 322 6.21 31.18 -0.95
CA ASP D 322 6.11 31.53 0.47
C ASP D 322 5.87 30.26 1.27
N MET D 323 6.83 29.92 2.13
CA MET D 323 6.64 28.77 3.02
C MET D 323 5.66 29.07 4.14
N ARG D 324 5.33 30.35 4.37
CA ARG D 324 4.31 30.68 5.36
C ARG D 324 2.96 30.12 4.96
N ASP D 325 2.64 30.16 3.66
CA ASP D 325 1.39 29.58 3.18
C ASP D 325 1.33 28.08 3.39
N MET D 326 2.47 27.45 3.66
CA MET D 326 2.52 26.00 3.81
C MET D 326 2.12 25.53 5.20
N VAL D 327 2.12 26.42 6.19
CA VAL D 327 1.89 26.02 7.57
C VAL D 327 0.77 26.87 8.19
N GLU D 328 0.39 27.95 7.52
CA GLU D 328 -0.60 28.86 8.09
C GLU D 328 -2.01 28.31 8.03
N GLY D 329 -2.27 27.33 7.18
CA GLY D 329 -3.58 26.71 7.13
C GLY D 329 -4.61 27.45 6.31
N ASP D 330 -4.19 28.31 5.39
CA ASP D 330 -5.14 28.95 4.50
C ASP D 330 -5.69 27.91 3.52
N VAL D 331 -6.99 28.01 3.25
CA VAL D 331 -7.65 27.01 2.40
C VAL D 331 -7.21 27.17 0.95
N ARG D 332 -6.83 28.39 0.54
CA ARG D 332 -6.41 28.62 -0.84
C ARG D 332 -5.12 27.89 -1.19
N PHE D 333 -4.37 27.42 -0.20
CA PHE D 333 -3.12 26.73 -0.48
C PHE D 333 -3.33 25.23 -0.67
N SER D 334 -4.25 24.62 0.08
CA SER D 334 -4.44 23.18 0.02
C SER D 334 -5.33 22.78 -1.15
N LEU D 335 -6.38 23.56 -1.41
CA LEU D 335 -7.37 23.17 -2.41
C LEU D 335 -6.81 22.88 -3.80
N PRO D 336 -5.85 23.65 -4.35
CA PRO D 336 -5.32 23.29 -5.67
C PRO D 336 -4.68 21.92 -5.74
N PHE D 337 -4.30 21.34 -4.61
CA PHE D 337 -3.68 20.02 -4.61
C PHE D 337 -4.68 18.87 -4.70
N GLY D 338 -5.96 19.18 -4.87
CA GLY D 338 -6.97 18.15 -5.04
C GLY D 338 -7.30 17.46 -3.72
N VAL D 339 -8.27 16.55 -3.81
CA VAL D 339 -8.71 15.82 -2.62
C VAL D 339 -7.60 14.93 -2.09
N GLY D 340 -7.01 14.12 -2.97
CA GLY D 340 -5.97 13.20 -2.55
C GLY D 340 -6.48 11.94 -1.91
N ALA D 341 -7.55 11.35 -2.46
CA ALA D 341 -8.11 10.13 -1.91
C ALA D 341 -7.25 8.92 -2.27
N ASN E 3 31.98 29.74 14.24
CA ASN E 3 32.65 28.63 13.59
C ASN E 3 33.26 29.05 12.26
N ALA E 4 33.22 30.36 11.99
CA ALA E 4 33.72 30.88 10.73
C ALA E 4 35.25 30.93 10.73
N MET E 5 35.81 30.94 9.52
CA MET E 5 37.25 31.04 9.32
C MET E 5 37.46 31.73 7.98
N ARG E 6 37.99 32.96 8.01
CA ARG E 6 38.22 33.74 6.82
C ARG E 6 39.72 33.90 6.59
N LEU E 7 40.15 33.70 5.35
CA LEU E 7 41.54 33.93 4.96
C LEU E 7 41.58 34.33 3.50
N PRO E 8 42.59 35.08 3.09
CA PRO E 8 42.77 35.34 1.65
C PRO E 8 43.43 34.16 0.96
N TYR E 9 43.16 34.04 -0.35
CA TYR E 9 43.72 32.95 -1.12
C TYR E 9 45.23 33.07 -1.25
N SER E 10 45.75 34.29 -1.35
CA SER E 10 47.18 34.48 -1.52
C SER E 10 47.97 33.89 -0.36
N TRP E 11 47.50 34.14 0.88
CA TRP E 11 48.21 33.59 2.04
C TRP E 11 48.10 32.07 2.09
N LEU E 12 46.91 31.53 1.82
CA LEU E 12 46.75 30.08 1.81
C LEU E 12 47.59 29.43 0.71
N ARG E 13 47.58 30.03 -0.49
CA ARG E 13 48.38 29.49 -1.59
C ARG E 13 49.87 29.58 -1.29
N GLU E 14 50.29 30.57 -0.50
CA GLU E 14 51.70 30.71 -0.16
C GLU E 14 52.20 29.54 0.68
N VAL E 15 51.43 29.17 1.71
CA VAL E 15 51.84 28.08 2.59
C VAL E 15 51.86 26.76 1.82
N VAL E 16 50.94 26.58 0.88
CA VAL E 16 50.93 25.36 0.07
C VAL E 16 52.09 25.37 -0.92
N ALA E 17 52.47 26.54 -1.43
CA ALA E 17 53.52 26.62 -2.43
C ALA E 17 54.91 26.36 -1.88
N VAL E 18 55.08 26.34 -0.55
CA VAL E 18 56.39 26.09 0.03
C VAL E 18 56.86 24.67 -0.29
N GLY E 19 55.94 23.71 -0.23
CA GLY E 19 56.27 22.32 -0.52
C GLY E 19 56.00 21.94 -1.96
N ALA E 20 54.99 22.57 -2.57
CA ALA E 20 54.64 22.35 -3.96
C ALA E 20 54.72 23.69 -4.68
N SER E 21 55.91 24.02 -5.18
CA SER E 21 56.12 25.29 -5.84
C SER E 21 55.28 25.39 -7.11
N GLY E 22 54.71 26.57 -7.34
CA GLY E 22 53.90 26.81 -8.52
C GLY E 22 52.46 26.36 -8.43
N TRP E 23 51.99 25.96 -7.25
CA TRP E 23 50.62 25.50 -7.12
C TRP E 23 49.65 26.68 -7.19
N ASP E 24 48.74 26.64 -8.15
CA ASP E 24 47.74 27.69 -8.33
C ASP E 24 46.50 27.07 -8.94
N VAL E 25 45.33 27.39 -8.36
CA VAL E 25 44.07 26.83 -8.81
C VAL E 25 43.04 27.95 -8.92
N THR E 26 42.02 27.70 -9.74
CA THR E 26 40.93 28.65 -9.89
C THR E 26 40.13 28.71 -8.59
N PRO E 27 39.73 29.91 -8.14
CA PRO E 27 38.92 30.02 -6.91
C PRO E 27 37.69 29.14 -6.92
N GLY E 28 37.06 28.94 -8.08
CA GLY E 28 35.96 28.00 -8.16
C GLY E 28 36.40 26.57 -7.92
N GLU E 29 37.57 26.20 -8.46
CA GLU E 29 38.11 24.86 -8.22
C GLU E 29 38.49 24.68 -6.76
N LEU E 30 39.05 25.72 -6.13
CA LEU E 30 39.42 25.63 -4.73
C LEU E 30 38.19 25.42 -3.85
N GLU E 31 37.12 26.18 -4.10
CA GLU E 31 35.88 26.00 -3.37
C GLU E 31 35.31 24.60 -3.61
N GLN E 32 35.35 24.13 -4.86
CA GLN E 32 34.87 22.80 -5.18
C GLN E 32 35.69 21.72 -4.48
N THR E 33 37.01 21.91 -4.43
CA THR E 33 37.86 20.93 -3.74
C THR E 33 37.64 20.98 -2.23
N LEU E 34 37.46 22.16 -1.67
CA LEU E 34 37.19 22.27 -0.24
C LEU E 34 35.83 21.65 0.11
N LEU E 35 34.85 21.80 -0.79
CA LEU E 35 33.55 21.17 -0.54
C LEU E 35 33.66 19.65 -0.63
N ARG E 36 34.47 19.13 -1.54
CA ARG E 36 34.58 17.69 -1.73
C ARG E 36 35.23 16.99 -0.55
N ILE E 37 36.02 17.71 0.27
CA ILE E 37 36.66 17.10 1.42
C ILE E 37 35.99 17.46 2.74
N GLY E 38 34.96 18.30 2.71
CA GLY E 38 34.15 18.52 3.90
C GLY E 38 34.34 19.87 4.58
N HIS E 39 34.51 20.94 3.81
CA HIS E 39 34.66 22.28 4.34
C HIS E 39 33.64 23.18 3.66
N GLU E 40 32.63 23.61 4.42
CA GLU E 40 31.56 24.46 3.89
C GLU E 40 32.13 25.83 3.52
N VAL E 41 32.14 26.15 2.23
CA VAL E 41 32.56 27.45 1.75
C VAL E 41 31.34 28.36 1.77
N GLU E 42 31.25 29.20 2.81
CA GLU E 42 30.06 30.04 3.00
C GLU E 42 29.96 31.10 1.90
N GLU E 43 31.07 31.77 1.60
CA GLU E 43 31.04 32.86 0.64
C GLU E 43 32.45 33.11 0.12
N VAL E 44 32.54 33.43 -1.17
CA VAL E 44 33.80 33.74 -1.85
C VAL E 44 33.76 35.21 -2.21
N ILE E 45 34.65 36.01 -1.62
CA ILE E 45 34.66 37.46 -1.75
C ILE E 45 35.89 37.85 -2.55
N PRO E 46 35.74 38.31 -3.79
CA PRO E 46 36.85 38.99 -4.47
C PRO E 46 36.98 40.42 -3.98
N LEU E 47 38.23 40.89 -3.97
CA LEU E 47 38.53 42.22 -3.46
C LEU E 47 38.38 43.28 -4.55
N GLY E 48 38.04 44.50 -4.14
CA GLY E 48 37.89 45.60 -5.06
C GLY E 48 36.66 45.49 -5.93
N PRO E 49 36.83 45.71 -7.24
CA PRO E 49 38.06 46.09 -7.93
C PRO E 49 38.10 47.58 -8.29
N VAL E 50 39.29 48.15 -8.46
CA VAL E 50 39.45 49.54 -8.86
C VAL E 50 39.98 49.59 -10.28
N ASP E 51 39.94 50.78 -10.87
CA ASP E 51 40.47 51.01 -12.20
C ASP E 51 40.72 52.50 -12.37
N GLY E 52 41.80 52.83 -13.08
CA GLY E 52 42.14 54.20 -13.36
C GLY E 52 43.11 54.78 -12.36
N PRO E 53 43.12 56.11 -12.21
CA PRO E 53 44.08 56.76 -11.31
C PRO E 53 43.74 56.57 -9.83
N VAL E 54 44.05 55.40 -9.29
CA VAL E 54 43.96 55.14 -7.86
C VAL E 54 45.35 54.74 -7.41
N THR E 55 46.06 55.68 -6.77
CA THR E 55 47.44 55.47 -6.36
C THR E 55 47.60 55.89 -4.90
N VAL E 56 48.81 55.73 -4.39
CA VAL E 56 49.11 56.05 -3.00
C VAL E 56 49.83 57.39 -2.96
N GLY E 57 49.89 57.98 -1.78
CA GLY E 57 50.55 59.26 -1.59
C GLY E 57 50.64 59.60 -0.13
N ARG E 58 51.53 60.54 0.18
CA ARG E 58 51.76 61.00 1.54
C ARG E 58 51.21 62.41 1.70
N VAL E 59 50.47 62.64 2.78
CA VAL E 59 49.98 63.98 3.07
C VAL E 59 51.14 64.86 3.53
N ALA E 60 51.14 66.12 3.09
CA ALA E 60 52.23 67.04 3.38
C ALA E 60 51.86 68.14 4.35
N ASP E 61 50.64 68.65 4.30
CA ASP E 61 50.21 69.74 5.16
C ASP E 61 48.82 69.47 5.68
N ILE E 62 48.54 69.97 6.88
CA ILE E 62 47.23 69.85 7.52
C ILE E 62 46.65 71.25 7.68
N GLU E 63 45.37 71.41 7.34
CA GLU E 63 44.68 72.70 7.44
C GLU E 63 43.36 72.46 8.17
N GLU E 64 43.34 72.73 9.47
CA GLU E 64 42.14 72.55 10.28
C GLU E 64 41.28 73.81 10.27
N ARG E 73 38.83 69.64 5.98
CA ARG E 73 40.25 69.67 6.27
C ARG E 73 41.07 69.39 5.01
N ALA E 74 41.88 70.36 4.61
CA ALA E 74 42.66 70.24 3.38
C ALA E 74 43.90 69.38 3.61
N CYS E 75 44.37 68.75 2.53
CA CYS E 75 45.50 67.86 2.59
C CYS E 75 46.27 67.94 1.28
N ALA E 76 47.60 67.97 1.38
CA ALA E 76 48.49 68.03 0.21
C ALA E 76 49.18 66.69 0.06
N VAL E 77 48.84 65.96 -1.00
CA VAL E 77 49.34 64.61 -1.22
C VAL E 77 50.14 64.60 -2.52
N ASP E 78 51.35 64.05 -2.46
CA ASP E 78 52.20 63.91 -3.65
C ASP E 78 51.88 62.57 -4.30
N ILE E 79 51.06 62.61 -5.33
CA ILE E 79 50.75 61.42 -6.13
C ILE E 79 51.84 61.18 -7.17
N ARG E 82 54.29 61.38 -9.63
CA ARG E 82 55.02 62.57 -10.05
C ARG E 82 54.08 63.75 -10.27
N GLN E 83 53.41 64.17 -9.19
CA GLN E 83 52.48 65.29 -9.25
C GLN E 83 52.17 65.73 -7.81
N TYR E 84 51.25 66.68 -7.68
CA TYR E 84 50.97 67.29 -6.38
C TYR E 84 49.55 67.84 -6.41
N ARG E 85 48.67 67.29 -5.58
CA ARG E 85 47.27 67.68 -5.54
C ARG E 85 46.86 68.06 -4.12
N GLU E 86 45.64 68.58 -4.01
CA GLU E 86 45.04 68.94 -2.72
C GLU E 86 43.66 68.31 -2.63
N ILE E 87 43.37 67.66 -1.50
CA ILE E 87 42.15 66.89 -1.33
C ILE E 87 41.58 67.15 0.06
N ILE E 88 40.26 67.31 0.12
CA ILE E 88 39.57 67.49 1.40
C ILE E 88 39.01 66.15 1.87
N THR E 92 40.70 62.90 9.03
CA THR E 92 40.04 62.59 10.29
C THR E 92 40.94 61.75 11.19
N ASN E 93 41.47 60.66 10.64
CA ASN E 93 42.35 59.78 11.40
C ASN E 93 43.71 59.64 10.72
N PHE E 94 44.34 60.77 10.40
CA PHE E 94 45.63 60.77 9.73
C PHE E 94 46.41 62.01 10.12
N ALA E 95 47.72 61.87 10.25
CA ALA E 95 48.62 62.96 10.57
C ALA E 95 49.55 63.24 9.38
N VAL E 96 50.33 64.32 9.51
CA VAL E 96 51.21 64.74 8.43
C VAL E 96 52.29 63.69 8.20
N GLY E 97 52.44 63.26 6.95
CA GLY E 97 53.45 62.30 6.58
C GLY E 97 52.98 60.88 6.40
N ASP E 98 51.69 60.61 6.63
CA ASP E 98 51.17 59.25 6.53
C ASP E 98 50.81 58.92 5.09
N LEU E 99 51.08 57.69 4.69
CA LEU E 99 50.70 57.22 3.36
C LEU E 99 49.21 56.90 3.32
N VAL E 100 48.51 57.45 2.33
CA VAL E 100 47.08 57.26 2.18
C VAL E 100 46.79 56.77 0.77
N VAL E 101 45.58 56.23 0.60
CA VAL E 101 45.11 55.74 -0.70
C VAL E 101 44.27 56.84 -1.33
N VAL E 102 44.65 57.26 -2.53
CA VAL E 102 44.01 58.37 -3.22
C VAL E 102 43.28 57.85 -4.45
N ALA E 103 42.06 58.32 -4.66
CA ALA E 103 41.26 58.00 -5.83
C ALA E 103 40.94 59.30 -6.56
N LEU E 104 41.62 59.54 -7.66
CA LEU E 104 41.42 60.74 -8.46
C LEU E 104 40.33 60.53 -9.50
N PRO E 105 39.65 61.60 -9.92
CA PRO E 105 38.61 61.46 -10.94
C PRO E 105 39.14 60.90 -12.25
N GLY E 106 38.82 59.65 -12.55
CA GLY E 106 39.30 59.00 -13.75
C GLY E 106 38.38 57.92 -14.27
N ALA E 107 38.61 56.68 -13.87
CA ALA E 107 37.83 55.56 -14.37
C ALA E 107 36.71 55.18 -13.41
N THR E 108 36.90 54.13 -12.62
CA THR E 108 35.83 53.59 -11.80
C THR E 108 36.29 53.46 -10.35
N LEU E 109 35.54 52.71 -9.55
CA LEU E 109 35.74 52.44 -8.13
C LEU E 109 34.73 51.39 -7.70
N PRO E 110 35.07 50.50 -6.77
CA PRO E 110 34.12 49.46 -6.35
C PRO E 110 32.85 50.08 -5.76
N GLY E 111 31.71 49.69 -6.34
CA GLY E 111 30.42 50.25 -5.96
C GLY E 111 29.81 51.17 -7.00
N GLY E 112 30.51 51.44 -8.10
CA GLY E 112 29.99 52.29 -9.14
C GLY E 112 30.23 53.78 -8.93
N PHE E 113 30.62 54.20 -7.74
CA PHE E 113 30.82 55.62 -7.45
C PHE E 113 32.08 56.11 -8.15
N THR E 114 31.91 56.96 -9.16
CA THR E 114 33.03 57.53 -9.89
C THR E 114 33.48 58.82 -9.21
N ILE E 115 34.75 58.87 -8.83
CA ILE E 115 35.29 60.03 -8.13
C ILE E 115 35.37 61.23 -9.07
N ASP E 126 40.05 67.69 -5.52
CA ASP E 126 40.80 67.10 -6.62
C ASP E 126 40.96 65.59 -6.42
N GLY E 127 39.88 64.94 -6.02
CA GLY E 127 39.92 63.51 -5.77
C GLY E 127 39.31 63.11 -4.44
N MET E 128 39.79 62.01 -3.86
CA MET E 128 39.24 61.50 -2.62
C MET E 128 40.26 60.59 -1.95
N ILE E 129 40.41 60.74 -0.64
CA ILE E 129 41.23 59.85 0.16
C ILE E 129 40.34 58.68 0.57
N CYS E 130 40.63 57.49 0.03
CA CYS E 130 39.77 56.34 0.21
C CYS E 130 39.91 55.75 1.61
N SER E 131 38.88 55.03 2.02
CA SER E 131 38.85 54.27 3.26
C SER E 131 38.86 52.78 2.94
N ALA E 132 39.11 51.97 3.99
CA ALA E 132 39.14 50.53 3.81
C ALA E 132 37.79 49.99 3.35
N ALA E 133 36.69 50.60 3.80
CA ALA E 133 35.37 50.15 3.39
C ALA E 133 35.02 50.61 1.98
N GLU E 134 35.48 51.81 1.59
CA GLU E 134 35.18 52.32 0.26
C GLU E 134 35.96 51.59 -0.83
N LEU E 135 37.10 50.98 -0.48
CA LEU E 135 37.90 50.23 -1.44
C LEU E 135 37.48 48.78 -1.58
N ASN E 136 36.38 48.39 -0.91
CA ASN E 136 35.93 47.00 -0.88
C ASN E 136 37.03 46.08 -0.34
N LEU E 137 37.75 46.56 0.66
CA LEU E 137 38.85 45.83 1.27
C LEU E 137 38.60 45.47 2.73
N GLY E 138 37.98 46.36 3.49
CA GLY E 138 37.68 46.10 4.89
C GLY E 138 36.37 46.71 5.35
N ILE E 144 39.71 56.68 7.54
CA ILE E 144 40.22 56.19 6.26
C ILE E 144 41.29 55.13 6.48
N LEU E 145 41.89 54.66 5.39
CA LEU E 145 42.95 53.67 5.43
C LEU E 145 44.30 54.37 5.37
N VAL E 146 45.15 54.11 6.36
CA VAL E 146 46.49 54.68 6.42
C VAL E 146 47.48 53.53 6.24
N LEU E 147 48.24 53.56 5.16
CA LEU E 147 49.27 52.56 4.97
C LEU E 147 50.47 52.86 5.88
N PRO E 148 51.13 51.83 6.39
CA PRO E 148 52.27 52.05 7.29
C PRO E 148 53.43 52.69 6.55
N PRO E 149 54.33 53.37 7.27
CA PRO E 149 55.47 53.99 6.60
C PRO E 149 56.35 52.96 5.91
N GLY E 150 56.63 53.20 4.63
CA GLY E 150 57.41 52.28 3.83
C GLY E 150 56.61 51.23 3.10
N ALA E 151 55.28 51.34 3.10
CA ALA E 151 54.46 50.35 2.41
C ALA E 151 54.66 50.40 0.90
N ALA E 152 54.81 51.60 0.34
CA ALA E 152 55.05 51.76 -1.08
C ALA E 152 55.60 53.17 -1.33
N GLU E 153 55.91 53.45 -2.59
CA GLU E 153 56.38 54.72 -3.10
C GLU E 153 55.20 55.56 -3.60
N PRO E 154 55.19 56.85 -3.29
CA PRO E 154 54.09 57.73 -3.77
C PRO E 154 53.96 57.67 -5.28
N GLY E 155 52.76 57.31 -5.74
CA GLY E 155 52.47 57.17 -7.16
C GLY E 155 52.32 55.73 -7.61
N ALA E 156 52.58 54.76 -6.75
CA ALA E 156 52.45 53.37 -7.12
C ALA E 156 50.98 53.00 -7.32
N ASP E 157 50.72 52.15 -8.30
CA ASP E 157 49.36 51.72 -8.62
C ASP E 157 48.72 51.03 -7.42
N GLY E 158 47.69 51.65 -6.85
CA GLY E 158 47.06 51.14 -5.64
C GLY E 158 46.47 49.76 -5.77
N ALA E 159 46.19 49.31 -7.00
CA ALA E 159 45.64 47.97 -7.19
C ALA E 159 46.65 46.90 -6.78
N GLY E 160 47.94 47.15 -7.03
CA GLY E 160 48.98 46.21 -6.67
C GLY E 160 49.45 46.37 -5.24
N VAL E 161 49.42 47.60 -4.72
CA VAL E 161 49.86 47.84 -3.35
C VAL E 161 48.92 47.18 -2.37
N LEU E 162 47.61 47.28 -2.60
CA LEU E 162 46.62 46.65 -1.74
C LEU E 162 46.35 45.19 -2.07
N GLY E 163 46.77 44.74 -3.25
CA GLY E 163 46.53 43.37 -3.66
C GLY E 163 45.06 43.09 -3.91
N LEU E 164 44.51 43.72 -4.94
CA LEU E 164 43.09 43.59 -5.24
C LEU E 164 42.76 42.33 -6.03
N ASP E 165 43.75 41.71 -6.66
CA ASP E 165 43.53 40.45 -7.35
C ASP E 165 43.34 39.27 -6.39
N ASP E 166 43.37 39.52 -5.09
CA ASP E 166 43.18 38.46 -4.11
C ASP E 166 41.69 38.13 -3.96
N VAL E 167 41.43 36.96 -3.38
CA VAL E 167 40.09 36.47 -3.15
C VAL E 167 40.00 35.96 -1.72
N VAL E 168 39.08 36.50 -0.94
CA VAL E 168 38.90 36.11 0.45
C VAL E 168 37.86 35.01 0.54
N PHE E 169 38.19 33.93 1.24
CA PHE E 169 37.31 32.78 1.40
C PHE E 169 36.71 32.79 2.80
N HIS E 170 35.40 32.62 2.89
CA HIS E 170 34.69 32.51 4.16
C HIS E 170 34.26 31.05 4.33
N LEU E 171 34.83 30.39 5.32
CA LEU E 171 34.61 28.96 5.53
C LEU E 171 33.86 28.72 6.82
N ALA E 172 32.97 27.73 6.82
CA ALA E 172 32.30 27.25 8.01
C ALA E 172 32.99 25.97 8.47
N ILE E 173 33.63 26.02 9.63
CA ILE E 173 34.42 24.91 10.15
C ILE E 173 33.56 24.10 11.11
N THR E 174 33.47 22.80 10.88
CA THR E 174 32.71 21.94 11.77
C THR E 174 33.49 21.71 13.07
N PRO E 175 32.79 21.45 14.17
CA PRO E 175 33.46 21.38 15.48
C PRO E 175 34.47 20.25 15.61
N ASP E 176 34.47 19.27 14.70
CA ASP E 176 35.45 18.20 14.76
C ASP E 176 36.77 18.58 14.11
N ARG E 177 36.83 19.70 13.39
CA ARG E 177 38.05 20.08 12.69
C ARG E 177 38.60 21.41 13.20
N GLY E 178 38.83 21.51 14.52
CA GLY E 178 39.40 22.72 15.07
C GLY E 178 40.76 23.05 14.51
N TYR E 179 41.51 22.03 14.08
CA TYR E 179 42.81 22.26 13.44
C TYR E 179 42.70 23.02 12.13
N CYS E 180 41.51 23.11 11.55
CA CYS E 180 41.29 23.85 10.32
C CYS E 180 40.98 25.32 10.56
N MET E 181 41.01 25.78 11.81
CA MET E 181 40.87 27.19 12.13
C MET E 181 42.18 27.96 11.95
N SER E 182 42.92 27.65 10.90
CA SER E 182 44.23 28.25 10.68
C SER E 182 44.62 28.05 9.22
N VAL E 183 45.68 28.75 8.81
CA VAL E 183 46.25 28.50 7.49
C VAL E 183 47.01 27.17 7.49
N ARG E 184 47.59 26.79 8.63
CA ARG E 184 48.33 25.53 8.70
C ARG E 184 47.41 24.34 8.43
N GLY E 185 46.27 24.30 9.10
CA GLY E 185 45.36 23.17 8.93
C GLY E 185 44.74 23.13 7.54
N LEU E 186 44.36 24.28 7.01
CA LEU E 186 43.74 24.31 5.69
C LEU E 186 44.75 24.02 4.59
N ALA E 187 45.99 24.50 4.75
CA ALA E 187 47.03 24.20 3.76
C ALA E 187 47.38 22.72 3.78
N ARG E 188 47.40 22.10 4.97
CA ARG E 188 47.61 20.66 5.05
C ARG E 188 46.47 19.90 4.40
N GLU E 189 45.24 20.34 4.62
CA GLU E 189 44.08 19.69 4.01
C GLU E 189 44.16 19.74 2.49
N LEU E 190 44.53 20.90 1.93
CA LEU E 190 44.67 21.02 0.49
C LEU E 190 45.82 20.16 -0.01
N ALA E 191 46.91 20.05 0.76
CA ALA E 191 48.02 19.20 0.38
C ALA E 191 47.59 17.74 0.30
N CYS E 192 46.71 17.32 1.20
CA CYS E 192 46.17 15.96 1.14
C CYS E 192 45.32 15.77 -0.11
N ALA E 193 44.42 16.72 -0.38
CA ALA E 193 43.49 16.56 -1.48
C ALA E 193 44.19 16.54 -2.82
N TYR E 194 45.18 17.41 -3.02
CA TYR E 194 45.92 17.50 -4.27
C TYR E 194 47.17 16.62 -4.29
N ASP E 195 47.38 15.82 -3.24
CA ASP E 195 48.53 14.91 -3.15
C ASP E 195 49.85 15.66 -3.34
N LEU E 196 50.04 16.69 -2.52
CA LEU E 196 51.22 17.55 -2.61
C LEU E 196 52.15 17.31 -1.44
N ASP E 197 53.39 17.77 -1.61
CA ASP E 197 54.35 17.81 -0.53
C ASP E 197 54.04 19.02 0.35
N PHE E 198 53.90 18.80 1.65
CA PHE E 198 53.49 19.83 2.59
C PHE E 198 54.64 20.16 3.53
N VAL E 199 54.85 21.45 3.77
CA VAL E 199 55.85 21.94 4.72
C VAL E 199 55.09 22.62 5.85
N ASP E 200 55.09 22.00 7.02
CA ASP E 200 54.39 22.53 8.18
C ASP E 200 54.98 23.87 8.59
N PRO E 201 54.19 24.95 8.60
CA PRO E 201 54.72 26.25 9.04
C PRO E 201 55.11 26.29 10.51
N ALA E 202 54.73 25.29 11.31
CA ALA E 202 55.12 25.20 12.70
C ALA E 202 56.31 24.27 12.92
N SER E 203 56.95 23.82 11.84
CA SER E 203 58.07 22.90 11.94
C SER E 203 59.35 23.64 12.35
N ASN E 204 60.39 22.85 12.63
CA ASN E 204 61.65 23.43 13.08
C ASN E 204 62.41 24.12 11.96
N SER E 205 62.12 23.78 10.70
CA SER E 205 62.80 24.44 9.59
C SER E 205 62.18 25.79 9.25
N ARG E 206 60.89 25.96 9.53
CA ARG E 206 60.24 27.26 9.37
C ARG E 206 60.28 28.09 10.65
N VAL E 207 60.42 27.45 11.80
CA VAL E 207 60.65 28.14 13.06
C VAL E 207 61.83 27.46 13.74
N PRO E 208 63.03 28.02 13.66
CA PRO E 208 64.16 27.44 14.36
C PRO E 208 64.09 27.75 15.84
N PRO E 209 64.38 26.77 16.71
CA PRO E 209 64.21 26.99 18.15
C PRO E 209 65.08 28.15 18.63
N LEU E 210 64.50 28.94 19.48
CA LEU E 210 65.25 30.04 20.08
C LEU E 210 66.02 29.54 21.30
N PRO E 211 67.14 30.19 21.64
CA PRO E 211 67.96 29.70 22.76
C PRO E 211 67.18 29.64 24.06
N ILE E 212 67.44 28.59 24.84
CA ILE E 212 66.84 28.39 26.14
C ILE E 212 67.98 28.39 27.15
N GLU E 213 68.22 29.54 27.77
CA GLU E 213 69.30 29.70 28.74
C GLU E 213 68.80 29.88 30.16
N GLY E 214 67.51 29.65 30.41
CA GLY E 214 66.95 29.80 31.72
C GLY E 214 65.46 30.10 31.69
N PRO E 215 64.83 30.14 32.86
CA PRO E 215 63.40 30.45 32.91
C PRO E 215 63.12 31.89 32.56
N ALA E 216 61.89 32.14 32.11
CA ALA E 216 61.48 33.48 31.69
C ALA E 216 60.68 34.22 32.75
N TRP E 217 59.94 33.51 33.59
CA TRP E 217 59.14 34.13 34.64
C TRP E 217 58.73 33.07 35.66
N PRO E 218 58.67 33.41 36.95
CA PRO E 218 58.14 32.46 37.94
C PRO E 218 56.71 32.09 37.61
N LEU E 219 56.41 30.79 37.71
CA LEU E 219 55.15 30.25 37.23
C LEU E 219 54.66 29.16 38.17
N THR E 220 53.38 29.21 38.51
CA THR E 220 52.74 28.14 39.29
C THR E 220 51.38 27.84 38.67
N VAL E 221 51.00 26.57 38.74
CA VAL E 221 49.76 26.10 38.13
C VAL E 221 49.15 25.04 39.05
N GLN E 222 47.86 25.20 39.36
CA GLN E 222 47.13 24.16 40.04
C GLN E 222 46.85 23.02 39.06
N PRO E 223 47.28 21.79 39.33
CA PRO E 223 47.09 20.71 38.35
C PRO E 223 45.63 20.35 38.12
N GLU E 224 44.73 20.70 39.03
CA GLU E 224 43.31 20.42 38.84
C GLU E 224 42.61 21.44 37.95
N THR E 225 43.34 22.40 37.39
CA THR E 225 42.74 23.42 36.55
C THR E 225 42.50 22.95 35.13
N GLY E 226 43.14 21.87 34.71
CA GLY E 226 42.96 21.34 33.38
C GLY E 226 43.86 21.92 32.30
N VAL E 227 44.84 22.73 32.68
CA VAL E 227 45.76 23.31 31.71
C VAL E 227 46.74 22.24 31.28
N ARG E 228 46.96 22.13 29.96
CA ARG E 228 47.87 21.13 29.41
C ARG E 228 49.27 21.66 29.16
N ARG E 229 49.41 22.94 28.81
CA ARG E 229 50.71 23.53 28.57
C ARG E 229 50.66 25.02 28.87
N PHE E 230 51.81 25.56 29.27
CA PHE E 230 51.93 26.99 29.58
C PHE E 230 53.36 27.41 29.30
N ALA E 231 53.57 28.16 28.21
CA ALA E 231 54.88 28.61 27.79
C ALA E 231 55.00 30.12 27.95
N LEU E 232 56.22 30.58 28.22
CA LEU E 232 56.49 31.99 28.46
C LEU E 232 57.85 32.36 27.88
N ARG E 233 57.89 33.41 27.06
CA ARG E 233 59.15 33.92 26.52
C ARG E 233 59.02 35.43 26.34
N PRO E 234 59.98 36.22 26.84
CA PRO E 234 59.86 37.67 26.77
C PRO E 234 60.62 38.29 25.60
N VAL E 235 60.24 39.51 25.23
CA VAL E 235 60.93 40.31 24.22
C VAL E 235 61.16 41.70 24.80
N ILE E 236 62.42 42.08 24.98
CA ILE E 236 62.77 43.31 25.67
C ILE E 236 62.96 44.43 24.66
N GLY E 237 62.73 45.66 25.13
CA GLY E 237 63.02 46.86 24.36
C GLY E 237 62.37 46.94 23.00
N ILE E 238 61.05 46.98 22.96
CA ILE E 238 60.32 47.14 21.72
C ILE E 238 60.04 48.62 21.51
N ASP E 239 60.02 49.02 20.23
CA ASP E 239 59.77 50.42 19.89
C ASP E 239 58.27 50.69 19.90
N PRO E 240 57.79 51.54 20.82
CA PRO E 240 56.35 51.86 20.84
C PRO E 240 55.91 52.70 19.65
N ALA E 241 56.82 53.38 18.98
CA ALA E 241 56.50 54.13 17.77
C ALA E 241 56.57 53.29 16.51
N ALA E 242 56.80 51.99 16.64
CA ALA E 242 56.88 51.10 15.48
C ALA E 242 55.51 50.51 15.19
N VAL E 243 55.16 50.44 13.91
CA VAL E 243 53.88 49.91 13.47
C VAL E 243 54.13 48.64 12.67
N SER E 244 53.06 47.87 12.46
CA SER E 244 53.17 46.63 11.71
C SER E 244 53.34 46.92 10.23
N PRO E 245 54.10 46.09 9.52
CA PRO E 245 54.24 46.27 8.07
C PRO E 245 52.90 46.06 7.37
N TRP E 246 52.86 46.44 6.09
CA TRP E 246 51.60 46.41 5.35
C TRP E 246 51.15 44.99 5.09
N TRP E 247 52.08 44.08 4.78
CA TRP E 247 51.70 42.70 4.49
C TRP E 247 51.12 42.03 5.73
N LEU E 248 51.54 42.44 6.92
CA LEU E 248 50.98 41.87 8.15
C LEU E 248 49.62 42.48 8.47
N GLN E 249 49.48 43.80 8.27
CA GLN E 249 48.20 44.45 8.53
C GLN E 249 47.15 44.02 7.52
N ARG E 250 47.55 43.84 6.26
CA ARG E 250 46.60 43.45 5.23
C ARG E 250 46.03 42.05 5.48
N ARG E 251 46.87 41.12 5.94
CA ARG E 251 46.40 39.76 6.20
C ARG E 251 45.48 39.73 7.41
N LEU E 252 45.77 40.55 8.43
CA LEU E 252 44.89 40.59 9.59
C LEU E 252 43.52 41.16 9.22
N LEU E 253 43.49 42.16 8.34
CA LEU E 253 42.21 42.75 7.95
C LEU E 253 41.42 41.83 7.04
N LEU E 254 42.08 41.20 6.08
CA LEU E 254 41.41 40.24 5.21
C LEU E 254 40.91 39.01 5.96
N CYS E 255 41.37 38.80 7.19
CA CYS E 255 40.87 37.72 8.04
C CYS E 255 39.84 38.20 9.05
N GLY E 256 39.51 39.49 9.07
CA GLY E 256 38.51 40.00 9.98
C GLY E 256 39.02 40.41 11.34
N ILE E 257 40.29 40.82 11.45
CA ILE E 257 40.86 41.26 12.71
C ILE E 257 41.52 42.62 12.48
N ARG E 258 41.06 43.62 13.23
CA ARG E 258 41.60 44.98 13.09
C ARG E 258 43.01 45.03 13.67
N ALA E 259 43.96 45.48 12.86
CA ALA E 259 45.35 45.60 13.28
C ALA E 259 45.58 46.95 13.94
N THR E 260 46.14 46.92 15.15
CA THR E 260 46.42 48.13 15.91
C THR E 260 47.91 48.38 16.05
N CYS E 261 48.64 47.43 16.64
CA CYS E 261 50.06 47.55 16.87
C CYS E 261 50.67 46.17 16.93
N PRO E 262 51.95 46.02 16.59
CA PRO E 262 52.65 44.76 16.86
C PRO E 262 52.57 44.35 18.33
N ALA E 263 53.05 43.14 18.64
CA ALA E 263 52.91 42.49 19.95
C ALA E 263 51.49 41.98 20.15
N VAL E 264 50.49 42.70 19.63
CA VAL E 264 49.15 42.16 19.50
C VAL E 264 48.80 41.81 18.06
N ASP E 265 49.43 42.46 17.07
CA ASP E 265 49.25 42.05 15.69
C ASP E 265 49.94 40.72 15.42
N VAL E 266 51.08 40.48 16.06
CA VAL E 266 51.80 39.23 15.82
C VAL E 266 51.15 38.07 16.58
N THR E 267 50.52 38.33 17.73
CA THR E 267 49.82 37.26 18.43
C THR E 267 48.58 36.82 17.66
N ASN E 268 47.91 37.74 16.98
CA ASN E 268 46.77 37.37 16.14
C ASN E 268 47.24 36.75 14.82
N TYR E 269 48.34 37.27 14.25
CA TYR E 269 48.85 36.72 13.01
C TYR E 269 49.31 35.28 13.21
N VAL E 270 50.01 35.00 14.31
CA VAL E 270 50.47 33.64 14.58
C VAL E 270 49.29 32.73 14.89
N MET E 271 48.29 33.25 15.63
CA MET E 271 47.10 32.47 15.90
C MET E 271 46.37 32.10 14.61
N LEU E 272 46.39 32.99 13.62
CA LEU E 272 45.77 32.71 12.34
C LEU E 272 46.61 31.76 11.49
N GLU E 273 47.93 31.86 11.58
CA GLU E 273 48.80 31.06 10.71
C GLU E 273 48.93 29.62 11.22
N LEU E 274 49.02 29.43 12.54
CA LEU E 274 49.31 28.13 13.11
C LEU E 274 48.18 27.56 13.95
N GLY E 275 47.13 28.33 14.23
CA GLY E 275 46.02 27.84 15.03
C GLY E 275 46.25 27.85 16.52
N HIS E 276 47.40 28.32 16.99
CA HIS E 276 47.66 28.42 18.41
C HIS E 276 47.38 29.83 18.88
N PRO E 277 46.38 30.07 19.72
CA PRO E 277 46.10 31.42 20.18
C PRO E 277 47.23 31.96 21.03
N MET E 278 47.56 33.23 20.82
CA MET E 278 48.68 33.87 21.52
C MET E 278 48.22 35.17 22.14
N HIS E 279 48.81 35.50 23.29
CA HIS E 279 48.53 36.73 24.01
C HIS E 279 49.83 37.31 24.54
N ALA E 280 49.95 38.63 24.50
CA ALA E 280 51.15 39.33 24.95
C ALA E 280 50.82 40.18 26.17
N HIS E 281 51.61 40.02 27.22
CA HIS E 281 51.47 40.80 28.44
C HIS E 281 52.50 41.93 28.46
N ASP E 282 52.29 42.88 29.36
CA ASP E 282 53.29 43.90 29.66
C ASP E 282 54.18 43.34 30.76
N ARG E 283 55.43 43.00 30.41
CA ARG E 283 56.32 42.39 31.38
C ARG E 283 56.60 43.31 32.57
N ASN E 284 56.64 44.62 32.33
CA ASN E 284 56.84 45.59 33.40
C ASN E 284 55.57 45.85 34.21
N ARG E 285 54.47 45.18 33.89
CA ARG E 285 53.21 45.37 34.60
C ARG E 285 52.76 44.08 35.31
N ILE E 286 53.66 43.11 35.46
CA ILE E 286 53.37 41.88 36.19
C ILE E 286 54.05 41.96 37.55
N SER E 287 53.27 41.76 38.61
CA SER E 287 53.76 41.87 39.99
C SER E 287 53.96 40.47 40.56
N GLY E 288 55.20 40.10 40.83
CA GLY E 288 55.49 38.83 41.44
C GLY E 288 55.31 37.66 40.48
N THR E 289 55.18 36.48 41.08
CA THR E 289 55.05 35.25 40.30
C THR E 289 53.70 35.18 39.62
N LEU E 290 53.65 34.51 38.48
CA LEU E 290 52.42 34.30 37.74
C LEU E 290 51.77 33.00 38.21
N GLY E 291 50.49 33.08 38.52
CA GLY E 291 49.74 31.93 39.03
C GLY E 291 48.53 31.63 38.17
N VAL E 292 48.29 30.34 37.96
CA VAL E 292 47.10 29.86 37.26
C VAL E 292 46.35 28.94 38.21
N ARG E 293 45.13 29.34 38.56
CA ARG E 293 44.32 28.58 39.51
C ARG E 293 42.86 28.92 39.29
N PHE E 294 42.00 28.19 39.99
CA PHE E 294 40.56 28.41 39.90
C PHE E 294 40.17 29.67 40.67
N ALA E 295 39.12 30.33 40.20
CA ALA E 295 38.60 31.51 40.88
C ALA E 295 37.99 31.10 42.21
N ARG E 296 38.51 31.66 43.29
CA ARG E 296 37.97 31.40 44.63
C ARG E 296 36.78 32.32 44.86
N SER E 297 35.60 31.73 45.01
CA SER E 297 34.35 32.46 45.15
C SER E 297 34.12 33.42 43.99
N GLY E 298 33.33 34.47 44.20
CA GLY E 298 32.94 35.35 43.11
C GLY E 298 33.86 36.53 42.88
N GLU E 299 34.99 36.30 42.22
CA GLU E 299 35.91 37.38 41.90
C GLU E 299 35.42 38.14 40.67
N THR E 300 36.22 39.09 40.20
CA THR E 300 35.87 39.88 39.02
C THR E 300 37.16 40.25 38.30
N ALA E 301 37.01 40.69 37.05
CA ALA E 301 38.15 41.07 36.24
C ALA E 301 37.70 42.06 35.18
N VAL E 302 38.56 43.02 34.87
CA VAL E 302 38.31 44.03 33.85
C VAL E 302 39.10 43.64 32.60
N THR E 303 38.40 43.39 31.50
CA THR E 303 39.03 42.90 30.29
C THR E 303 39.69 44.05 29.53
N LEU E 304 40.21 43.73 28.34
CA LEU E 304 40.78 44.76 27.48
C LEU E 304 39.74 45.80 27.09
N ASP E 305 38.48 45.37 26.91
CA ASP E 305 37.41 46.31 26.60
C ASP E 305 37.17 47.26 27.75
N GLY E 306 37.04 46.73 28.96
CA GLY E 306 36.84 47.55 30.14
C GLY E 306 35.49 47.35 30.80
N ILE E 307 35.27 46.16 31.36
CA ILE E 307 34.02 45.83 32.03
C ILE E 307 34.29 44.75 33.06
N GLU E 308 33.70 44.91 34.24
CA GLU E 308 33.81 43.91 35.29
C GLU E 308 32.89 42.73 34.99
N ARG E 309 33.46 41.53 34.97
CA ARG E 309 32.73 40.32 34.62
C ARG E 309 32.69 39.37 35.82
N LYS E 310 31.48 38.93 36.17
CA LYS E 310 31.32 38.01 37.28
C LYS E 310 31.94 36.65 36.95
N LEU E 311 32.65 36.08 37.91
CA LEU E 311 33.39 34.85 37.72
C LEU E 311 32.77 33.71 38.51
N ASP E 312 33.04 32.49 38.06
CA ASP E 312 32.56 31.27 38.69
C ASP E 312 33.68 30.58 39.43
N THR E 313 33.31 29.74 40.40
CA THR E 313 34.29 28.99 41.16
C THR E 313 34.94 27.87 40.35
N ALA E 314 34.50 27.64 39.11
CA ALA E 314 35.09 26.63 38.23
C ALA E 314 35.76 27.26 37.02
N ASP E 315 36.19 28.51 37.14
CA ASP E 315 36.83 29.24 36.05
C ASP E 315 38.33 29.34 36.32
N VAL E 316 39.12 29.20 35.25
CA VAL E 316 40.57 29.22 35.34
C VAL E 316 41.06 30.61 34.92
N LEU E 317 42.02 31.15 35.66
CA LEU E 317 42.54 32.49 35.40
C LEU E 317 44.04 32.52 35.61
N ILE E 318 44.69 33.50 34.97
CA ILE E 318 46.08 33.83 35.22
C ILE E 318 46.08 35.10 36.08
N VAL E 319 46.56 34.98 37.31
CA VAL E 319 46.57 36.10 38.24
C VAL E 319 48.00 36.30 38.76
N ASP E 320 48.30 37.54 39.12
CA ASP E 320 49.57 37.91 39.71
C ASP E 320 49.34 38.31 41.18
N ASP E 321 50.35 38.93 41.78
CA ASP E 321 50.22 39.40 43.15
C ASP E 321 49.46 40.71 43.25
N ALA E 322 49.12 41.34 42.13
CA ALA E 322 48.40 42.61 42.11
C ALA E 322 46.94 42.41 41.70
N ALA E 323 46.69 41.93 40.50
CA ALA E 323 45.34 41.75 39.99
C ALA E 323 45.31 40.56 39.05
N THR E 324 44.19 40.39 38.36
CA THR E 324 44.05 39.30 37.40
C THR E 324 44.64 39.71 36.05
N ALA E 325 45.47 38.83 35.48
CA ALA E 325 46.11 39.11 34.20
C ALA E 325 45.22 38.77 33.02
N ALA E 326 44.45 37.69 33.10
CA ALA E 326 43.58 37.26 32.01
C ALA E 326 42.65 36.17 32.51
N ILE E 327 41.52 36.02 31.83
CA ILE E 327 40.65 34.87 32.03
C ILE E 327 41.16 33.72 31.17
N GLY E 328 41.41 32.58 31.82
CA GLY E 328 42.08 31.45 31.19
C GLY E 328 41.59 31.04 29.82
N GLY E 329 42.32 31.45 28.78
CA GLY E 329 41.98 31.07 27.42
C GLY E 329 40.71 31.69 26.88
N VAL E 330 40.19 32.72 27.53
CA VAL E 330 38.97 33.38 27.07
C VAL E 330 39.28 34.82 26.72
N MET E 331 39.66 35.61 27.72
CA MET E 331 39.85 37.04 27.55
C MET E 331 41.02 37.51 28.40
N GLY E 332 41.77 38.47 27.87
CA GLY E 332 42.81 39.11 28.65
C GLY E 332 42.29 40.29 29.45
N ALA E 333 43.02 40.64 30.51
CA ALA E 333 42.64 41.75 31.36
C ALA E 333 43.50 42.97 31.06
N ALA E 334 42.94 44.15 31.34
CA ALA E 334 43.66 45.39 31.11
C ALA E 334 44.77 45.64 32.12
N SER E 335 44.85 44.82 33.17
CA SER E 335 45.90 45.00 34.17
C SER E 335 47.28 44.76 33.57
N THR E 336 47.42 43.67 32.80
CA THR E 336 48.69 43.34 32.16
C THR E 336 48.65 43.51 30.65
N GLU E 337 47.54 43.98 30.09
CA GLU E 337 47.44 44.20 28.65
C GLU E 337 48.44 45.26 28.21
N VAL E 338 49.09 45.03 27.07
CA VAL E 338 50.06 45.98 26.56
C VAL E 338 49.33 47.22 26.03
N ARG E 339 49.96 48.38 26.20
CA ARG E 339 49.40 49.62 25.71
C ARG E 339 50.34 50.25 24.68
N ALA E 340 50.33 51.57 24.59
CA ALA E 340 51.26 52.28 23.73
C ALA E 340 52.54 52.68 24.46
N ASP E 341 52.64 52.38 25.75
CA ASP E 341 53.83 52.68 26.55
C ASP E 341 54.60 51.42 26.93
N SER E 342 54.22 50.27 26.40
CA SER E 342 54.87 49.01 26.77
C SER E 342 56.23 48.92 26.10
N THR E 343 57.24 48.53 26.88
CA THR E 343 58.58 48.32 26.35
C THR E 343 59.10 46.90 26.55
N ASP E 344 58.48 46.11 27.43
CA ASP E 344 58.86 44.73 27.66
C ASP E 344 57.60 43.87 27.63
N VAL E 345 57.56 42.89 26.73
CA VAL E 345 56.40 42.03 26.56
C VAL E 345 56.75 40.61 26.99
N LEU E 346 55.76 39.90 27.51
CA LEU E 346 55.90 38.51 27.94
C LEU E 346 54.74 37.72 27.36
N LEU E 347 55.00 36.96 26.30
CA LEU E 347 53.96 36.19 25.63
C LEU E 347 53.73 34.87 26.34
N GLU E 348 52.46 34.44 26.38
CA GLU E 348 52.06 33.21 27.07
C GLU E 348 51.40 32.25 26.10
N ALA E 349 52.09 31.16 25.78
CA ALA E 349 51.55 30.11 24.92
C ALA E 349 50.99 29.01 25.81
N ALA E 350 49.65 28.94 25.89
CA ALA E 350 49.00 28.04 26.82
C ALA E 350 47.99 27.16 26.09
N ILE E 351 47.68 26.03 26.70
CA ILE E 351 46.66 25.10 26.22
C ILE E 351 45.67 24.89 27.37
N TRP E 352 44.44 25.34 27.19
CA TRP E 352 43.43 25.28 28.23
C TRP E 352 42.43 24.15 27.96
N ASP E 353 41.67 23.81 28.99
CA ASP E 353 40.62 22.81 28.85
C ASP E 353 39.57 23.31 27.88
N PRO E 354 39.24 22.54 26.83
CA PRO E 354 38.17 22.99 25.91
C PRO E 354 36.82 23.16 26.58
N ALA E 355 36.49 22.28 27.53
CA ALA E 355 35.20 22.38 28.21
C ALA E 355 35.15 23.60 29.13
N ALA E 356 36.24 23.85 29.86
CA ALA E 356 36.27 24.99 30.77
C ALA E 356 36.15 26.30 30.02
N VAL E 357 36.81 26.41 28.86
CA VAL E 357 36.72 27.61 28.05
C VAL E 357 35.35 27.72 27.40
N SER E 358 34.73 26.59 27.06
CA SER E 358 33.42 26.62 26.42
C SER E 358 32.35 27.16 27.38
N ARG E 359 32.32 26.62 28.61
CA ARG E 359 31.34 27.07 29.59
C ARG E 359 31.57 28.51 30.03
N THR E 360 32.80 29.02 29.89
CA THR E 360 33.12 30.38 30.30
C THR E 360 32.83 31.39 29.20
N GLN E 361 33.13 31.06 27.95
CA GLN E 361 32.90 32.00 26.85
C GLN E 361 31.43 32.20 26.55
N ARG E 362 30.58 31.21 26.88
CA ARG E 362 29.15 31.33 26.56
C ARG E 362 28.41 32.19 27.56
N ARG E 363 28.82 32.19 28.83
CA ARG E 363 28.12 32.97 29.84
C ARG E 363 28.37 34.47 29.65
N LEU E 364 29.62 34.86 29.42
CA LEU E 364 29.99 36.26 29.30
C LEU E 364 29.80 36.81 27.90
N HIS E 365 29.21 36.04 26.98
CA HIS E 365 28.96 36.48 25.61
C HIS E 365 30.26 36.92 24.94
N LEU E 366 31.29 36.08 25.04
CA LEU E 366 32.62 36.38 24.51
C LEU E 366 32.98 35.37 23.44
N PRO E 367 32.68 35.66 22.16
CA PRO E 367 33.08 34.79 21.05
C PRO E 367 34.52 35.04 20.60
N SER E 368 35.44 35.03 21.57
CA SER E 368 36.83 35.37 21.30
C SER E 368 37.45 34.36 20.33
N GLU E 369 38.31 34.87 19.45
CA GLU E 369 39.02 33.98 18.52
C GLU E 369 39.88 32.97 19.27
N ALA E 370 40.42 33.36 20.42
CA ALA E 370 41.17 32.41 21.25
C ALA E 370 40.24 31.37 21.87
N ALA E 371 39.10 31.83 22.42
CA ALA E 371 38.19 30.91 23.09
C ALA E 371 37.53 29.96 22.10
N ARG E 372 37.23 30.44 20.89
CA ARG E 372 36.59 29.59 19.89
C ARG E 372 37.50 28.45 19.45
N ARG E 373 38.81 28.67 19.48
CA ARG E 373 39.75 27.62 19.10
C ARG E 373 40.08 26.70 20.27
N TYR E 374 40.20 27.27 21.47
CA TYR E 374 40.53 26.46 22.64
C TYR E 374 39.40 25.49 22.97
N GLU E 375 38.15 25.92 22.82
CA GLU E 375 37.02 25.03 23.06
C GLU E 375 36.92 23.92 22.01
N ARG E 376 37.56 24.09 20.86
CA ARG E 376 37.61 23.08 19.82
C ARG E 376 38.99 22.40 19.75
N THR E 377 39.70 22.42 20.88
CA THR E 377 41.05 21.86 21.02
C THR E 377 42.08 22.61 20.19
N VAL E 378 43.30 22.73 20.72
CA VAL E 378 44.43 23.33 20.04
C VAL E 378 45.62 22.41 20.18
N ASP E 379 46.36 22.21 19.08
CA ASP E 379 47.55 21.36 19.03
C ASP E 379 48.52 21.72 20.13
N PRO E 380 48.66 20.87 21.16
CA PRO E 380 49.54 21.22 22.28
C PRO E 380 51.03 21.03 21.99
N ALA E 381 51.39 20.46 20.84
CA ALA E 381 52.78 20.20 20.53
C ALA E 381 53.49 21.41 19.93
N ILE E 382 52.77 22.40 19.45
CA ILE E 382 53.35 23.55 18.78
C ILE E 382 53.33 24.79 19.67
N SER E 383 53.18 24.60 20.99
CA SER E 383 53.09 25.76 21.89
C SER E 383 54.37 26.57 21.89
N VAL E 384 55.52 25.90 22.04
CA VAL E 384 56.79 26.62 22.05
C VAL E 384 57.14 27.11 20.64
N ALA E 385 56.79 26.33 19.63
CA ALA E 385 57.06 26.74 18.25
C ALA E 385 56.28 28.00 17.88
N ALA E 386 55.02 28.08 18.31
CA ALA E 386 54.25 29.29 18.06
C ALA E 386 54.75 30.46 18.89
N LEU E 387 55.31 30.19 20.07
CA LEU E 387 55.90 31.24 20.88
C LEU E 387 57.15 31.80 20.21
N ASP E 388 58.06 30.92 19.78
CA ASP E 388 59.28 31.37 19.13
C ASP E 388 58.96 32.15 17.85
N ARG E 389 57.87 31.80 17.17
CA ARG E 389 57.45 32.57 16.01
C ARG E 389 56.95 33.96 16.41
N CYS E 390 56.29 34.07 17.56
CA CYS E 390 55.80 35.35 18.02
C CYS E 390 56.94 36.25 18.48
N ALA E 391 57.86 35.70 19.27
CA ALA E 391 58.96 36.50 19.81
C ALA E 391 59.89 36.99 18.70
N ARG E 392 60.13 36.15 17.69
CA ARG E 392 61.05 36.53 16.63
C ARG E 392 60.42 37.53 15.68
N LEU E 393 59.16 37.32 15.31
CA LEU E 393 58.49 38.23 14.38
C LEU E 393 58.26 39.61 14.98
N LEU E 394 58.04 39.67 16.30
CA LEU E 394 57.84 40.97 16.94
C LEU E 394 59.12 41.79 16.94
N ALA E 395 60.25 41.17 17.28
CA ALA E 395 61.50 41.91 17.32
C ALA E 395 61.98 42.31 15.93
N ASP E 396 61.59 41.57 14.90
CA ASP E 396 62.01 41.87 13.55
C ASP E 396 61.29 43.07 12.96
N ILE E 397 60.11 43.42 13.47
CA ILE E 397 59.34 44.54 12.95
C ILE E 397 59.22 45.68 13.95
N ALA E 398 59.41 45.43 15.25
CA ALA E 398 59.31 46.47 16.26
C ALA E 398 60.66 46.83 16.87
N GLY E 399 61.76 46.31 16.31
CA GLY E 399 63.08 46.62 16.81
C GLY E 399 63.29 46.21 18.26
N GLY E 400 63.13 44.92 18.53
CA GLY E 400 63.31 44.42 19.88
C GLY E 400 64.40 43.37 19.98
N GLU E 401 64.55 42.77 21.16
CA GLU E 401 65.53 41.72 21.39
C GLU E 401 64.83 40.53 22.04
N VAL E 402 65.08 39.34 21.50
CA VAL E 402 64.48 38.12 22.04
C VAL E 402 65.33 37.63 23.20
N SER E 403 64.74 37.60 24.39
CA SER E 403 65.44 37.12 25.57
C SER E 403 65.61 35.61 25.49
N PRO E 404 66.84 35.08 25.54
CA PRO E 404 67.00 33.62 25.49
C PRO E 404 66.56 32.93 26.76
N THR E 405 65.31 33.14 27.15
CA THR E 405 64.74 32.54 28.35
C THR E 405 63.34 32.02 28.04
N LEU E 406 62.99 30.89 28.63
CA LEU E 406 61.69 30.29 28.39
C LEU E 406 61.26 29.46 29.60
N THR E 407 60.01 29.63 30.00
CA THR E 407 59.37 28.78 31.00
C THR E 407 58.30 27.95 30.29
N ASP E 408 58.44 26.63 30.33
CA ASP E 408 57.56 25.72 29.61
C ASP E 408 57.03 24.67 30.57
N TRP E 409 55.88 24.97 31.18
CA TRP E 409 55.21 24.02 32.06
C TRP E 409 54.41 23.02 31.23
N ARG E 410 54.61 21.73 31.49
CA ARG E 410 54.00 20.68 30.70
C ARG E 410 53.41 19.59 31.59
N GLY E 411 52.74 20.00 32.66
CA GLY E 411 52.06 19.04 33.52
C GLY E 411 52.98 18.43 34.57
N ASP E 412 52.37 17.60 35.41
CA ASP E 412 53.08 16.90 36.48
C ASP E 412 52.74 15.42 36.39
N PRO E 413 53.68 14.56 35.94
CA PRO E 413 55.04 14.85 35.47
C PRO E 413 55.05 15.60 34.13
N PRO E 414 56.17 16.22 33.77
CA PRO E 414 56.23 16.94 32.48
C PRO E 414 56.04 16.00 31.31
N CYS E 415 55.01 16.28 30.51
CA CYS E 415 54.68 15.44 29.36
C CYS E 415 55.55 15.79 28.16
N ASP E 416 55.80 14.80 27.33
CA ASP E 416 56.62 14.98 26.14
C ASP E 416 56.02 14.38 24.87
N ASP E 417 54.89 13.68 24.97
CA ASP E 417 54.23 13.09 23.81
C ASP E 417 52.75 13.43 23.89
N TRP E 418 52.31 14.34 23.01
CA TRP E 418 50.92 14.79 22.97
C TRP E 418 50.08 14.02 21.96
N SER E 419 50.43 12.77 21.68
CA SER E 419 49.68 12.08 20.65
C SER E 419 48.47 11.37 21.24
N PRO E 420 47.34 11.36 20.53
CA PRO E 420 46.19 10.57 20.96
C PRO E 420 46.55 9.10 21.01
N PRO E 421 45.78 8.28 21.73
CA PRO E 421 46.12 6.85 21.85
C PRO E 421 45.99 6.15 20.51
N PRO E 422 46.73 5.07 20.29
CA PRO E 422 46.67 4.38 19.00
C PRO E 422 45.35 3.68 18.79
N ILE E 423 44.97 3.55 17.52
CA ILE E 423 43.71 2.95 17.11
C ILE E 423 43.99 1.73 16.25
N ARG E 424 43.49 0.57 16.67
CA ARG E 424 43.60 -0.64 15.90
C ARG E 424 42.41 -0.76 14.95
N MET E 425 42.68 -1.12 13.70
CA MET E 425 41.63 -1.21 12.69
C MET E 425 42.11 -2.11 11.56
N GLY E 426 41.20 -2.95 11.06
CA GLY E 426 41.53 -3.80 9.94
C GLY E 426 41.84 -3.00 8.68
N VAL E 427 42.74 -3.55 7.86
CA VAL E 427 43.24 -2.82 6.70
C VAL E 427 42.14 -2.56 5.69
N ASP E 428 41.18 -3.47 5.55
CA ASP E 428 40.11 -3.31 4.58
C ASP E 428 38.82 -2.78 5.20
N VAL E 429 38.89 -2.28 6.44
CA VAL E 429 37.70 -1.73 7.08
C VAL E 429 37.14 -0.52 6.34
N PRO E 430 37.95 0.45 5.89
CA PRO E 430 37.38 1.53 5.05
C PRO E 430 36.76 1.01 3.78
N ASP E 431 37.35 -0.03 3.16
CA ASP E 431 36.78 -0.60 1.95
C ASP E 431 35.39 -1.19 2.22
N ARG E 432 35.24 -1.92 3.33
CA ARG E 432 33.95 -2.52 3.65
C ARG E 432 32.90 -1.45 3.89
N ILE E 433 33.22 -0.44 4.69
CA ILE E 433 32.25 0.59 5.03
C ILE E 433 31.90 1.44 3.81
N ALA E 434 32.89 1.69 2.94
CA ALA E 434 32.62 2.43 1.73
C ALA E 434 31.89 1.60 0.68
N GLY E 435 32.07 0.28 0.71
CA GLY E 435 31.55 -0.56 -0.35
C GLY E 435 32.34 -0.48 -1.63
N VAL E 436 33.58 -0.01 -1.58
CA VAL E 436 34.46 0.11 -2.74
C VAL E 436 35.76 -0.61 -2.44
N ALA E 437 36.30 -1.30 -3.44
CA ALA E 437 37.60 -1.95 -3.33
C ALA E 437 38.66 -0.94 -3.75
N TYR E 438 39.14 -0.17 -2.78
CA TYR E 438 40.18 0.81 -3.05
C TYR E 438 41.47 0.11 -3.47
N PRO E 439 42.29 0.76 -4.29
CA PRO E 439 43.62 0.22 -4.57
C PRO E 439 44.40 0.01 -3.29
N GLN E 440 45.23 -1.04 -3.27
CA GLN E 440 45.94 -1.41 -2.06
C GLN E 440 46.83 -0.26 -1.59
N GLY E 441 46.98 -0.16 -0.28
CA GLY E 441 47.74 0.94 0.30
C GLY E 441 47.02 2.26 0.34
N THR E 442 45.75 2.32 -0.05
CA THR E 442 45.00 3.57 0.00
C THR E 442 44.80 4.03 1.43
N THR E 443 44.37 3.12 2.31
CA THR E 443 44.12 3.47 3.70
C THR E 443 45.40 3.94 4.38
N ALA E 444 46.51 3.21 4.17
CA ALA E 444 47.77 3.58 4.80
C ALA E 444 48.29 4.92 4.28
N ARG E 445 48.14 5.17 2.98
CA ARG E 445 48.63 6.42 2.41
C ARG E 445 47.83 7.61 2.93
N ARG E 446 46.50 7.49 2.94
CA ARG E 446 45.66 8.60 3.37
C ARG E 446 45.85 8.91 4.85
N LEU E 447 45.90 7.88 5.70
CA LEU E 447 46.10 8.10 7.12
C LEU E 447 47.47 8.70 7.39
N ALA E 448 48.49 8.33 6.61
CA ALA E 448 49.79 8.98 6.75
C ALA E 448 49.76 10.40 6.21
N GLN E 449 48.92 10.67 5.21
CA GLN E 449 48.81 12.02 4.66
C GLN E 449 48.29 13.00 5.71
N ILE E 450 47.30 12.58 6.50
CA ILE E 450 46.73 13.47 7.51
C ILE E 450 47.56 13.55 8.77
N GLY E 451 48.73 12.91 8.79
CA GLY E 451 49.68 13.07 9.88
C GLY E 451 49.77 11.92 10.87
N ALA E 452 49.12 10.79 10.59
CA ALA E 452 49.12 9.66 11.53
C ALA E 452 50.27 8.71 11.23
N VAL E 453 50.75 8.06 12.30
CA VAL E 453 51.74 6.99 12.17
C VAL E 453 50.99 5.68 12.02
N VAL E 454 51.30 4.94 10.96
CA VAL E 454 50.60 3.70 10.62
C VAL E 454 51.61 2.56 10.58
N THR E 455 51.32 1.49 11.31
CA THR E 455 52.13 0.27 11.29
C THR E 455 51.25 -0.92 10.93
N HIS E 456 51.88 -1.96 10.41
CA HIS E 456 51.19 -3.16 9.96
C HIS E 456 51.50 -4.33 10.89
N ASP E 457 50.47 -5.15 11.16
CA ASP E 457 50.61 -6.39 11.92
C ASP E 457 49.67 -7.41 11.28
N GLY E 458 50.16 -8.09 10.23
CA GLY E 458 49.33 -8.99 9.47
C GLY E 458 48.34 -8.24 8.60
N ASP E 459 47.06 -8.28 8.99
CA ASP E 459 46.02 -7.52 8.29
C ASP E 459 45.37 -6.47 9.18
N THR E 460 46.08 -6.06 10.24
CA THR E 460 45.57 -5.11 11.22
C THR E 460 46.53 -3.93 11.30
N LEU E 461 46.00 -2.73 11.15
CA LEU E 461 46.78 -1.51 11.29
C LEU E 461 46.69 -0.97 12.71
N THR E 462 47.77 -0.34 13.16
CA THR E 462 47.79 0.43 14.40
C THR E 462 48.09 1.87 14.04
N VAL E 463 47.12 2.74 14.24
CA VAL E 463 47.17 4.12 13.75
C VAL E 463 47.21 5.06 14.96
N THR E 464 48.28 5.84 15.05
CA THR E 464 48.40 6.87 16.08
C THR E 464 48.17 8.23 15.42
N PRO E 465 47.07 8.90 15.71
CA PRO E 465 46.79 10.19 15.06
C PRO E 465 47.77 11.25 15.51
N PRO E 466 47.91 12.34 14.74
CA PRO E 466 48.78 13.44 15.18
C PRO E 466 48.15 14.21 16.33
N SER E 467 48.99 15.02 16.98
CA SER E 467 48.55 15.74 18.16
C SER E 467 47.47 16.77 17.86
N TRP E 468 47.36 17.21 16.61
CA TRP E 468 46.35 18.19 16.22
C TRP E 468 45.06 17.55 15.74
N ARG E 469 44.88 16.25 15.94
CA ARG E 469 43.67 15.53 15.52
C ARG E 469 43.10 14.74 16.70
N PRO E 470 42.64 15.41 17.76
CA PRO E 470 42.00 14.67 18.86
C PRO E 470 40.65 14.09 18.48
N ASP E 471 40.07 14.49 17.36
CA ASP E 471 38.79 13.94 16.92
C ASP E 471 38.91 12.51 16.43
N LEU E 472 40.12 12.05 16.10
CA LEU E 472 40.34 10.68 15.63
C LEU E 472 40.52 9.78 16.83
N ARG E 473 39.46 9.09 17.23
CA ARG E 473 39.47 8.22 18.40
C ARG E 473 39.08 6.78 18.12
N GLN E 474 38.34 6.52 17.04
CA GLN E 474 37.82 5.19 16.76
C GLN E 474 38.04 4.88 15.28
N PRO E 475 37.98 3.59 14.91
CA PRO E 475 38.12 3.24 13.48
C PRO E 475 37.18 4.00 12.56
N ALA E 476 35.97 4.34 13.02
CA ALA E 476 35.05 5.12 12.20
C ALA E 476 35.66 6.49 11.86
N ASP E 477 36.37 7.10 12.81
CA ASP E 477 37.01 8.38 12.53
C ASP E 477 38.06 8.24 11.44
N LEU E 478 38.80 7.12 11.44
CA LEU E 478 39.80 6.90 10.40
C LEU E 478 39.14 6.61 9.05
N VAL E 479 38.02 5.90 9.06
CA VAL E 479 37.30 5.59 7.82
C VAL E 479 36.90 6.86 7.11
N GLU E 480 36.40 7.86 7.87
CA GLU E 480 36.01 9.12 7.26
C GLU E 480 37.19 9.83 6.61
N GLU E 481 38.38 9.71 7.19
CA GLU E 481 39.55 10.36 6.60
C GLU E 481 39.89 9.75 5.25
N VAL E 482 39.86 8.43 5.14
CA VAL E 482 40.16 7.77 3.87
C VAL E 482 39.08 8.09 2.84
N LEU E 483 37.81 7.98 3.23
CA LEU E 483 36.72 8.12 2.27
C LEU E 483 36.61 9.55 1.74
N ARG E 484 36.72 10.55 2.62
CA ARG E 484 36.59 11.93 2.17
C ARG E 484 37.75 12.35 1.28
N LEU E 485 38.95 11.78 1.50
CA LEU E 485 40.10 12.12 0.68
C LEU E 485 40.03 11.43 -0.68
N GLU E 486 39.64 10.15 -0.69
CA GLU E 486 39.41 9.47 -1.96
C GLU E 486 38.23 10.07 -2.72
N GLY E 487 37.26 10.62 -1.99
CA GLY E 487 36.09 11.20 -2.60
C GLY E 487 34.87 10.32 -2.48
N LEU E 488 33.81 10.83 -1.86
CA LEU E 488 32.57 10.07 -1.72
C LEU E 488 31.90 9.81 -3.06
N GLU E 489 32.28 10.53 -4.11
CA GLU E 489 31.72 10.32 -5.45
C GLU E 489 32.07 8.95 -6.03
N VAL E 490 33.16 8.34 -5.58
CA VAL E 490 33.54 7.02 -6.07
C VAL E 490 32.72 5.91 -5.43
N ILE E 491 31.92 6.22 -4.42
CA ILE E 491 31.08 5.21 -3.77
C ILE E 491 29.91 4.89 -4.68
N PRO E 492 29.73 3.62 -5.07
CA PRO E 492 28.64 3.29 -5.98
C PRO E 492 27.29 3.30 -5.29
N SER E 493 26.25 3.55 -6.08
CA SER E 493 24.88 3.53 -5.59
C SER E 493 24.36 2.09 -5.72
N VAL E 494 24.31 1.38 -4.60
CA VAL E 494 23.88 -0.01 -4.55
C VAL E 494 22.70 -0.09 -3.59
N LEU E 495 21.50 -0.31 -4.13
CA LEU E 495 20.33 -0.44 -3.28
C LEU E 495 20.47 -1.67 -2.41
N PRO E 496 20.21 -1.58 -1.11
CA PRO E 496 20.23 -2.77 -0.26
C PRO E 496 19.06 -3.68 -0.60
N PRO E 497 19.17 -4.98 -0.34
CA PRO E 497 18.04 -5.87 -0.59
C PRO E 497 16.84 -5.50 0.27
N ALA E 498 15.66 -5.76 -0.27
CA ALA E 498 14.44 -5.43 0.45
C ALA E 498 14.24 -6.39 1.61
N PRO E 499 14.21 -5.91 2.86
CA PRO E 499 13.86 -6.80 3.96
C PRO E 499 12.37 -7.10 3.95
N ALA E 500 12.04 -8.32 4.37
CA ALA E 500 10.64 -8.74 4.41
C ALA E 500 9.87 -7.93 5.44
N GLY E 501 9.36 -6.77 5.02
CA GLY E 501 8.64 -5.90 5.93
C GLY E 501 7.16 -6.22 6.03
N ARG E 502 6.52 -5.64 7.04
CA ARG E 502 5.11 -5.87 7.31
C ARG E 502 4.21 -4.72 6.85
N GLY E 503 4.78 -3.67 6.25
CA GLY E 503 3.97 -2.58 5.74
C GLY E 503 3.50 -1.64 6.83
N LEU E 504 2.35 -1.02 6.58
CA LEU E 504 1.77 -0.07 7.52
C LEU E 504 1.06 -0.81 8.65
N THR E 505 1.20 -0.29 9.87
CA THR E 505 0.46 -0.83 10.98
C THR E 505 -1.03 -0.50 10.82
N ALA E 506 -1.85 -1.23 11.58
CA ALA E 506 -3.29 -1.00 11.55
C ALA E 506 -3.63 0.45 11.83
N GLY E 507 -2.97 1.04 12.84
CA GLY E 507 -3.21 2.44 13.16
C GLY E 507 -2.82 3.38 12.04
N GLN E 508 -1.66 3.15 11.44
CA GLN E 508 -1.22 4.01 10.34
C GLN E 508 -2.18 3.94 9.17
N GLN E 509 -2.70 2.74 8.88
CA GLN E 509 -3.72 2.63 7.83
C GLN E 509 -4.98 3.40 8.20
N ARG E 510 -5.32 3.43 9.49
CA ARG E 510 -6.54 4.13 9.92
C ARG E 510 -6.41 5.63 9.73
N ARG E 511 -5.25 6.20 10.05
CA ARG E 511 -5.06 7.64 9.89
C ARG E 511 -5.18 8.06 8.43
N ARG E 512 -4.75 7.18 7.51
CA ARG E 512 -4.93 7.47 6.09
C ARG E 512 -6.41 7.47 5.71
N THR E 513 -7.14 6.42 6.11
CA THR E 513 -8.55 6.32 5.77
C THR E 513 -9.35 7.49 6.36
N ILE E 514 -9.01 7.90 7.59
CA ILE E 514 -9.71 9.03 8.20
C ILE E 514 -9.42 10.31 7.43
N GLY E 515 -8.17 10.52 7.03
CA GLY E 515 -7.84 11.70 6.24
C GLY E 515 -8.51 11.70 4.88
N ARG E 516 -8.51 10.54 4.22
CA ARG E 516 -9.15 10.44 2.91
C ARG E 516 -10.65 10.69 3.01
N SER E 517 -11.30 10.13 4.02
CA SER E 517 -12.75 10.24 4.14
C SER E 517 -13.18 11.66 4.48
N LEU E 518 -12.43 12.34 5.34
CA LEU E 518 -12.79 13.70 5.70
C LEU E 518 -12.60 14.67 4.53
N ALA E 519 -11.53 14.47 3.75
CA ALA E 519 -11.31 15.34 2.60
C ALA E 519 -12.38 15.12 1.53
N LEU E 520 -12.75 13.86 1.29
CA LEU E 520 -13.81 13.58 0.33
C LEU E 520 -15.17 14.09 0.80
N SER E 521 -15.32 14.32 2.10
CA SER E 521 -16.55 14.87 2.67
C SER E 521 -16.55 16.39 2.74
N GLY E 522 -15.54 17.05 2.19
CA GLY E 522 -15.51 18.49 2.15
C GLY E 522 -14.73 19.17 3.24
N TYR E 523 -13.75 18.49 3.83
CA TYR E 523 -12.89 19.07 4.85
C TYR E 523 -11.50 19.30 4.28
N VAL E 524 -10.86 20.38 4.71
CA VAL E 524 -9.53 20.76 4.25
C VAL E 524 -8.56 20.56 5.40
N GLU E 525 -7.52 19.76 5.17
CA GLU E 525 -6.55 19.46 6.22
C GLU E 525 -5.59 20.62 6.43
N ILE E 526 -5.20 20.82 7.68
CA ILE E 526 -4.19 21.81 8.05
C ILE E 526 -3.14 21.13 8.91
N LEU E 527 -1.99 21.79 9.02
CA LEU E 527 -0.95 21.35 9.95
C LEU E 527 -1.07 22.16 11.23
N PRO E 528 -1.50 21.55 12.33
CA PRO E 528 -1.73 22.33 13.56
C PRO E 528 -0.44 22.65 14.27
N THR E 529 -0.35 23.90 14.76
CA THR E 529 0.80 24.27 15.56
C THR E 529 0.64 23.74 16.99
N PRO E 530 1.73 23.29 17.61
CA PRO E 530 1.64 22.77 18.99
C PRO E 530 1.72 23.83 20.07
N PHE E 531 1.77 25.12 19.71
CA PHE E 531 1.87 26.19 20.68
C PHE E 531 0.51 26.82 20.89
N LEU E 532 0.03 26.80 22.13
CA LEU E 532 -1.29 27.32 22.43
C LEU E 532 -1.31 28.85 22.33
N PRO E 533 -2.44 29.42 21.90
CA PRO E 533 -2.56 30.88 21.88
C PRO E 533 -2.54 31.45 23.31
N ALA E 534 -2.45 32.78 23.36
CA ALA E 534 -2.31 33.49 24.63
C ALA E 534 -3.58 33.34 25.45
N GLY E 535 -3.52 32.49 26.47
CA GLY E 535 -4.65 32.27 27.36
C GLY E 535 -5.91 31.80 26.65
N VAL E 536 -5.75 30.83 25.75
CA VAL E 536 -6.89 30.35 24.97
C VAL E 536 -7.95 29.72 25.87
N PHE E 537 -7.51 29.03 26.92
CA PHE E 537 -8.46 28.41 27.84
C PHE E 537 -9.23 29.45 28.64
N ASP E 538 -8.61 30.59 28.93
CA ASP E 538 -9.35 31.69 29.55
C ASP E 538 -10.44 32.21 28.63
N LEU E 539 -10.21 32.16 27.31
CA LEU E 539 -11.26 32.53 26.37
C LEU E 539 -12.38 31.50 26.37
N TRP E 540 -12.05 30.22 26.47
CA TRP E 540 -13.04 29.16 26.55
C TRP E 540 -13.81 29.17 27.87
N GLY E 541 -13.33 29.89 28.88
CA GLY E 541 -13.97 29.87 30.18
C GLY E 541 -13.76 28.59 30.95
N LEU E 542 -12.68 27.87 30.66
CA LEU E 542 -12.42 26.61 31.34
C LEU E 542 -12.17 26.84 32.83
N GLU E 543 -12.52 25.84 33.64
CA GLU E 543 -12.25 25.91 35.06
C GLU E 543 -10.76 25.83 35.33
N ALA E 544 -10.36 26.35 36.50
CA ALA E 544 -8.94 26.35 36.86
C ALA E 544 -8.42 24.94 37.05
N ASP E 545 -9.28 23.99 37.37
CA ASP E 545 -8.90 22.60 37.57
C ASP E 545 -9.15 21.74 36.35
N ASP E 546 -9.39 22.35 35.18
CA ASP E 546 -9.62 21.60 33.96
C ASP E 546 -8.38 20.83 33.56
N SER E 547 -8.55 19.55 33.22
CA SER E 547 -7.41 18.71 32.85
C SER E 547 -6.67 19.23 31.63
N ARG E 548 -7.34 20.03 30.78
CA ARG E 548 -6.66 20.60 29.63
C ARG E 548 -5.71 21.73 30.05
N ARG E 549 -5.98 22.38 31.18
CA ARG E 549 -5.11 23.46 31.64
C ARG E 549 -3.76 22.96 32.13
N MET E 550 -3.67 21.69 32.54
CA MET E 550 -2.41 21.10 32.96
C MET E 550 -1.56 20.82 31.72
N THR E 551 -0.83 21.84 31.28
CA THR E 551 -0.05 21.78 30.06
C THR E 551 1.43 21.73 30.38
N THR E 552 2.22 21.41 29.35
CA THR E 552 3.68 21.50 29.41
C THR E 552 4.11 22.84 28.85
N ARG E 553 4.89 23.58 29.62
CA ARG E 553 5.32 24.92 29.25
C ARG E 553 6.71 24.88 28.61
N VAL E 554 7.02 25.94 27.88
CA VAL E 554 8.27 26.08 27.15
C VAL E 554 9.10 27.18 27.80
N LEU E 555 10.39 26.93 27.99
CA LEU E 555 11.27 27.92 28.60
C LEU E 555 11.44 29.13 27.70
N ASN E 556 11.84 28.92 26.44
CA ASN E 556 12.12 29.99 25.49
C ASN E 556 11.19 29.86 24.29
N PRO E 557 9.98 30.40 24.38
CA PRO E 557 9.07 30.37 23.24
C PRO E 557 9.38 31.47 22.23
N LEU E 558 8.86 31.28 21.01
CA LEU E 558 9.00 32.31 19.98
C LEU E 558 8.28 33.58 20.39
N GLU E 559 7.14 33.45 21.07
CA GLU E 559 6.40 34.57 21.61
C GLU E 559 6.20 34.34 23.10
N ALA E 560 6.53 35.36 23.91
CA ALA E 560 6.50 35.20 25.36
C ALA E 560 5.10 34.97 25.89
N ASP E 561 4.06 35.26 25.11
CA ASP E 561 2.69 35.07 25.54
C ASP E 561 2.11 33.74 25.06
N ARG E 562 2.86 32.96 24.30
CA ARG E 562 2.44 31.61 23.90
C ARG E 562 3.50 30.58 24.23
N PRO E 563 3.75 30.27 25.53
CA PRO E 563 4.74 29.22 25.85
C PRO E 563 4.14 27.88 26.21
N GLN E 564 2.82 27.71 26.12
CA GLN E 564 2.17 26.47 26.53
C GLN E 564 1.97 25.53 25.35
N LEU E 565 2.14 24.23 25.60
CA LEU E 565 1.95 23.23 24.56
C LEU E 565 0.47 22.85 24.46
N ALA E 566 0.12 22.23 23.33
CA ALA E 566 -1.28 21.99 22.99
C ALA E 566 -1.78 20.71 23.65
N THR E 567 -2.75 20.86 24.56
CA THR E 567 -3.46 19.71 25.10
C THR E 567 -4.54 19.22 24.16
N THR E 568 -5.10 20.13 23.35
CA THR E 568 -6.15 19.80 22.40
C THR E 568 -5.85 20.48 21.07
N LEU E 569 -6.29 19.85 19.99
CA LEU E 569 -6.05 20.38 18.64
C LEU E 569 -6.97 21.52 18.27
N LEU E 570 -8.00 21.80 19.08
CA LEU E 570 -8.99 22.81 18.71
C LEU E 570 -8.41 24.21 18.63
N PRO E 571 -7.61 24.69 19.59
CA PRO E 571 -7.08 26.06 19.47
C PRO E 571 -6.31 26.32 18.18
N ALA E 572 -5.59 25.32 17.67
CA ALA E 572 -4.87 25.51 16.42
C ALA E 572 -5.82 25.53 15.23
N LEU E 573 -6.84 24.68 15.25
CA LEU E 573 -7.82 24.67 14.17
C LEU E 573 -8.68 25.92 14.19
N LEU E 574 -9.09 26.36 15.39
CA LEU E 574 -9.88 27.59 15.49
C LEU E 574 -9.07 28.80 15.09
N GLU E 575 -7.75 28.75 15.27
CA GLU E 575 -6.89 29.83 14.79
C GLU E 575 -6.84 29.84 13.27
N ALA E 576 -6.65 28.68 12.66
CA ALA E 576 -6.65 28.59 11.20
C ALA E 576 -8.01 28.93 10.62
N LEU E 577 -9.08 28.69 11.37
CA LEU E 577 -10.41 29.08 10.90
C LEU E 577 -10.55 30.60 10.85
N VAL E 578 -9.99 31.29 11.83
CA VAL E 578 -10.09 32.75 11.87
C VAL E 578 -9.32 33.36 10.70
N ARG E 579 -8.16 32.79 10.35
CA ARG E 579 -7.41 33.31 9.21
C ARG E 579 -8.21 33.20 7.92
N ASN E 580 -8.87 32.06 7.70
CA ASN E 580 -9.65 31.86 6.48
C ASN E 580 -10.84 32.80 6.43
N VAL E 581 -11.59 32.89 7.53
CA VAL E 581 -12.78 33.74 7.55
C VAL E 581 -12.40 35.21 7.42
N SER E 582 -11.33 35.62 8.09
CA SER E 582 -10.93 37.04 8.04
C SER E 582 -10.37 37.44 6.69
N ARG E 583 -10.14 36.50 5.77
CA ARG E 583 -9.58 36.80 4.46
C ARG E 583 -10.57 36.54 3.33
N GLY E 584 -11.86 36.37 3.64
CA GLY E 584 -12.89 36.26 2.63
C GLY E 584 -13.45 34.86 2.42
N LEU E 585 -12.82 33.84 2.98
CA LEU E 585 -13.28 32.45 2.83
C LEU E 585 -14.08 32.10 4.08
N VAL E 586 -15.37 32.44 4.05
CA VAL E 586 -16.21 32.36 5.24
C VAL E 586 -16.92 31.03 5.41
N ASP E 587 -16.92 30.17 4.39
CA ASP E 587 -17.54 28.86 4.47
C ASP E 587 -16.42 27.81 4.47
N VAL E 588 -15.99 27.41 5.67
CA VAL E 588 -14.80 26.59 5.82
C VAL E 588 -15.11 25.36 6.67
N ALA E 589 -14.31 24.33 6.45
CA ALA E 589 -14.35 23.10 7.25
C ALA E 589 -12.94 22.51 7.23
N LEU E 590 -12.25 22.62 8.36
CA LEU E 590 -10.86 22.17 8.46
C LEU E 590 -10.75 21.02 9.45
N PHE E 591 -9.78 20.15 9.22
CA PHE E 591 -9.49 19.04 10.13
C PHE E 591 -7.99 18.88 10.25
N ALA E 592 -7.58 18.08 11.24
CA ALA E 592 -6.17 17.83 11.50
C ALA E 592 -6.03 16.54 12.28
N ILE E 593 -5.07 15.71 11.88
CA ILE E 593 -4.77 14.45 12.55
C ILE E 593 -3.35 14.56 13.08
N ALA E 594 -3.21 14.90 14.36
CA ALA E 594 -1.91 15.05 14.98
C ALA E 594 -2.02 14.73 16.46
N GLN E 595 -0.87 14.48 17.08
CA GLN E 595 -0.82 14.14 18.50
C GLN E 595 -0.81 15.40 19.36
N VAL E 596 -1.23 15.24 20.61
CA VAL E 596 -1.28 16.35 21.56
C VAL E 596 -0.29 16.09 22.69
N VAL E 597 -0.37 16.89 23.75
CA VAL E 597 0.53 16.80 24.90
C VAL E 597 -0.29 16.90 26.16
N GLN E 598 -0.22 15.88 27.02
CA GLN E 598 -0.99 15.85 28.26
C GLN E 598 -0.13 15.34 29.41
N PRO E 599 0.48 16.25 30.16
CA PRO E 599 1.26 15.82 31.33
C PRO E 599 0.35 15.45 32.50
N THR E 600 0.78 14.43 33.24
CA THR E 600 0.04 13.95 34.41
C THR E 600 0.63 14.44 35.72
N GLU E 601 1.68 15.26 35.67
CA GLU E 601 2.32 15.79 36.87
C GLU E 601 3.18 16.97 36.46
N GLN E 602 3.88 17.55 37.43
CA GLN E 602 4.84 18.60 37.13
C GLN E 602 6.00 18.04 36.33
N THR E 603 6.59 18.88 35.47
CA THR E 603 7.66 18.46 34.58
C THR E 603 8.83 17.89 35.37
N ARG E 604 8.98 16.57 35.34
CA ARG E 604 10.02 15.87 36.08
C ARG E 604 11.17 15.49 35.15
N GLY E 605 12.39 15.56 35.67
CA GLY E 605 13.56 15.20 34.89
C GLY E 605 14.17 13.87 35.28
N VAL E 606 14.89 13.26 34.35
CA VAL E 606 15.55 11.97 34.58
C VAL E 606 17.06 12.19 34.52
N GLY E 607 17.78 11.63 35.48
CA GLY E 607 19.22 11.79 35.54
C GLY E 607 19.91 11.18 34.33
N LEU E 608 21.17 11.56 34.17
CA LEU E 608 21.96 11.10 33.03
C LEU E 608 22.32 9.63 33.18
N ILE E 609 22.00 8.85 32.16
CA ILE E 609 22.32 7.43 32.10
C ILE E 609 23.58 7.27 31.26
N PRO E 610 24.56 6.47 31.70
CA PRO E 610 25.82 6.35 30.94
C PRO E 610 25.58 5.89 29.51
N VAL E 611 26.18 6.62 28.57
CA VAL E 611 26.02 6.32 27.15
C VAL E 611 26.83 5.10 26.72
N ASP E 612 27.87 4.74 27.48
CA ASP E 612 28.74 3.64 27.10
C ASP E 612 28.09 2.27 27.21
N ARG E 613 26.79 2.20 27.53
CA ARG E 613 26.10 0.93 27.66
C ARG E 613 24.63 1.13 27.30
N ARG E 614 23.93 0.01 27.12
CA ARG E 614 22.51 0.06 26.82
C ARG E 614 21.72 0.21 28.12
N PRO E 615 20.78 1.16 28.19
CA PRO E 615 19.95 1.27 29.39
C PRO E 615 19.03 0.07 29.53
N THR E 616 18.93 -0.43 30.76
CA THR E 616 18.05 -1.57 31.03
C THR E 616 16.60 -1.20 30.78
N ASP E 617 15.76 -2.23 30.61
CA ASP E 617 14.35 -2.00 30.33
C ASP E 617 13.64 -1.30 31.48
N ASP E 618 14.18 -1.40 32.70
CA ASP E 618 13.64 -0.63 33.81
C ASP E 618 14.00 0.85 33.70
N GLU E 619 15.20 1.15 33.19
CA GLU E 619 15.58 2.54 32.97
C GLU E 619 14.80 3.15 31.80
N ILE E 620 14.42 2.34 30.82
CA ILE E 620 13.60 2.84 29.72
C ILE E 620 12.22 3.22 30.22
N ALA E 621 11.59 2.32 30.99
CA ALA E 621 10.26 2.60 31.52
C ALA E 621 10.27 3.81 32.44
N MET E 622 11.37 4.03 33.16
CA MET E 622 11.47 5.22 34.00
C MET E 622 11.52 6.50 33.17
N LEU E 623 12.10 6.42 31.97
CA LEU E 623 12.17 7.59 31.09
C LEU E 623 10.85 7.86 30.40
N ASP E 624 10.05 6.83 30.14
CA ASP E 624 8.75 7.04 29.49
C ASP E 624 7.75 7.67 30.46
N ALA E 625 7.78 7.25 31.73
CA ALA E 625 6.80 7.76 32.69
C ALA E 625 7.02 9.23 32.99
N SER E 626 8.25 9.72 32.79
CA SER E 626 8.55 11.13 33.02
C SER E 626 8.13 12.02 31.85
N LEU E 627 7.46 11.46 30.85
CA LEU E 627 7.01 12.19 29.68
C LEU E 627 5.48 12.28 29.64
N PRO E 628 4.94 13.34 29.03
CA PRO E 628 3.49 13.41 28.83
C PRO E 628 2.99 12.24 27.99
N ARG E 629 1.68 11.98 28.08
CA ARG E 629 1.12 10.79 27.46
C ARG E 629 1.13 10.91 25.93
N GLN E 630 0.70 12.06 25.41
CA GLN E 630 0.79 12.41 23.99
C GLN E 630 0.07 11.41 23.09
N PRO E 631 -1.26 11.39 23.08
CA PRO E 631 -2.00 10.50 22.18
C PRO E 631 -2.35 11.17 20.85
N GLN E 632 -2.64 10.32 19.87
CA GLN E 632 -3.00 10.79 18.54
C GLN E 632 -4.47 11.22 18.51
N HIS E 633 -4.71 12.45 18.07
CA HIS E 633 -6.05 13.03 18.05
C HIS E 633 -6.47 13.36 16.62
N VAL E 634 -7.78 13.38 16.40
CA VAL E 634 -8.37 13.93 15.18
C VAL E 634 -9.40 14.97 15.60
N ALA E 635 -9.37 16.12 14.94
CA ALA E 635 -10.27 17.22 15.29
C ALA E 635 -10.68 17.94 14.01
N ALA E 636 -11.76 18.72 14.11
CA ALA E 636 -12.28 19.44 12.97
C ALA E 636 -13.10 20.63 13.47
N VAL E 637 -13.13 21.69 12.65
CA VAL E 637 -13.92 22.88 12.93
C VAL E 637 -14.67 23.29 11.66
N LEU E 638 -15.87 23.83 11.84
CA LEU E 638 -16.74 24.18 10.73
C LEU E 638 -17.41 25.53 11.00
N ALA E 639 -17.59 26.30 9.93
CA ALA E 639 -18.23 27.60 10.03
C ALA E 639 -18.75 28.00 8.66
N GLY E 640 -19.77 28.86 8.67
CA GLY E 640 -20.37 29.33 7.43
C GLY E 640 -21.32 28.34 6.81
N LEU E 641 -21.28 28.21 5.49
CA LEU E 641 -22.14 27.30 4.77
C LEU E 641 -21.53 25.91 4.73
N ARG E 642 -22.29 24.92 5.21
CA ARG E 642 -21.86 23.53 5.07
C ARG E 642 -22.11 23.01 3.67
N GLU E 643 -23.29 23.30 3.12
CA GLU E 643 -23.60 23.01 1.73
C GLU E 643 -23.55 24.31 0.95
N PRO E 644 -22.71 24.43 -0.08
CA PRO E 644 -22.69 25.67 -0.86
C PRO E 644 -24.00 25.88 -1.60
N ARG E 645 -24.34 27.14 -1.82
CA ARG E 645 -25.50 27.44 -2.65
C ARG E 645 -25.20 27.08 -4.11
N GLY E 646 -26.27 27.00 -4.89
CA GLY E 646 -26.16 26.68 -6.30
C GLY E 646 -27.52 26.72 -6.96
N PRO E 647 -27.61 26.20 -8.19
CA PRO E 647 -28.92 26.12 -8.85
C PRO E 647 -29.92 25.27 -8.09
N TRP E 648 -29.46 24.37 -7.22
CA TRP E 648 -30.36 23.55 -6.43
C TRP E 648 -31.09 24.37 -5.37
N GLY E 649 -30.44 25.39 -4.83
CA GLY E 649 -31.00 26.18 -3.78
C GLY E 649 -29.98 27.05 -3.06
N PRO E 650 -30.36 27.60 -1.90
CA PRO E 650 -29.51 28.59 -1.22
C PRO E 650 -28.47 28.01 -0.26
N GLY E 651 -28.30 26.70 -0.20
CA GLY E 651 -27.31 26.10 0.67
C GLY E 651 -27.74 26.07 2.13
N ARG E 652 -27.03 25.26 2.91
CA ARG E 652 -27.38 25.03 4.30
C ARG E 652 -26.24 25.50 5.21
N PRO E 653 -26.54 26.35 6.20
CA PRO E 653 -25.50 26.75 7.15
C PRO E 653 -25.08 25.58 8.03
N VAL E 654 -23.83 25.65 8.51
CA VAL E 654 -23.32 24.63 9.41
C VAL E 654 -24.18 24.54 10.66
N GLU E 655 -24.45 23.32 11.11
CA GLU E 655 -25.17 23.08 12.35
C GLU E 655 -24.49 21.95 13.10
N ALA E 656 -24.93 21.73 14.34
CA ALA E 656 -24.30 20.74 15.21
C ALA E 656 -24.31 19.35 14.58
N ALA E 657 -25.37 19.03 13.83
CA ALA E 657 -25.46 17.71 13.21
C ALA E 657 -24.34 17.47 12.22
N ASP E 658 -23.78 18.53 11.63
CA ASP E 658 -22.64 18.37 10.73
C ASP E 658 -21.40 17.92 11.50
N ALA E 659 -21.25 18.36 12.75
CA ALA E 659 -20.14 17.88 13.57
C ALA E 659 -20.36 16.43 13.97
N PHE E 660 -21.60 16.05 14.29
CA PHE E 660 -21.89 14.66 14.58
C PHE E 660 -21.68 13.77 13.36
N GLU E 661 -21.96 14.28 12.16
CA GLU E 661 -21.71 13.51 10.96
C GLU E 661 -20.21 13.32 10.72
N ALA E 662 -19.39 14.30 11.10
CA ALA E 662 -17.95 14.12 11.05
C ALA E 662 -17.51 12.97 11.96
N VAL E 663 -18.14 12.86 13.13
CA VAL E 663 -17.85 11.74 14.03
C VAL E 663 -18.18 10.41 13.33
N ARG E 664 -19.35 10.34 12.70
CA ARG E 664 -19.75 9.13 12.00
C ARG E 664 -18.88 8.87 10.78
N ILE E 665 -18.32 9.92 10.18
CA ILE E 665 -17.37 9.73 9.09
C ILE E 665 -16.08 9.12 9.62
N ILE E 666 -15.59 9.63 10.76
CA ILE E 666 -14.39 9.08 11.37
C ILE E 666 -14.66 7.66 11.85
N ALA E 667 -15.83 7.42 12.44
CA ALA E 667 -16.15 6.10 12.96
C ALA E 667 -16.25 5.06 11.85
N ARG E 668 -16.83 5.43 10.70
CA ARG E 668 -16.89 4.52 9.57
C ARG E 668 -15.50 4.24 9.01
N ALA E 669 -14.63 5.26 9.01
CA ALA E 669 -13.26 5.06 8.56
C ALA E 669 -12.48 4.18 9.53
N SER E 670 -12.84 4.21 10.81
CA SER E 670 -12.19 3.38 11.82
C SER E 670 -12.83 2.00 11.94
N ARG E 671 -13.91 1.74 11.21
CA ARG E 671 -14.61 0.45 11.25
C ARG E 671 -15.08 0.12 12.68
N VAL E 672 -15.58 1.14 13.38
CA VAL E 672 -16.15 0.96 14.70
C VAL E 672 -17.51 1.64 14.75
N ASP E 673 -18.32 1.23 15.73
CA ASP E 673 -19.60 1.85 16.00
C ASP E 673 -19.46 2.83 17.16
N VAL E 674 -20.03 4.01 17.01
CA VAL E 674 -20.01 5.02 18.06
C VAL E 674 -21.42 5.27 18.55
N THR E 675 -21.53 5.68 19.79
CA THR E 675 -22.78 6.16 20.37
C THR E 675 -22.56 7.57 20.89
N LEU E 676 -23.50 8.46 20.60
CA LEU E 676 -23.45 9.84 21.04
C LEU E 676 -24.46 10.04 22.17
N ARG E 677 -24.04 10.70 23.24
CA ARG E 677 -24.90 11.01 24.35
C ARG E 677 -24.83 12.50 24.64
N PRO E 678 -25.93 13.13 25.01
CA PRO E 678 -25.88 14.56 25.35
C PRO E 678 -24.96 14.79 26.54
N ALA E 679 -24.23 15.90 26.49
CA ALA E 679 -23.22 16.15 27.52
C ALA E 679 -22.90 17.64 27.57
N GLN E 680 -22.39 18.06 28.71
CA GLN E 680 -21.92 19.43 28.91
C GLN E 680 -20.40 19.38 29.01
N TYR E 681 -19.72 20.14 28.14
CA TYR E 681 -18.28 20.13 28.08
C TYR E 681 -17.78 21.32 27.28
N LEU E 682 -17.27 22.34 27.97
CA LEU E 682 -16.76 23.52 27.29
C LEU E 682 -15.60 23.13 26.37
N PRO E 683 -15.39 23.86 25.27
CA PRO E 683 -16.09 25.08 24.84
C PRO E 683 -17.36 24.81 24.03
N TRP E 684 -18.00 23.66 24.19
CA TRP E 684 -19.19 23.36 23.42
C TRP E 684 -20.44 23.91 24.09
N HIS E 685 -21.46 24.16 23.26
CA HIS E 685 -22.77 24.56 23.75
C HIS E 685 -23.39 23.38 24.51
N PRO E 686 -23.80 23.57 25.78
CA PRO E 686 -24.27 22.42 26.57
C PRO E 686 -25.52 21.76 26.01
N GLY E 687 -26.35 22.49 25.28
CA GLY E 687 -27.50 21.90 24.63
C GLY E 687 -27.26 21.41 23.23
N ARG E 688 -26.05 21.58 22.70
CA ARG E 688 -25.68 21.16 21.35
C ARG E 688 -24.37 20.40 21.36
N CYS E 689 -24.14 19.61 22.41
CA CYS E 689 -22.89 18.91 22.59
C CYS E 689 -23.15 17.42 22.79
N ALA E 690 -22.33 16.60 22.15
CA ALA E 690 -22.40 15.15 22.27
C ALA E 690 -21.06 14.60 22.72
N GLN E 691 -21.08 13.75 23.74
CA GLN E 691 -19.92 12.96 24.10
C GLN E 691 -19.94 11.67 23.28
N VAL E 692 -18.81 11.34 22.67
CA VAL E 692 -18.71 10.20 21.77
C VAL E 692 -18.16 9.01 22.53
N PHE E 693 -18.78 7.85 22.33
CA PHE E 693 -18.42 6.63 23.03
C PHE E 693 -18.18 5.52 22.02
N VAL E 694 -17.07 4.81 22.18
CA VAL E 694 -16.85 3.52 21.51
C VAL E 694 -16.99 2.46 22.58
N GLY E 695 -18.04 1.65 22.47
CA GLY E 695 -18.40 0.74 23.55
C GLY E 695 -18.71 1.51 24.81
N GLU E 696 -17.88 1.32 25.84
CA GLU E 696 -18.04 2.02 27.11
C GLU E 696 -16.98 3.07 27.35
N SER E 697 -16.07 3.28 26.40
CA SER E 697 -14.96 4.22 26.56
C SER E 697 -15.30 5.54 25.88
N SER E 698 -15.16 6.63 26.62
CA SER E 698 -15.30 7.96 26.05
C SER E 698 -14.12 8.26 25.14
N VAL E 699 -14.40 8.80 23.95
CA VAL E 699 -13.37 9.06 22.96
C VAL E 699 -13.34 10.50 22.48
N GLY E 700 -14.24 11.35 22.96
CA GLY E 700 -14.19 12.75 22.61
C GLY E 700 -15.58 13.36 22.60
N HIS E 701 -15.66 14.56 22.03
CA HIS E 701 -16.90 15.34 22.00
C HIS E 701 -17.07 15.98 20.63
N ALA E 702 -18.28 16.48 20.39
CA ALA E 702 -18.59 17.14 19.12
C ALA E 702 -19.85 17.99 19.32
N GLY E 703 -20.08 18.88 18.35
CA GLY E 703 -21.28 19.69 18.33
C GLY E 703 -20.94 21.16 18.11
N GLN E 704 -21.93 22.01 18.42
CA GLN E 704 -21.77 23.45 18.28
C GLN E 704 -21.02 24.03 19.48
N LEU E 705 -20.30 25.13 19.25
CA LEU E 705 -19.53 25.77 20.28
C LEU E 705 -20.39 26.75 21.08
N HIS E 706 -19.99 26.97 22.34
CA HIS E 706 -20.73 27.87 23.21
C HIS E 706 -20.75 29.27 22.62
N PRO E 707 -21.90 29.96 22.62
CA PRO E 707 -21.94 31.30 22.01
C PRO E 707 -21.05 32.31 22.70
N ALA E 708 -20.88 32.21 24.02
CA ALA E 708 -19.97 33.11 24.72
C ALA E 708 -18.53 32.87 24.30
N VAL E 709 -18.15 31.60 24.12
CA VAL E 709 -16.82 31.27 23.65
C VAL E 709 -16.60 31.83 22.25
N ILE E 710 -17.64 31.77 21.41
CA ILE E 710 -17.53 32.27 20.04
C ILE E 710 -17.30 33.78 20.03
N GLU E 711 -18.09 34.52 20.82
CA GLU E 711 -17.96 35.96 20.85
C GLU E 711 -16.62 36.39 21.44
N ARG E 712 -16.18 35.72 22.51
CA ARG E 712 -14.92 36.09 23.16
C ARG E 712 -13.70 35.69 22.34
N SER E 713 -13.86 34.81 21.36
CA SER E 713 -12.76 34.39 20.51
C SER E 713 -12.78 35.04 19.14
N GLY E 714 -13.82 35.80 18.80
CA GLY E 714 -13.93 36.36 17.48
C GLY E 714 -14.28 35.35 16.41
N LEU E 715 -14.72 34.15 16.80
CA LEU E 715 -15.08 33.12 15.85
C LEU E 715 -16.39 33.45 15.17
N PRO E 716 -16.66 32.86 14.01
CA PRO E 716 -17.97 33.05 13.37
C PRO E 716 -19.07 32.45 14.22
N LYS E 717 -20.24 33.07 14.15
CA LYS E 717 -21.40 32.56 14.88
C LYS E 717 -21.77 31.17 14.38
N GLY E 718 -22.17 30.31 15.30
CA GLY E 718 -22.54 28.95 14.95
C GLY E 718 -21.39 28.01 14.64
N THR E 719 -20.15 28.40 14.97
CA THR E 719 -19.01 27.53 14.76
C THR E 719 -19.21 26.20 15.47
N CYS E 720 -18.95 25.11 14.76
CA CYS E 720 -19.04 23.77 15.32
C CYS E 720 -17.65 23.13 15.31
N ALA E 721 -17.48 22.11 16.15
CA ALA E 721 -16.16 21.53 16.36
C ALA E 721 -16.28 20.07 16.76
N VAL E 722 -15.23 19.31 16.44
CA VAL E 722 -15.11 17.90 16.81
C VAL E 722 -13.69 17.67 17.32
N GLU E 723 -13.56 16.75 18.28
CA GLU E 723 -12.24 16.29 18.71
C GLU E 723 -12.38 14.87 19.26
N LEU E 724 -11.65 13.93 18.69
CA LEU E 724 -11.66 12.54 19.12
C LEU E 724 -10.24 12.11 19.47
N ASN E 725 -10.15 11.15 20.39
CA ASN E 725 -8.88 10.55 20.78
C ASN E 725 -8.75 9.22 20.05
N LEU E 726 -7.92 9.20 19.00
CA LEU E 726 -7.78 8.00 18.18
C LEU E 726 -7.14 6.86 18.94
N ASP E 727 -6.33 7.16 19.96
CA ASP E 727 -5.73 6.10 20.76
C ASP E 727 -6.76 5.43 21.68
N ALA E 728 -7.83 6.14 22.04
CA ALA E 728 -8.90 5.56 22.83
C ALA E 728 -9.86 4.72 22.00
N ILE E 729 -9.80 4.83 20.67
CA ILE E 729 -10.63 4.02 19.77
C ILE E 729 -9.84 2.76 19.44
N PRO E 730 -10.28 1.58 19.89
CA PRO E 730 -9.52 0.36 19.62
C PRO E 730 -9.51 0.02 18.13
N CYS E 731 -8.43 -0.60 17.70
CA CYS E 731 -8.34 -1.07 16.32
C CYS E 731 -9.22 -2.29 16.14
N SER E 732 -9.93 -2.34 15.02
CA SER E 732 -10.85 -3.43 14.73
C SER E 732 -10.69 -3.88 13.28
N ALA E 733 -10.74 -5.19 13.07
CA ALA E 733 -10.71 -5.78 11.73
C ALA E 733 -11.75 -6.88 11.68
N PRO E 734 -13.03 -6.52 11.62
CA PRO E 734 -14.09 -7.53 11.63
C PRO E 734 -14.06 -8.38 10.36
N LEU E 735 -14.59 -9.59 10.48
CA LEU E 735 -14.66 -10.55 9.38
C LEU E 735 -16.12 -10.93 9.17
N PRO E 736 -16.91 -10.09 8.50
CA PRO E 736 -18.33 -10.40 8.30
C PRO E 736 -18.50 -11.62 7.41
N ALA E 737 -19.59 -12.36 7.68
CA ALA E 737 -19.97 -13.52 6.89
C ALA E 737 -21.44 -13.41 6.51
N PRO E 738 -21.77 -12.50 5.59
CA PRO E 738 -23.17 -12.30 5.24
C PRO E 738 -23.72 -13.48 4.42
N ARG E 739 -25.02 -13.73 4.61
CA ARG E 739 -25.74 -14.75 3.86
C ARG E 739 -26.99 -14.10 3.29
N VAL E 740 -27.02 -13.95 1.97
CA VAL E 740 -28.11 -13.23 1.31
C VAL E 740 -29.32 -14.14 1.20
N SER E 741 -30.41 -13.76 1.84
CA SER E 741 -31.64 -14.55 1.78
C SER E 741 -32.34 -14.35 0.45
N PRO E 742 -32.68 -15.41 -0.27
CA PRO E 742 -33.38 -15.26 -1.56
C PRO E 742 -34.87 -15.05 -1.42
N TYR E 743 -35.40 -14.97 -0.20
CA TYR E 743 -36.83 -14.86 0.05
C TYR E 743 -37.24 -13.39 0.14
N PRO E 744 -38.52 -13.10 -0.13
CA PRO E 744 -38.95 -11.69 -0.14
C PRO E 744 -39.01 -11.11 1.26
N ALA E 745 -38.88 -9.79 1.32
CA ALA E 745 -38.95 -9.08 2.58
C ALA E 745 -40.37 -8.57 2.83
N VAL E 746 -40.59 -8.12 4.07
CA VAL E 746 -41.85 -7.50 4.47
C VAL E 746 -41.54 -6.10 4.98
N PHE E 747 -42.24 -5.11 4.44
CA PHE E 747 -42.04 -3.72 4.83
C PHE E 747 -43.14 -3.29 5.80
N GLN E 748 -42.74 -2.68 6.90
CA GLN E 748 -43.67 -2.18 7.90
C GLN E 748 -43.11 -0.90 8.51
N ASP E 749 -44.01 -0.04 8.98
CA ASP E 749 -43.63 1.16 9.72
C ASP E 749 -44.31 1.14 11.09
N VAL E 750 -43.62 1.71 12.08
CA VAL E 750 -44.13 1.79 13.43
C VAL E 750 -43.91 3.21 13.94
N SER E 751 -44.94 3.79 14.54
CA SER E 751 -44.88 5.13 15.11
C SER E 751 -44.89 5.01 16.62
N LEU E 752 -43.86 5.56 17.27
CA LEU E 752 -43.69 5.47 18.71
C LEU E 752 -43.57 6.86 19.31
N VAL E 753 -44.22 7.07 20.45
CA VAL E 753 -44.21 8.34 21.16
C VAL E 753 -43.34 8.20 22.40
N VAL E 754 -42.39 9.11 22.56
CA VAL E 754 -41.47 9.10 23.68
C VAL E 754 -41.32 10.52 24.21
N ALA E 755 -40.79 10.61 25.43
CA ALA E 755 -40.44 11.92 25.98
C ALA E 755 -39.43 12.60 25.07
N ALA E 756 -39.43 13.94 25.08
CA ALA E 756 -38.58 14.69 24.17
C ALA E 756 -37.10 14.41 24.40
N ASP E 757 -36.71 14.13 25.64
CA ASP E 757 -35.31 13.89 25.97
C ASP E 757 -34.80 12.53 25.52
N ILE E 758 -35.67 11.63 25.07
CA ILE E 758 -35.24 10.29 24.65
C ILE E 758 -34.55 10.40 23.30
N PRO E 759 -33.27 10.00 23.20
CA PRO E 759 -32.60 10.05 21.89
C PRO E 759 -33.22 9.05 20.91
N ALA E 760 -33.27 9.45 19.64
CA ALA E 760 -33.86 8.60 18.62
C ALA E 760 -33.09 7.31 18.45
N GLN E 761 -31.78 7.33 18.64
CA GLN E 761 -30.99 6.11 18.53
C GLN E 761 -31.35 5.12 19.64
N ALA E 762 -31.70 5.61 20.83
CA ALA E 762 -32.13 4.72 21.90
C ALA E 762 -33.39 3.95 21.51
N VAL E 763 -34.36 4.64 20.90
CA VAL E 763 -35.57 3.97 20.45
C VAL E 763 -35.23 2.96 19.36
N ALA E 764 -34.34 3.33 18.43
CA ALA E 764 -33.94 2.41 17.37
C ALA E 764 -33.28 1.17 17.95
N ASP E 765 -32.43 1.33 18.96
CA ASP E 765 -31.77 0.18 19.58
C ASP E 765 -32.77 -0.73 20.27
N ALA E 766 -33.79 -0.14 20.92
CA ALA E 766 -34.78 -0.95 21.61
C ALA E 766 -35.65 -1.71 20.64
N VAL E 767 -36.02 -1.06 19.52
CA VAL E 767 -36.79 -1.75 18.48
C VAL E 767 -35.98 -2.91 17.91
N ARG E 768 -34.69 -2.68 17.68
CA ARG E 768 -33.84 -3.73 17.13
C ARG E 768 -33.69 -4.89 18.11
N ALA E 769 -33.51 -4.60 19.39
CA ALA E 769 -33.32 -5.66 20.38
C ALA E 769 -34.56 -6.53 20.53
N GLY E 770 -35.74 -5.96 20.31
CA GLY E 770 -36.97 -6.71 20.45
C GLY E 770 -37.41 -7.40 19.18
N ALA E 771 -37.09 -6.81 18.03
CA ALA E 771 -37.55 -7.36 16.75
C ALA E 771 -36.90 -8.70 16.45
N GLY E 772 -35.70 -8.95 16.95
CA GLY E 772 -35.05 -10.22 16.73
C GLY E 772 -34.31 -10.28 15.40
N ASP E 773 -34.06 -11.52 14.97
CA ASP E 773 -33.24 -11.76 13.79
C ASP E 773 -33.98 -11.53 12.48
N LEU E 774 -35.31 -11.41 12.50
CA LEU E 774 -36.04 -11.14 11.27
C LEU E 774 -35.83 -9.72 10.77
N LEU E 775 -35.39 -8.80 11.64
CA LEU E 775 -35.24 -7.40 11.26
C LEU E 775 -33.98 -7.24 10.40
N GLU E 776 -34.18 -6.89 9.12
CA GLU E 776 -33.07 -6.71 8.20
C GLU E 776 -32.58 -5.27 8.14
N ASP E 777 -33.48 -4.30 8.27
CA ASP E 777 -33.10 -2.89 8.22
C ASP E 777 -34.11 -2.07 9.01
N ILE E 778 -33.65 -0.93 9.52
CA ILE E 778 -34.52 0.00 10.23
C ILE E 778 -33.98 1.41 10.00
N ALA E 779 -34.87 2.32 9.63
CA ALA E 779 -34.50 3.70 9.36
C ALA E 779 -35.56 4.64 9.91
N LEU E 780 -35.11 5.72 10.56
CA LEU E 780 -35.99 6.76 11.03
C LEU E 780 -36.25 7.76 9.91
N PHE E 781 -37.53 8.02 9.61
CA PHE E 781 -37.85 8.98 8.56
C PHE E 781 -38.85 10.06 8.99
N ASP E 782 -39.27 10.09 10.26
CA ASP E 782 -40.23 11.09 10.68
C ASP E 782 -40.06 11.40 12.16
N VAL E 783 -39.91 12.70 12.47
CA VAL E 783 -39.94 13.20 13.84
C VAL E 783 -41.05 14.25 13.88
N PHE E 784 -42.10 13.97 14.64
CA PHE E 784 -43.30 14.80 14.65
C PHE E 784 -43.62 15.24 16.06
N THR E 785 -43.86 16.54 16.23
CA THR E 785 -44.36 17.13 17.47
C THR E 785 -45.63 17.90 17.16
N GLY E 786 -46.31 18.32 18.22
CA GLY E 786 -47.55 19.06 18.09
C GLY E 786 -48.55 18.68 19.16
N PRO E 787 -49.69 19.38 19.20
CA PRO E 787 -50.69 19.11 20.25
C PRO E 787 -51.34 17.75 20.14
N GLN E 788 -51.36 17.13 18.97
CA GLN E 788 -51.82 15.75 18.85
C GLN E 788 -51.03 14.82 19.76
N ILE E 789 -49.75 15.13 19.96
CA ILE E 789 -48.88 14.44 20.89
C ILE E 789 -48.78 15.29 22.14
N GLY E 790 -48.56 14.66 23.29
CA GLY E 790 -48.44 15.39 24.54
C GLY E 790 -47.36 16.46 24.49
N GLU E 791 -47.42 17.35 25.48
CA GLU E 791 -46.39 18.37 25.62
C GLU E 791 -45.07 17.71 26.04
N HIS E 792 -43.98 18.22 25.47
CA HIS E 792 -42.64 17.70 25.74
C HIS E 792 -42.52 16.22 25.37
N ARG E 793 -43.26 15.80 24.36
CA ARG E 793 -43.19 14.45 23.81
C ARG E 793 -43.02 14.56 22.30
N LYS E 794 -42.65 13.44 21.67
CA LYS E 794 -42.43 13.42 20.24
C LYS E 794 -42.78 12.05 19.69
N SER E 795 -43.21 12.03 18.44
CA SER E 795 -43.53 10.80 17.73
C SER E 795 -42.45 10.50 16.71
N LEU E 796 -41.94 9.27 16.72
CA LEU E 796 -40.91 8.82 15.78
C LEU E 796 -41.47 7.65 14.99
N THR E 797 -41.34 7.72 13.67
CA THR E 797 -41.76 6.65 12.78
C THR E 797 -40.53 6.04 12.12
N PHE E 798 -40.36 4.74 12.29
CA PHE E 798 -39.24 4.00 11.72
C PHE E 798 -39.74 3.10 10.59
N ALA E 799 -39.00 3.04 9.50
CA ALA E 799 -39.27 2.10 8.43
C ALA E 799 -38.54 0.79 8.73
N LEU E 800 -39.29 -0.31 8.75
CA LEU E 800 -38.75 -1.62 9.10
C LEU E 800 -38.78 -2.53 7.89
N ARG E 801 -37.74 -3.36 7.75
CA ARG E 801 -37.67 -4.38 6.71
C ARG E 801 -37.37 -5.71 7.38
N PHE E 802 -38.32 -6.65 7.30
CA PHE E 802 -38.16 -7.98 7.86
C PHE E 802 -37.86 -8.97 6.76
N ARG E 803 -37.03 -9.97 7.06
CA ARG E 803 -36.76 -11.04 6.10
C ARG E 803 -36.27 -12.27 6.83
N ALA E 804 -36.83 -13.41 6.49
CA ALA E 804 -36.39 -14.70 7.00
C ALA E 804 -35.33 -15.29 6.08
N PRO E 805 -34.40 -16.06 6.62
CA PRO E 805 -33.36 -16.68 5.78
C PRO E 805 -33.80 -17.96 5.10
N ASP E 806 -34.93 -18.56 5.50
CA ASP E 806 -35.30 -19.87 5.00
C ASP E 806 -36.75 -19.98 4.55
N ARG E 807 -37.51 -18.88 4.55
CA ARG E 807 -38.93 -18.97 4.22
C ARG E 807 -39.47 -17.60 3.85
N THR E 808 -40.64 -17.61 3.22
CA THR E 808 -41.43 -16.40 3.04
C THR E 808 -42.25 -16.15 4.30
N LEU E 809 -42.34 -14.89 4.68
CA LEU E 809 -43.06 -14.52 5.89
C LEU E 809 -44.52 -14.18 5.56
N THR E 810 -45.40 -14.49 6.51
CA THR E 810 -46.74 -13.92 6.50
C THR E 810 -46.70 -12.57 7.21
N GLU E 811 -47.72 -11.75 6.95
CA GLU E 811 -47.78 -10.46 7.63
C GLU E 811 -47.84 -10.63 9.14
N ASP E 812 -48.46 -11.70 9.62
CA ASP E 812 -48.51 -11.96 11.06
C ASP E 812 -47.12 -12.27 11.61
N ASP E 813 -46.26 -12.94 10.83
CA ASP E 813 -44.89 -13.16 11.27
C ASP E 813 -44.18 -11.84 11.52
N ALA E 814 -44.32 -10.88 10.60
CA ALA E 814 -43.66 -9.59 10.74
C ALA E 814 -44.27 -8.78 11.88
N SER E 815 -45.60 -8.78 11.98
CA SER E 815 -46.26 -8.04 13.05
C SER E 815 -45.90 -8.58 14.42
N ALA E 816 -45.69 -9.90 14.53
CA ALA E 816 -45.24 -10.46 15.79
C ALA E 816 -43.87 -9.92 16.19
N ALA E 817 -42.95 -9.86 15.22
CA ALA E 817 -41.64 -9.26 15.49
C ALA E 817 -41.75 -7.77 15.77
N ARG E 818 -42.72 -7.09 15.16
CA ARG E 818 -42.91 -5.67 15.42
C ARG E 818 -43.46 -5.43 16.83
N ASP E 819 -44.43 -6.24 17.25
CA ASP E 819 -45.00 -6.10 18.59
C ASP E 819 -43.94 -6.35 19.66
N ALA E 820 -43.08 -7.34 19.44
CA ALA E 820 -41.98 -7.58 20.37
C ALA E 820 -41.04 -6.38 20.41
N ALA E 821 -40.84 -5.71 19.26
CA ALA E 821 -40.02 -4.51 19.24
C ALA E 821 -40.71 -3.36 19.95
N VAL E 822 -42.03 -3.23 19.80
CA VAL E 822 -42.79 -2.21 20.51
C VAL E 822 -42.70 -2.44 22.02
N GLN E 823 -42.81 -3.70 22.44
CA GLN E 823 -42.71 -4.01 23.86
C GLN E 823 -41.33 -3.67 24.40
N SER E 824 -40.28 -3.98 23.63
CA SER E 824 -38.93 -3.67 24.07
C SER E 824 -38.70 -2.18 24.18
N ALA E 825 -39.30 -1.40 23.28
CA ALA E 825 -39.16 0.06 23.36
C ALA E 825 -39.94 0.63 24.53
N ALA E 826 -41.07 0.01 24.88
CA ALA E 826 -41.83 0.46 26.05
C ALA E 826 -41.03 0.24 27.33
N GLU E 827 -40.32 -0.88 27.42
CA GLU E 827 -39.56 -1.19 28.63
C GLU E 827 -38.25 -0.41 28.71
N ARG E 828 -37.68 -0.04 27.57
CA ARG E 828 -36.35 0.57 27.57
C ARG E 828 -36.37 2.09 27.51
N VAL E 829 -37.33 2.70 26.81
CA VAL E 829 -37.37 4.15 26.67
C VAL E 829 -38.78 4.66 26.95
N GLY E 830 -39.66 3.79 27.44
CA GLY E 830 -41.01 4.21 27.76
C GLY E 830 -41.86 4.56 26.56
N ALA E 831 -41.57 3.97 25.40
CA ALA E 831 -42.29 4.30 24.18
C ALA E 831 -43.74 3.82 24.25
N VAL E 832 -44.62 4.61 23.64
CA VAL E 832 -46.04 4.29 23.54
C VAL E 832 -46.40 4.22 22.06
N LEU E 833 -47.08 3.14 21.67
CA LEU E 833 -47.52 3.01 20.29
C LEU E 833 -48.48 4.15 19.95
N ARG E 834 -48.22 4.80 18.81
CA ARG E 834 -49.02 5.94 18.39
C ARG E 834 -50.45 5.50 18.11
N GLY E 835 -51.40 6.12 18.81
CA GLY E 835 -52.80 5.76 18.66
C GLY E 835 -53.64 6.88 18.05
#